data_9PNN
#
_entry.id   9PNN
#
_cell.length_a   1.00
_cell.length_b   1.00
_cell.length_c   1.00
_cell.angle_alpha   90.00
_cell.angle_beta   90.00
_cell.angle_gamma   90.00
#
_symmetry.space_group_name_H-M   'P 1'
#
loop_
_entity.id
_entity.type
_entity.pdbx_description
1 polymer 'Envelope glycoprotein BG505 DS-SOSIP gp41'
2 polymer 'Envelope glycoprotein BG505 DS-SOSIP gp120'
3 polymer 'antibody J601-A6 heavy chain'
4 polymer 'antibody J601-A6 light chain'
5 branched alpha-D-mannopyranose-(1-6)-beta-D-mannopyranose-(1-4)-2-acetamido-2-deoxy-beta-D-glucopyranose-(1-4)-2-acetamido-2-deoxy-beta-D-glucopyranose
6 branched 2-acetamido-2-deoxy-beta-D-glucopyranose-(1-4)-2-acetamido-2-deoxy-beta-D-glucopyranose
7 branched alpha-D-mannopyranose-(1-3)-[alpha-D-mannopyranose-(1-6)]beta-D-mannopyranose-(1-4)-2-acetamido-2-deoxy-beta-D-glucopyranose-(1-4)-2-acetamido-2-deoxy-beta-D-glucopyranose
8 branched beta-D-mannopyranose-(1-4)-2-acetamido-2-deoxy-beta-D-glucopyranose-(1-4)-2-acetamido-2-deoxy-beta-D-glucopyranose
9 branched alpha-D-mannopyranose-(1-2)-alpha-D-mannopyranose-(1-3)-[alpha-D-mannopyranose-(1-6)]beta-D-mannopyranose-(1-4)-2-acetamido-2-deoxy-beta-D-glucopyranose-(1-4)-2-acetamido-2-deoxy-beta-D-glucopyranose
10 branched alpha-D-mannopyranose-(1-3)-beta-D-mannopyranose-(1-4)-2-acetamido-2-deoxy-beta-D-glucopyranose-(1-4)-2-acetamido-2-deoxy-beta-D-glucopyranose
11 non-polymer 2-acetamido-2-deoxy-beta-D-glucopyranose
#
loop_
_entity_poly.entity_id
_entity_poly.type
_entity_poly.pdbx_seq_one_letter_code
_entity_poly.pdbx_strand_id
1 'polypeptide(L)'
;AVGIGAVFLGFLGAAGSTMGAASMTLTVQARNLLSGIVQQQSNLLRAIEAQQHLLKLTVWGIKQLQARVLAVERYLRDQQ
LLGIWGCSGKLICCTNVPWNSSWSNRNLSEIWDNMTWLQWDKEISNYTQIIYGLLEESQNQQEKNEQDLLALD
;
B,A,F
2 'polypeptide(L)'
;AENLWVTVYYGVPVWKDAETTLFCASDAKAYETEKHNVWATHACVPTDPNPQEIHLENVTEEFNMWKNNMVEQMHTDIIS
LWDQSLKPCVKLTPLCVTLQCTNVTNNITDDMRGELKNCSFNMTTELRDKKQKVYSLFYRLDVVQINENQGNRSNNSNKE
YRLINCNTSACTQACPKVSFEPIPIHYCAPAGFAILKCKDKKFNGTGPCPSVSTVQCTHGIKPVVSTQLLLNGSLAEEEV
MIRSENITNNAKNILVQFNTPVQINCTRPNNNTRKSIRIGPGQAFYATGDIIGDIRQAHCNVSKATWNETLGKVVKQLRK
HFGNNTIIRFANSSGGDLEVTTHSFNCGGEFFYCNTSGLFNSTWISNTSVQGSNSTGSNDSITLPCRIKQIINMWQRIGQ
CMYAPPIQGVIRCVSNITGLILTRDGGSTNSTTETFRPGGGDMRDNWRSELYKYKVVKIEPLGVAPTRCKRRV
;
G,C,I
3 'polypeptide(L)'
;QVQLEESGPGIVKPSETLSLTCAASRGPFSGGHFYWNWFRQPPGKGLEWIGGIYSDGDAADYNPSLESRVAISRDRSANR
FSLKLISVTATDTAVYYCSSTYSWNNVWFDQWGQGVLVTVSSASTKGPSVFPLAPSSKSTSGGTAALGCLVKDYFPEPVT
VSWNSGALTSGVHTFPAVLQSSGLYSLSSVVTVPSSSLGTQTYICNVNHKPSNTKVDKKVEPKSCDKGLEVLFQ
;
H,D,J
4 'polypeptide(L)'
;EDIQLTQSPSSLSASVGDRVTITCRASQDINTDLSWYYQKSGEAPKLLIYRASNLQSGAPSRFSGTGSGTEFTLTISSLQ
PEDFITYYCQQRYSFPITFGAGTKVDIKRTVAAPSVFIFPPSDEQLKSGTASVVCLLNNFYPREAKVQWKVDNALQSGNS
QESVTEQDSKDSTYSLSSTLTLSKADYEKHKVYACEVTHQGLSSPVTKSFNRGEC
;
L,E,K
#
# COMPACT_ATOMS: atom_id res chain seq x y z
N ALA A 1 -7.14 28.63 -32.73
CA ALA A 1 -5.96 29.42 -32.38
C ALA A 1 -6.25 30.91 -32.53
N VAL A 2 -7.07 31.44 -31.62
CA VAL A 2 -7.44 32.86 -31.65
C VAL A 2 -7.14 33.47 -30.29
N GLY A 3 -6.21 32.86 -29.55
CA GLY A 3 -5.88 33.30 -28.21
C GLY A 3 -6.51 32.50 -27.09
N ILE A 4 -7.22 31.42 -27.42
CA ILE A 4 -7.84 30.59 -26.39
C ILE A 4 -6.77 29.80 -25.64
N GLY A 5 -7.13 29.37 -24.43
CA GLY A 5 -6.25 28.58 -23.59
C GLY A 5 -6.96 27.40 -22.95
N ALA A 6 -6.87 27.31 -21.62
CA ALA A 6 -7.55 26.26 -20.87
C ALA A 6 -8.69 26.80 -20.02
N VAL A 7 -8.40 27.75 -19.13
CA VAL A 7 -9.39 28.40 -18.27
C VAL A 7 -10.17 27.30 -17.56
N PHE A 8 -9.45 26.45 -16.83
CA PHE A 8 -10.05 25.32 -16.13
C PHE A 8 -10.16 25.61 -14.64
N LEU A 9 -11.23 25.15 -14.03
CA LEU A 9 -11.38 25.24 -12.58
C LEU A 9 -10.38 24.31 -11.92
N GLY A 10 -9.31 24.88 -11.38
CA GLY A 10 -8.22 24.08 -10.86
C GLY A 10 -8.25 23.80 -9.38
N PHE A 11 -7.16 24.14 -8.69
CA PHE A 11 -6.96 23.80 -7.29
C PHE A 11 -7.72 24.76 -6.39
N LEU A 12 -7.38 24.79 -5.10
CA LEU A 12 -8.11 25.55 -4.08
C LEU A 12 -8.11 27.05 -4.32
N GLY A 13 -7.56 27.51 -5.45
CA GLY A 13 -7.57 28.93 -5.80
C GLY A 13 -8.90 29.63 -5.62
N ALA A 14 -9.99 28.88 -5.58
CA ALA A 14 -11.32 29.42 -5.31
C ALA A 14 -11.70 29.39 -3.84
N ALA A 15 -10.79 28.98 -2.95
CA ALA A 15 -11.12 28.92 -1.53
C ALA A 15 -11.43 30.29 -0.96
N GLY A 16 -10.78 31.33 -1.47
CA GLY A 16 -11.04 32.68 -1.00
C GLY A 16 -12.39 33.23 -1.38
N SER A 17 -13.09 32.57 -2.30
CA SER A 17 -14.43 33.00 -2.70
C SER A 17 -15.44 32.62 -1.61
N THR A 18 -16.69 32.98 -1.84
CA THR A 18 -17.72 32.75 -0.85
C THR A 18 -18.11 31.27 -0.80
N MET A 19 -18.94 30.94 0.19
CA MET A 19 -19.40 29.57 0.41
C MET A 19 -20.02 28.99 -0.86
N GLY A 20 -21.12 29.60 -1.32
CA GLY A 20 -21.82 29.09 -2.49
C GLY A 20 -20.97 29.17 -3.75
N ALA A 21 -20.20 30.25 -3.90
CA ALA A 21 -19.32 30.37 -5.06
C ALA A 21 -18.25 29.28 -5.05
N ALA A 22 -17.70 28.95 -3.89
CA ALA A 22 -16.68 27.91 -3.79
C ALA A 22 -17.27 26.51 -3.90
N SER A 23 -18.58 26.35 -3.71
CA SER A 23 -19.18 25.03 -3.88
C SER A 23 -19.08 24.53 -5.32
N MET A 24 -18.78 25.41 -6.28
CA MET A 24 -18.61 24.97 -7.66
C MET A 24 -17.45 23.99 -7.79
N THR A 25 -16.34 24.27 -7.11
CA THR A 25 -15.08 23.57 -7.33
C THR A 25 -14.84 22.45 -6.33
N LEU A 26 -15.88 21.82 -5.80
CA LEU A 26 -15.68 20.72 -4.86
C LEU A 26 -15.16 19.46 -5.57
N THR A 27 -15.71 19.16 -6.74
CA THR A 27 -15.39 17.90 -7.40
C THR A 27 -13.97 17.88 -7.93
N VAL A 28 -13.44 19.02 -8.38
CA VAL A 28 -12.07 19.04 -8.88
C VAL A 28 -11.09 18.70 -7.77
N GLN A 29 -11.31 19.27 -6.57
CA GLN A 29 -10.47 18.91 -5.44
C GLN A 29 -10.69 17.47 -5.01
N ALA A 30 -11.94 16.99 -5.08
CA ALA A 30 -12.20 15.59 -4.75
C ALA A 30 -11.42 14.65 -5.67
N ARG A 31 -11.38 14.96 -6.96
CA ARG A 31 -10.57 14.19 -7.90
C ARG A 31 -9.09 14.33 -7.60
N ASN A 32 -8.65 15.55 -7.28
CA ASN A 32 -7.25 15.79 -6.96
C ASN A 32 -6.80 15.00 -5.75
N LEU A 33 -7.72 14.68 -4.84
CA LEU A 33 -7.38 13.91 -3.65
C LEU A 33 -6.66 12.60 -3.98
N LEU A 34 -6.78 12.11 -5.21
CA LEU A 34 -6.08 10.92 -5.67
C LEU A 34 -5.15 11.24 -6.83
N SER A 35 -4.37 12.32 -6.71
CA SER A 35 -3.41 12.66 -7.74
C SER A 35 -2.32 11.59 -7.85
N GLY A 36 -1.93 11.27 -9.07
CA GLY A 36 -0.91 10.27 -9.30
C GLY A 36 -0.66 9.99 -10.78
N THR A 58 15.77 0.85 -1.54
CA THR A 58 14.52 0.49 -0.89
C THR A 58 14.31 1.28 0.39
N VAL A 59 14.74 2.54 0.37
CA VAL A 59 14.57 3.44 1.50
C VAL A 59 13.73 4.67 1.16
N TRP A 60 13.63 5.04 -0.10
CA TRP A 60 12.86 6.18 -0.57
C TRP A 60 11.57 5.78 -1.28
N GLY A 61 11.63 4.73 -2.11
CA GLY A 61 10.42 4.20 -2.71
C GLY A 61 9.43 3.72 -1.68
N ILE A 62 9.94 3.10 -0.60
CA ILE A 62 9.06 2.65 0.47
C ILE A 62 8.38 3.84 1.13
N LYS A 63 9.10 4.94 1.34
CA LYS A 63 8.52 6.11 1.97
C LYS A 63 7.46 6.76 1.07
N GLN A 64 7.72 6.86 -0.24
CA GLN A 64 6.73 7.45 -1.12
C GLN A 64 5.51 6.54 -1.28
N LEU A 65 5.73 5.22 -1.28
CA LEU A 65 4.62 4.29 -1.28
C LEU A 65 3.79 4.41 0.00
N GLN A 66 4.46 4.61 1.13
CA GLN A 66 3.74 4.80 2.39
C GLN A 66 2.90 6.07 2.35
N ALA A 67 3.45 7.15 1.77
CA ALA A 67 2.67 8.37 1.62
C ALA A 67 1.44 8.13 0.73
N ARG A 68 1.62 7.43 -0.38
CA ARG A 68 0.49 7.13 -1.26
C ARG A 68 -0.56 6.29 -0.54
N VAL A 69 -0.13 5.28 0.22
CA VAL A 69 -1.06 4.42 0.93
C VAL A 69 -1.79 5.21 2.02
N LEU A 70 -1.09 6.13 2.68
CA LEU A 70 -1.73 6.97 3.68
C LEU A 70 -2.81 7.86 3.07
N ALA A 71 -2.51 8.45 1.90
CA ALA A 71 -3.53 9.23 1.19
C ALA A 71 -4.72 8.35 0.81
N VAL A 72 -4.44 7.13 0.37
CA VAL A 72 -5.51 6.20 0.00
C VAL A 72 -6.39 5.90 1.19
N GLU A 73 -5.78 5.61 2.35
CA GLU A 73 -6.59 5.32 3.53
C GLU A 73 -7.40 6.53 3.97
N ARG A 74 -6.81 7.73 3.88
CA ARG A 74 -7.55 8.93 4.26
C ARG A 74 -8.79 9.11 3.37
N TYR A 75 -8.60 9.00 2.06
CA TYR A 75 -9.75 9.16 1.16
C TYR A 75 -10.79 8.07 1.38
N LEU A 76 -10.34 6.83 1.58
CA LEU A 76 -11.28 5.73 1.75
C LEU A 76 -12.04 5.86 3.08
N ARG A 77 -11.38 6.35 4.13
CA ARG A 77 -12.06 6.62 5.38
C ARG A 77 -13.09 7.72 5.22
N ASP A 78 -12.75 8.77 4.46
CA ASP A 78 -13.73 9.83 4.19
C ASP A 78 -14.93 9.29 3.43
N GLN A 79 -14.68 8.43 2.43
CA GLN A 79 -15.78 7.82 1.69
C GLN A 79 -16.63 6.93 2.58
N GLN A 80 -16.00 6.18 3.48
CA GLN A 80 -16.75 5.35 4.42
C GLN A 80 -17.61 6.21 5.34
N LEU A 81 -17.06 7.33 5.81
CA LEU A 81 -17.85 8.23 6.65
C LEU A 81 -19.03 8.80 5.89
N LEU A 82 -18.82 9.16 4.61
CA LEU A 82 -19.93 9.65 3.79
C LEU A 82 -20.99 8.58 3.61
N GLY A 83 -20.58 7.34 3.34
CA GLY A 83 -21.53 6.26 3.16
C GLY A 83 -22.29 5.92 4.43
N ILE A 84 -21.65 6.02 5.58
CA ILE A 84 -22.30 5.71 6.85
C ILE A 84 -23.45 6.66 7.12
N TRP A 85 -23.33 7.91 6.69
CA TRP A 85 -24.38 8.90 6.85
C TRP A 85 -25.41 8.87 5.73
N GLY A 86 -25.37 7.85 4.87
CA GLY A 86 -26.29 7.76 3.76
C GLY A 86 -26.11 8.85 2.73
N CYS A 87 -24.86 9.14 2.36
CA CYS A 87 -24.56 10.19 1.38
C CYS A 87 -23.49 9.73 0.39
N SER A 88 -23.37 8.43 0.18
CA SER A 88 -22.34 7.90 -0.70
C SER A 88 -22.61 8.27 -2.15
N GLY A 89 -21.54 8.62 -2.87
CA GLY A 89 -21.65 8.94 -4.28
C GLY A 89 -22.22 10.31 -4.58
N LYS A 90 -22.42 11.15 -3.56
CA LYS A 90 -23.00 12.47 -3.74
C LYS A 90 -22.11 13.51 -3.07
N LEU A 91 -21.70 14.52 -3.84
CA LEU A 91 -20.94 15.63 -3.25
C LEU A 91 -21.79 16.40 -2.25
N ILE A 92 -23.07 16.62 -2.58
CA ILE A 92 -24.00 17.33 -1.71
C ILE A 92 -25.13 16.37 -1.37
N CYS A 93 -25.40 16.23 -0.07
CA CYS A 93 -26.42 15.31 0.40
C CYS A 93 -27.11 15.92 1.62
N CYS A 94 -28.40 16.20 1.49
CA CYS A 94 -29.17 16.69 2.62
C CYS A 94 -29.41 15.57 3.63
N THR A 95 -29.64 15.97 4.88
CA THR A 95 -29.81 15.02 5.97
C THR A 95 -30.97 15.45 6.85
N ASN A 96 -31.44 14.52 7.68
CA ASN A 96 -32.58 14.73 8.55
C ASN A 96 -32.20 15.29 9.92
N VAL A 97 -30.92 15.49 10.19
CA VAL A 97 -30.50 16.03 11.48
C VAL A 97 -30.83 17.52 11.54
N PRO A 98 -31.56 17.99 12.54
CA PRO A 98 -31.83 19.43 12.65
C PRO A 98 -30.55 20.20 12.98
N TRP A 99 -30.52 21.45 12.52
CA TRP A 99 -29.38 22.34 12.77
C TRP A 99 -29.65 23.13 14.04
N ASN A 100 -29.12 22.64 15.16
CA ASN A 100 -29.25 23.34 16.43
C ASN A 100 -28.54 24.69 16.35
N SER A 101 -29.19 25.73 16.89
CA SER A 101 -28.63 27.07 16.87
C SER A 101 -27.52 27.26 17.89
N SER A 102 -27.30 26.29 18.78
CA SER A 102 -26.29 26.44 19.82
C SER A 102 -24.89 26.55 19.21
N TRP A 103 -24.62 25.81 18.14
CA TRP A 103 -23.28 25.79 17.56
C TRP A 103 -22.91 27.17 17.02
N SER A 104 -23.66 27.67 16.04
CA SER A 104 -23.46 29.02 15.53
C SER A 104 -24.78 29.48 14.91
N ASN A 105 -25.46 30.42 15.56
CA ASN A 105 -26.76 30.87 15.10
C ASN A 105 -26.66 31.52 13.72
N ARG A 106 -26.01 32.68 13.65
CA ARG A 106 -25.81 33.45 12.41
C ARG A 106 -27.14 33.53 11.65
N ASN A 107 -27.07 33.63 10.32
CA ASN A 107 -28.24 33.46 9.47
C ASN A 107 -27.75 33.08 8.08
N LEU A 108 -28.69 32.59 7.26
CA LEU A 108 -28.34 32.01 5.98
C LEU A 108 -27.70 33.04 5.05
N SER A 109 -28.19 34.28 5.07
CA SER A 109 -27.74 35.28 4.10
C SER A 109 -26.25 35.60 4.27
N GLU A 110 -25.80 35.78 5.51
CA GLU A 110 -24.41 36.15 5.74
C GLU A 110 -23.45 34.98 5.63
N ILE A 111 -23.96 33.75 5.60
CA ILE A 111 -23.10 32.58 5.55
C ILE A 111 -22.65 32.31 4.12
N TRP A 112 -23.60 32.12 3.21
CA TRP A 112 -23.29 31.68 1.85
C TRP A 112 -22.87 32.82 0.93
N ASP A 113 -22.85 34.07 1.41
CA ASP A 113 -22.49 35.21 0.58
C ASP A 113 -21.39 36.08 1.17
N ASN A 114 -21.00 35.88 2.41
CA ASN A 114 -20.01 36.76 3.02
C ASN A 114 -18.83 36.01 3.64
N MET A 115 -19.07 34.82 4.19
CA MET A 115 -18.04 34.07 4.89
C MET A 115 -17.44 33.02 3.97
N THR A 116 -16.14 32.79 4.13
CA THR A 116 -15.43 31.78 3.34
C THR A 116 -15.46 30.43 4.05
N TRP A 117 -15.02 29.40 3.33
CA TRP A 117 -15.04 28.05 3.87
C TRP A 117 -14.08 27.91 5.05
N LEU A 118 -12.90 28.53 4.96
CA LEU A 118 -11.91 28.42 6.02
C LEU A 118 -12.43 29.03 7.33
N GLN A 119 -13.08 30.19 7.24
CA GLN A 119 -13.64 30.82 8.44
C GLN A 119 -14.72 29.96 9.06
N TRP A 120 -15.58 29.36 8.22
CA TRP A 120 -16.62 28.47 8.73
C TRP A 120 -16.02 27.25 9.43
N ASP A 121 -14.99 26.65 8.82
CA ASP A 121 -14.32 25.51 9.45
C ASP A 121 -13.70 25.91 10.78
N LYS A 122 -13.07 27.09 10.83
CA LYS A 122 -12.51 27.58 12.09
C LYS A 122 -13.59 27.75 13.15
N GLU A 123 -14.75 28.30 12.76
CA GLU A 123 -15.82 28.54 13.72
C GLU A 123 -16.42 27.24 14.23
N ILE A 124 -16.64 26.26 13.35
CA ILE A 124 -17.39 25.06 13.70
C ILE A 124 -16.46 23.88 13.98
N SER A 125 -15.16 24.13 14.16
CA SER A 125 -14.22 23.04 14.41
C SER A 125 -14.46 22.36 15.74
N ASN A 126 -15.19 23.00 16.66
CA ASN A 126 -15.34 22.46 18.02
C ASN A 126 -16.32 21.30 18.07
N TYR A 127 -17.42 21.38 17.33
CA TYR A 127 -18.53 20.45 17.48
C TYR A 127 -18.66 19.46 16.33
N THR A 128 -17.57 19.20 15.61
CA THR A 128 -17.65 18.33 14.44
C THR A 128 -18.03 16.89 14.82
N GLN A 129 -17.45 16.37 15.91
CA GLN A 129 -17.67 14.99 16.28
C GLN A 129 -19.13 14.73 16.64
N ILE A 130 -19.76 15.67 17.35
CA ILE A 130 -21.17 15.48 17.71
C ILE A 130 -22.05 15.53 16.47
N ILE A 131 -21.69 16.35 15.49
CA ILE A 131 -22.42 16.36 14.22
C ILE A 131 -22.28 15.00 13.53
N TYR A 132 -21.08 14.45 13.51
CA TYR A 132 -20.86 13.16 12.87
C TYR A 132 -21.69 12.07 13.56
N GLY A 133 -21.69 12.08 14.90
CA GLY A 133 -22.48 11.10 15.62
C GLY A 133 -23.97 11.25 15.40
N LEU A 134 -24.47 12.49 15.36
CA LEU A 134 -25.88 12.72 15.12
C LEU A 134 -26.28 12.25 13.73
N LEU A 135 -25.45 12.54 12.71
CA LEU A 135 -25.74 12.06 11.36
C LEU A 135 -25.74 10.54 11.31
N GLU A 136 -24.77 9.91 11.98
CA GLU A 136 -24.74 8.45 12.07
C GLU A 136 -26.03 7.89 12.65
N GLU A 137 -26.44 8.41 13.82
CA GLU A 137 -27.61 7.87 14.49
C GLU A 137 -28.87 8.09 13.66
N SER A 138 -29.01 9.28 13.07
CA SER A 138 -30.18 9.57 12.25
C SER A 138 -30.23 8.66 11.02
N GLN A 139 -29.09 8.44 10.37
CA GLN A 139 -29.08 7.56 9.20
C GLN A 139 -29.44 6.13 9.58
N ASN A 140 -28.91 5.64 10.71
CA ASN A 140 -29.24 4.28 11.13
C ASN A 140 -30.73 4.15 11.44
N GLN A 141 -31.29 5.13 12.15
CA GLN A 141 -32.72 5.09 12.45
C GLN A 141 -33.56 5.17 11.18
N GLN A 142 -33.16 6.02 10.23
CA GLN A 142 -33.89 6.13 8.98
C GLN A 142 -33.82 4.84 8.18
N GLU A 143 -32.65 4.19 8.16
CA GLU A 143 -32.53 2.91 7.46
C GLU A 143 -33.43 1.85 8.07
N LYS A 144 -33.46 1.75 9.39
CA LYS A 144 -34.33 0.77 10.03
C LYS A 144 -35.80 1.07 9.79
N ASN A 145 -36.18 2.35 9.88
CA ASN A 145 -37.58 2.72 9.63
C ASN A 145 -37.98 2.41 8.20
N GLU A 146 -37.10 2.68 7.24
CA GLU A 146 -37.39 2.39 5.84
C GLU A 146 -37.50 0.89 5.62
N GLN A 147 -36.62 0.10 6.25
CA GLN A 147 -36.71 -1.35 6.12
C GLN A 147 -38.02 -1.88 6.66
N ASP A 148 -38.43 -1.40 7.84
CA ASP A 148 -39.70 -1.83 8.42
C ASP A 148 -40.88 -1.42 7.56
N LEU A 149 -40.86 -0.18 7.05
CA LEU A 149 -41.95 0.30 6.21
C LEU A 149 -42.06 -0.52 4.93
N LEU A 150 -40.92 -0.83 4.30
CA LEU A 150 -40.94 -1.59 3.06
C LEU A 150 -41.38 -3.03 3.31
N ALA A 151 -40.91 -3.64 4.40
CA ALA A 151 -41.37 -4.97 4.75
C ALA A 151 -42.86 -4.98 5.05
N LEU A 152 -43.41 -3.87 5.55
CA LEU A 152 -44.84 -3.78 5.77
C LEU A 152 -45.62 -3.91 4.47
N ASP A 153 -45.13 -3.29 3.39
CA ASP A 153 -45.79 -3.37 2.09
C ASP A 153 -45.55 -4.72 1.44
N ALA B 1 -39.49 28.08 6.44
CA ALA B 1 -38.45 28.95 5.89
C ALA B 1 -37.31 29.13 6.89
N GLU B 2 -37.65 29.52 8.11
CA GLU B 2 -36.65 29.69 9.15
C GLU B 2 -35.97 28.37 9.49
N ASN B 3 -36.76 27.29 9.56
CA ASN B 3 -36.19 25.97 9.86
C ASN B 3 -35.18 25.55 8.80
N LEU B 4 -34.03 25.06 9.26
CA LEU B 4 -32.97 24.63 8.36
C LEU B 4 -32.24 23.45 9.00
N TRP B 5 -31.61 22.65 8.15
CA TRP B 5 -30.99 21.40 8.56
C TRP B 5 -29.50 21.43 8.20
N VAL B 6 -28.82 20.32 8.40
CA VAL B 6 -27.38 20.22 8.16
C VAL B 6 -27.12 19.43 6.89
N THR B 7 -26.21 19.93 6.07
CA THR B 7 -25.85 19.33 4.80
C THR B 7 -24.34 19.10 4.75
N VAL B 8 -23.95 17.99 4.13
CA VAL B 8 -22.55 17.58 4.06
C VAL B 8 -21.99 17.94 2.70
N TYR B 9 -20.80 18.55 2.70
CA TYR B 9 -20.09 18.97 1.50
C TYR B 9 -18.76 18.25 1.44
N TYR B 10 -18.47 17.62 0.30
CA TYR B 10 -17.24 16.87 0.10
C TYR B 10 -16.34 17.60 -0.89
N GLY B 11 -15.05 17.27 -0.84
CA GLY B 11 -14.07 17.95 -1.69
C GLY B 11 -13.97 19.43 -1.41
N VAL B 12 -14.10 19.82 -0.16
CA VAL B 12 -14.26 21.23 0.22
C VAL B 12 -12.92 21.93 0.14
N PRO B 13 -12.87 23.23 -0.22
CA PRO B 13 -11.59 23.97 -0.25
C PRO B 13 -11.20 24.54 1.11
N VAL B 14 -10.81 23.65 2.02
CA VAL B 14 -10.28 24.03 3.32
C VAL B 14 -9.04 23.19 3.59
N TRP B 15 -8.20 23.67 4.50
CA TRP B 15 -6.96 22.99 4.82
C TRP B 15 -6.57 23.31 6.26
N LYS B 16 -5.53 22.63 6.72
CA LYS B 16 -4.95 22.92 8.04
C LYS B 16 -3.46 22.62 8.00
N ASP B 17 -2.74 23.18 8.96
CA ASP B 17 -1.32 22.93 9.07
C ASP B 17 -1.06 21.48 9.47
N ALA B 18 -0.11 20.85 8.78
CA ALA B 18 0.21 19.46 9.03
C ALA B 18 1.60 19.16 8.49
N GLU B 19 2.15 18.02 8.90
CA GLU B 19 3.45 17.56 8.44
C GLU B 19 3.30 16.18 7.81
N THR B 20 3.90 16.01 6.64
CA THR B 20 3.83 14.74 5.91
C THR B 20 5.15 14.51 5.21
N THR B 21 5.18 13.52 4.31
CA THR B 21 6.38 13.14 3.59
C THR B 21 6.20 13.50 2.12
N LEU B 22 6.95 14.48 1.64
CA LEU B 22 6.95 14.83 0.24
C LEU B 22 7.89 13.91 -0.54
N PHE B 23 7.83 14.01 -1.86
CA PHE B 23 8.67 13.19 -2.72
C PHE B 23 9.45 14.07 -3.69
N CYS B 24 10.64 13.59 -4.06
CA CYS B 24 11.54 14.33 -4.92
C CYS B 24 11.09 14.25 -6.38
N ALA B 25 11.50 15.24 -7.15
CA ALA B 25 11.21 15.29 -8.58
C ALA B 25 12.31 16.09 -9.26
N SER B 26 12.79 15.58 -10.40
CA SER B 26 13.91 16.17 -11.10
C SER B 26 13.54 16.40 -12.55
N ASP B 27 14.26 17.34 -13.17
CA ASP B 27 14.02 17.69 -14.57
C ASP B 27 14.41 16.52 -15.48
N ALA B 28 13.73 16.45 -16.63
CA ALA B 28 13.99 15.38 -17.59
C ALA B 28 15.40 15.48 -18.17
N LYS B 29 15.98 16.67 -18.19
CA LYS B 29 17.33 16.84 -18.74
C LYS B 29 18.35 15.99 -17.99
N ALA B 30 18.15 15.79 -16.68
CA ALA B 30 19.06 14.95 -15.91
C ALA B 30 19.00 13.49 -16.36
N TYR B 31 17.88 13.07 -16.93
CA TYR B 31 17.77 11.70 -17.43
C TYR B 31 18.73 11.45 -18.59
N GLU B 32 19.06 12.49 -19.35
CA GLU B 32 20.00 12.37 -20.46
C GLU B 32 21.39 12.14 -19.89
N THR B 33 21.82 10.88 -19.84
CA THR B 33 23.07 10.47 -19.20
C THR B 33 23.14 11.02 -17.78
N GLU B 34 24.35 11.19 -17.26
CA GLU B 34 24.58 11.78 -15.93
C GLU B 34 23.83 10.99 -14.85
N LYS B 35 23.78 9.66 -15.02
CA LYS B 35 23.06 8.80 -14.10
C LYS B 35 23.84 8.54 -12.82
N HIS B 36 25.09 8.98 -12.74
CA HIS B 36 25.94 8.77 -11.57
C HIS B 36 26.14 10.11 -10.87
N ASN B 37 25.47 10.28 -9.74
CA ASN B 37 25.55 11.52 -8.98
C ASN B 37 25.16 11.25 -7.53
N VAL B 38 25.62 12.13 -6.64
CA VAL B 38 25.29 12.00 -5.23
C VAL B 38 23.79 12.17 -5.01
N TRP B 39 23.20 13.20 -5.62
CA TRP B 39 21.77 13.46 -5.51
C TRP B 39 21.08 12.66 -6.60
N ALA B 40 20.61 11.47 -6.24
CA ALA B 40 20.05 10.51 -7.20
C ALA B 40 18.92 11.12 -8.00
N THR B 41 19.14 11.31 -9.30
CA THR B 41 18.13 11.88 -10.19
C THR B 41 17.35 10.81 -10.95
N HIS B 42 17.92 9.61 -11.11
CA HIS B 42 17.19 8.52 -11.73
C HIS B 42 16.04 8.05 -10.84
N ALA B 43 16.16 8.22 -9.53
CA ALA B 43 15.14 7.81 -8.58
C ALA B 43 14.04 8.85 -8.40
N CYS B 44 14.20 10.05 -8.95
CA CYS B 44 13.22 11.11 -8.81
C CYS B 44 12.27 11.12 -9.99
N VAL B 45 10.98 11.31 -9.70
CA VAL B 45 9.96 11.33 -10.75
C VAL B 45 10.20 12.54 -11.67
N PRO B 46 10.06 12.40 -12.99
CA PRO B 46 10.24 13.56 -13.87
C PRO B 46 9.26 14.67 -13.54
N THR B 47 9.74 15.91 -13.67
CA THR B 47 8.95 17.07 -13.28
C THR B 47 7.94 17.43 -14.38
N ASP B 48 7.03 18.32 -14.03
CA ASP B 48 6.06 18.84 -14.99
C ASP B 48 6.73 19.88 -15.87
N PRO B 49 6.74 19.71 -17.20
CA PRO B 49 7.36 20.73 -18.06
C PRO B 49 6.73 22.11 -17.92
N ASN B 50 5.43 22.17 -17.62
CA ASN B 50 4.73 23.44 -17.39
C ASN B 50 4.04 23.33 -16.04
N PRO B 51 4.76 23.56 -14.95
CA PRO B 51 4.13 23.48 -13.62
C PRO B 51 3.00 24.49 -13.48
N GLN B 52 1.95 24.08 -12.77
CA GLN B 52 0.78 24.91 -12.56
C GLN B 52 0.91 25.61 -11.21
N GLU B 53 0.64 26.92 -11.20
CA GLU B 53 0.65 27.72 -9.98
C GLU B 53 -0.68 28.46 -9.93
N ILE B 54 -1.49 28.16 -8.92
CA ILE B 54 -2.83 28.71 -8.83
C ILE B 54 -2.85 29.75 -7.72
N HIS B 55 -3.10 31.00 -8.08
CA HIS B 55 -3.16 32.08 -7.10
C HIS B 55 -4.46 31.99 -6.31
N LEU B 56 -4.35 32.16 -4.98
CA LEU B 56 -5.50 32.09 -4.09
C LEU B 56 -5.93 33.52 -3.77
N GLU B 57 -6.89 34.02 -4.53
CA GLU B 57 -7.40 35.37 -4.29
C GLU B 57 -8.11 35.43 -2.94
N ASN B 58 -7.97 36.59 -2.28
CA ASN B 58 -8.65 36.85 -1.00
C ASN B 58 -8.24 35.86 0.09
N VAL B 59 -7.01 35.37 0.03
CA VAL B 59 -6.52 34.37 0.98
C VAL B 59 -5.28 34.92 1.67
N THR B 60 -5.30 34.91 3.00
CA THR B 60 -4.15 35.29 3.81
C THR B 60 -3.75 34.09 4.67
N GLU B 61 -2.47 33.70 4.60
CA GLU B 61 -2.00 32.50 5.28
C GLU B 61 -0.84 32.85 6.20
N GLU B 62 -0.77 32.16 7.34
CA GLU B 62 0.28 32.37 8.32
C GLU B 62 1.44 31.43 8.03
N PHE B 63 2.62 32.00 7.79
CA PHE B 63 3.82 31.22 7.49
C PHE B 63 4.82 31.35 8.61
N ASN B 64 5.65 30.31 8.77
CA ASN B 64 6.70 30.30 9.79
C ASN B 64 7.87 29.49 9.24
N MET B 65 8.92 30.18 8.81
CA MET B 65 10.08 29.52 8.23
C MET B 65 10.77 28.62 9.25
N TRP B 66 10.88 29.09 10.50
CA TRP B 66 11.70 28.40 11.48
C TRP B 66 11.05 27.09 11.94
N LYS B 67 9.75 27.11 12.18
CA LYS B 67 9.02 25.90 12.59
C LYS B 67 8.42 25.20 11.37
N ASN B 68 9.28 24.90 10.40
CA ASN B 68 8.88 24.24 9.17
C ASN B 68 9.47 22.84 9.14
N ASN B 69 8.60 21.84 8.90
CA ASN B 69 9.05 20.45 8.85
C ASN B 69 9.81 20.13 7.57
N MET B 70 9.60 20.90 6.51
CA MET B 70 10.25 20.62 5.24
C MET B 70 11.77 20.74 5.35
N VAL B 71 12.25 21.74 6.10
CA VAL B 71 13.69 21.96 6.21
C VAL B 71 14.36 20.76 6.88
N GLU B 72 13.82 20.33 8.02
CA GLU B 72 14.38 19.16 8.69
C GLU B 72 14.23 17.90 7.84
N GLN B 73 13.07 17.73 7.22
CA GLN B 73 12.81 16.53 6.41
C GLN B 73 13.79 16.43 5.25
N MET B 74 14.01 17.54 4.54
CA MET B 74 14.89 17.49 3.38
C MET B 74 16.35 17.40 3.79
N HIS B 75 16.70 17.96 4.96
CA HIS B 75 18.04 17.76 5.50
C HIS B 75 18.29 16.28 5.79
N THR B 76 17.33 15.61 6.44
CA THR B 76 17.47 14.18 6.70
C THR B 76 17.53 13.39 5.40
N ASP B 77 16.70 13.77 4.42
CA ASP B 77 16.70 13.09 3.13
C ASP B 77 18.05 13.24 2.45
N ILE B 78 18.65 14.44 2.50
CA ILE B 78 19.96 14.66 1.90
C ILE B 78 21.02 13.82 2.60
N ILE B 79 20.98 13.77 3.93
CA ILE B 79 21.97 12.97 4.66
C ILE B 79 21.84 11.50 4.28
N SER B 80 20.61 10.98 4.25
CA SER B 80 20.40 9.58 3.92
C SER B 80 20.83 9.27 2.49
N LEU B 81 20.52 10.17 1.55
CA LEU B 81 20.90 9.95 0.16
C LEU B 81 22.41 10.00 -0.01
N TRP B 82 23.08 10.90 0.72
CA TRP B 82 24.54 10.95 0.71
C TRP B 82 25.13 9.65 1.22
N ASP B 83 24.60 9.14 2.34
CA ASP B 83 25.10 7.87 2.88
C ASP B 83 24.87 6.73 1.91
N GLN B 84 23.69 6.69 1.28
CA GLN B 84 23.39 5.64 0.31
C GLN B 84 24.32 5.71 -0.89
N SER B 85 24.62 6.93 -1.37
CA SER B 85 25.54 7.08 -2.49
C SER B 85 26.94 6.63 -2.11
N LEU B 86 27.38 6.93 -0.88
CA LEU B 86 28.72 6.54 -0.46
C LEU B 86 28.81 5.07 -0.08
N LYS B 87 27.68 4.38 0.11
CA LYS B 87 27.72 2.99 0.55
C LYS B 87 28.44 2.07 -0.44
N PRO B 88 28.13 2.07 -1.74
CA PRO B 88 28.79 1.10 -2.64
C PRO B 88 30.25 1.43 -2.95
N CYS B 89 30.74 2.60 -2.58
CA CYS B 89 32.09 3.00 -2.94
C CYS B 89 33.13 2.26 -2.09
N VAL B 90 34.39 2.46 -2.45
CA VAL B 90 35.49 1.73 -1.83
C VAL B 90 35.67 2.18 -0.39
N LYS B 91 35.87 1.20 0.50
CA LYS B 91 36.12 1.47 1.92
C LYS B 91 37.63 1.61 2.11
N LEU B 92 38.06 2.78 2.55
CA LEU B 92 39.48 3.12 2.63
C LEU B 92 40.06 2.84 4.02
N THR B 93 39.87 1.61 4.50
CA THR B 93 40.46 1.22 5.78
C THR B 93 41.96 0.89 5.72
N PRO B 94 42.50 0.30 4.64
CA PRO B 94 43.93 -0.03 4.66
C PRO B 94 44.85 1.18 4.71
N LEU B 95 44.36 2.37 4.36
CA LEU B 95 45.20 3.57 4.42
C LEU B 95 45.69 3.87 5.83
N CYS B 96 45.03 3.33 6.86
CA CYS B 96 45.44 3.61 8.22
C CYS B 96 46.72 2.87 8.56
N VAL B 97 47.84 3.32 7.98
CA VAL B 97 49.15 2.74 8.20
C VAL B 97 50.12 3.89 8.47
N THR B 98 51.22 3.57 9.15
CA THR B 98 52.23 4.60 9.44
C THR B 98 52.82 5.14 8.15
N LEU B 99 52.94 6.46 8.08
CA LEU B 99 53.45 7.16 6.91
C LEU B 99 54.74 7.88 7.26
N GLN B 100 55.73 7.80 6.37
CA GLN B 100 56.96 8.57 6.48
C GLN B 100 56.80 9.81 5.62
N CYS B 101 56.69 10.98 6.26
CA CYS B 101 56.33 12.21 5.57
C CYS B 101 57.48 13.22 5.66
N THR B 102 57.70 13.93 4.56
CA THR B 102 58.67 15.01 4.48
C THR B 102 58.00 16.23 3.86
N ASN B 103 58.69 17.36 3.92
CA ASN B 103 58.16 18.59 3.31
C ASN B 103 58.31 18.53 1.79
N VAL B 104 57.63 19.45 1.12
CA VAL B 104 57.61 19.52 -0.33
C VAL B 104 58.31 20.81 -0.74
N THR B 105 59.59 20.71 -1.12
CA THR B 105 60.33 21.85 -1.66
C THR B 105 60.40 21.67 -3.17
N ASN B 106 59.34 22.08 -3.84
CA ASN B 106 59.16 21.92 -5.27
C ASN B 106 58.66 23.22 -5.90
N ASN B 107 59.36 24.32 -5.61
CA ASN B 107 58.97 25.66 -6.03
C ASN B 107 57.66 26.08 -5.36
N ILE B 108 57.62 25.98 -4.04
CA ILE B 108 56.46 26.37 -3.25
C ILE B 108 56.60 27.83 -2.86
N THR B 109 55.47 28.55 -2.85
CA THR B 109 55.48 29.93 -2.43
C THR B 109 55.69 30.04 -0.92
N ASP B 110 55.90 31.27 -0.45
CA ASP B 110 56.17 31.48 0.97
C ASP B 110 54.98 31.14 1.84
N ASP B 111 53.76 31.32 1.33
CA ASP B 111 52.56 31.04 2.13
C ASP B 111 52.16 29.57 2.13
N MET B 112 52.78 28.75 1.29
CA MET B 112 52.47 27.32 1.22
C MET B 112 53.58 26.46 1.83
N ARG B 113 54.25 26.97 2.85
CA ARG B 113 55.33 26.25 3.51
C ARG B 113 54.74 25.26 4.50
N GLY B 114 54.90 23.96 4.23
CA GLY B 114 54.41 22.93 5.10
C GLY B 114 52.97 22.51 4.87
N GLU B 115 52.25 23.19 3.98
CA GLU B 115 50.87 22.80 3.70
C GLU B 115 50.79 21.43 3.05
N LEU B 116 51.72 21.13 2.14
CA LEU B 116 51.77 19.85 1.45
C LEU B 116 52.90 19.01 2.02
N LYS B 117 52.65 17.71 2.18
CA LYS B 117 53.62 16.78 2.71
C LYS B 117 53.71 15.56 1.80
N ASN B 118 54.93 15.18 1.46
CA ASN B 118 55.20 14.01 0.63
C ASN B 118 55.35 12.81 1.55
N CYS B 119 54.38 11.88 1.49
CA CYS B 119 54.31 10.76 2.41
C CYS B 119 54.45 9.44 1.66
N SER B 120 55.38 8.61 2.11
CA SER B 120 55.59 7.28 1.56
C SER B 120 55.23 6.23 2.60
N PHE B 121 54.66 5.12 2.14
CA PHE B 121 54.18 4.08 3.04
C PHE B 121 54.03 2.77 2.28
N ASN B 122 53.98 1.68 3.05
CA ASN B 122 53.69 0.36 2.49
C ASN B 122 52.18 0.16 2.43
N MET B 123 51.75 -0.63 1.45
CA MET B 123 50.34 -0.91 1.26
C MET B 123 50.16 -2.28 0.61
N THR B 124 49.07 -2.94 0.97
CA THR B 124 48.74 -4.23 0.38
C THR B 124 48.38 -4.04 -1.09
N THR B 125 48.86 -4.95 -1.93
CA THR B 125 48.52 -4.99 -3.34
C THR B 125 47.38 -5.98 -3.56
N GLU B 126 47.12 -6.31 -4.82
CA GLU B 126 46.06 -7.25 -5.16
C GLU B 126 46.28 -8.61 -4.48
N LEU B 127 47.54 -8.95 -4.18
CA LEU B 127 47.86 -10.16 -3.44
C LEU B 127 48.23 -9.78 -2.01
N ARG B 128 47.56 -10.42 -1.04
CA ARG B 128 47.75 -10.05 0.35
C ARG B 128 49.19 -10.30 0.82
N ASP B 129 49.78 -11.42 0.40
CA ASP B 129 51.13 -11.75 0.83
C ASP B 129 52.16 -10.75 0.33
N LYS B 130 51.89 -10.05 -0.76
CA LYS B 130 52.81 -9.07 -1.31
C LYS B 130 52.40 -7.66 -0.89
N LYS B 131 53.40 -6.78 -0.79
CA LYS B 131 53.19 -5.40 -0.40
C LYS B 131 54.00 -4.49 -1.30
N GLN B 132 53.54 -3.25 -1.45
CA GLN B 132 54.16 -2.27 -2.33
C GLN B 132 54.43 -0.99 -1.56
N LYS B 133 55.60 -0.39 -1.81
CA LYS B 133 55.95 0.90 -1.22
C LYS B 133 55.57 2.00 -2.19
N VAL B 134 54.62 2.84 -1.78
CA VAL B 134 54.09 3.89 -2.66
C VAL B 134 54.14 5.23 -1.95
N TYR B 135 54.22 6.29 -2.74
CA TYR B 135 54.30 7.66 -2.24
C TYR B 135 53.13 8.47 -2.78
N SER B 136 52.72 9.47 -2.00
CA SER B 136 51.64 10.36 -2.37
C SER B 136 51.86 11.71 -1.70
N LEU B 137 50.95 12.64 -1.95
CA LEU B 137 50.97 13.96 -1.34
C LEU B 137 49.71 14.18 -0.54
N PHE B 138 49.86 14.74 0.66
CA PHE B 138 48.74 14.97 1.55
C PHE B 138 48.82 16.38 2.12
N TYR B 139 47.67 17.02 2.28
CA TYR B 139 47.63 18.35 2.85
C TYR B 139 47.89 18.29 4.35
N ARG B 140 48.44 19.39 4.88
CA ARG B 140 48.83 19.42 6.29
C ARG B 140 47.63 19.21 7.21
N LEU B 141 46.44 19.60 6.78
CA LEU B 141 45.23 19.42 7.58
C LEU B 141 44.67 18.01 7.49
N ASP B 142 45.43 17.06 6.93
CA ASP B 142 44.98 15.68 6.80
C ASP B 142 45.88 14.68 7.47
N VAL B 143 47.03 15.10 8.01
CA VAL B 143 47.98 14.20 8.65
C VAL B 143 48.38 14.79 10.00
N VAL B 144 48.53 13.93 11.00
CA VAL B 144 48.94 14.33 12.34
C VAL B 144 50.18 13.54 12.73
N GLN B 145 51.16 14.22 13.33
CA GLN B 145 52.40 13.58 13.72
C GLN B 145 52.18 12.67 14.93
N ILE B 146 52.95 11.59 15.00
CA ILE B 146 52.94 10.68 16.13
C ILE B 146 54.37 10.55 16.65
N ASN B 147 54.54 10.72 17.96
CA ASN B 147 55.86 10.64 18.57
C ASN B 147 55.90 9.54 19.63
N SER B 157 65.30 13.37 14.64
CA SER B 157 64.96 11.96 14.43
C SER B 157 63.99 11.80 13.27
N ASN B 158 63.38 10.63 13.18
CA ASN B 158 62.43 10.35 12.11
C ASN B 158 61.13 11.13 12.33
N LYS B 159 60.36 11.26 11.25
CA LYS B 159 59.07 11.96 11.29
C LYS B 159 58.01 11.00 10.78
N GLU B 160 57.10 10.61 11.67
CA GLU B 160 56.02 9.68 11.34
C GLU B 160 54.68 10.36 11.52
N TYR B 161 53.81 10.22 10.53
CA TYR B 161 52.49 10.83 10.53
C TYR B 161 51.45 9.78 10.22
N ARG B 162 50.22 10.05 10.66
CA ARG B 162 49.08 9.19 10.41
C ARG B 162 47.89 10.02 9.98
N LEU B 163 46.96 9.38 9.27
CA LEU B 163 45.74 10.06 8.85
C LEU B 163 44.95 10.52 10.07
N ILE B 164 44.36 11.71 9.97
CA ILE B 164 43.70 12.32 11.10
C ILE B 164 42.50 11.50 11.56
N ASN B 165 41.91 10.72 10.67
CA ASN B 165 40.70 9.96 10.97
C ASN B 165 40.98 8.58 11.56
N CYS B 166 42.26 8.16 11.60
CA CYS B 166 42.56 6.78 11.97
C CYS B 166 42.11 6.43 13.38
N ASN B 167 42.10 7.40 14.28
CA ASN B 167 41.63 7.16 15.64
C ASN B 167 40.15 7.45 15.81
N THR B 168 39.44 7.80 14.74
CA THR B 168 38.01 8.06 14.78
C THR B 168 37.20 7.04 13.98
N SER B 169 37.52 6.86 12.70
CA SER B 169 36.82 5.92 11.85
C SER B 169 37.59 5.77 10.55
N ALA B 170 37.15 4.83 9.71
CA ALA B 170 37.76 4.59 8.41
C ALA B 170 36.92 5.28 7.34
N CYS B 171 37.57 6.10 6.53
CA CYS B 171 36.85 6.83 5.49
C CYS B 171 36.49 5.93 4.32
N THR B 172 35.51 6.38 3.56
CA THR B 172 35.02 5.69 2.36
C THR B 172 35.31 6.60 1.18
N GLN B 173 36.30 6.22 0.37
CA GLN B 173 36.66 7.02 -0.79
C GLN B 173 35.47 7.15 -1.74
N ALA B 174 35.19 8.36 -2.18
CA ALA B 174 34.07 8.59 -3.08
C ALA B 174 34.38 8.03 -4.46
N CYS B 175 33.36 7.48 -5.11
CA CYS B 175 33.53 6.93 -6.44
C CYS B 175 33.81 8.05 -7.43
N PRO B 176 34.89 7.97 -8.21
CA PRO B 176 35.24 9.09 -9.11
C PRO B 176 34.17 9.41 -10.14
N LYS B 177 33.44 8.40 -10.63
CA LYS B 177 32.39 8.63 -11.61
C LYS B 177 31.24 9.44 -11.04
N VAL B 178 31.02 9.39 -9.72
CA VAL B 178 29.94 10.13 -9.10
C VAL B 178 30.27 11.62 -9.08
N SER B 179 29.30 12.44 -9.47
CA SER B 179 29.49 13.88 -9.59
C SER B 179 28.97 14.58 -8.34
N PHE B 180 29.80 15.46 -7.77
CA PHE B 180 29.42 16.27 -6.62
C PHE B 180 28.67 17.53 -7.01
N GLU B 181 28.47 17.79 -8.29
CA GLU B 181 27.81 19.00 -8.73
C GLU B 181 26.35 19.00 -8.27
N PRO B 182 25.89 20.04 -7.58
CA PRO B 182 24.48 20.11 -7.22
C PRO B 182 23.61 20.27 -8.45
N ILE B 183 22.39 19.73 -8.37
CA ILE B 183 21.43 19.82 -9.46
C ILE B 183 20.13 20.38 -8.92
N PRO B 184 19.33 21.07 -9.74
CA PRO B 184 18.02 21.52 -9.27
C PRO B 184 17.15 20.35 -8.84
N ILE B 185 16.43 20.54 -7.74
CA ILE B 185 15.54 19.51 -7.21
C ILE B 185 14.22 20.17 -6.84
N HIS B 186 13.14 19.41 -6.99
CA HIS B 186 11.80 19.87 -6.67
C HIS B 186 11.19 18.92 -5.65
N TYR B 187 10.42 19.47 -4.71
CA TYR B 187 9.72 18.67 -3.72
C TYR B 187 8.22 18.81 -3.95
N CYS B 188 7.55 17.68 -4.14
CA CYS B 188 6.12 17.66 -4.43
C CYS B 188 5.39 16.92 -3.32
N ALA B 189 4.28 17.51 -2.88
CA ALA B 189 3.45 16.87 -1.88
C ALA B 189 2.65 15.72 -2.50
N PRO B 190 2.36 14.68 -1.73
CA PRO B 190 1.56 13.58 -2.24
C PRO B 190 0.09 13.98 -2.36
N ALA B 191 -0.73 13.01 -2.76
CA ALA B 191 -2.16 13.26 -2.89
C ALA B 191 -2.77 13.56 -1.52
N GLY B 192 -3.74 14.48 -1.52
CA GLY B 192 -4.38 14.89 -0.29
C GLY B 192 -3.67 16.00 0.46
N PHE B 193 -2.52 16.45 -0.03
CA PHE B 193 -1.77 17.54 0.59
C PHE B 193 -1.46 18.59 -0.45
N ALA B 194 -1.22 19.82 0.01
CA ALA B 194 -0.97 20.94 -0.87
C ALA B 194 0.26 21.71 -0.38
N ILE B 195 0.92 22.39 -1.31
CA ILE B 195 2.07 23.22 -1.04
C ILE B 195 1.70 24.66 -1.34
N LEU B 196 1.86 25.54 -0.36
CA LEU B 196 1.51 26.94 -0.46
C LEU B 196 2.77 27.78 -0.55
N LYS B 197 2.80 28.68 -1.54
CA LYS B 197 3.91 29.59 -1.76
C LYS B 197 3.44 31.02 -1.51
N CYS B 198 4.18 31.75 -0.69
CA CYS B 198 3.88 33.14 -0.40
C CYS B 198 4.56 34.03 -1.44
N LYS B 199 3.75 34.69 -2.27
CA LYS B 199 4.27 35.50 -3.36
C LYS B 199 4.62 36.91 -2.94
N ASP B 200 4.43 37.26 -1.67
CA ASP B 200 4.76 38.60 -1.20
C ASP B 200 6.25 38.86 -1.32
N LYS B 201 6.61 39.99 -1.95
CA LYS B 201 8.00 40.34 -2.16
C LYS B 201 8.64 41.00 -0.95
N LYS B 202 7.84 41.44 0.03
CA LYS B 202 8.36 42.03 1.25
C LYS B 202 8.20 41.10 2.46
N PHE B 203 7.88 39.84 2.23
CA PHE B 203 7.71 38.89 3.32
C PHE B 203 9.02 38.72 4.07
N ASN B 204 8.96 38.78 5.40
CA ASN B 204 10.14 38.74 6.24
C ASN B 204 10.36 37.36 6.87
N GLY B 205 9.76 36.32 6.29
CA GLY B 205 9.99 34.95 6.71
C GLY B 205 8.94 34.38 7.65
N THR B 206 8.18 35.23 8.33
CA THR B 206 7.16 34.74 9.25
C THR B 206 6.01 35.74 9.31
N GLY B 207 4.85 35.24 9.72
CA GLY B 207 3.68 36.08 9.85
C GLY B 207 2.67 35.88 8.75
N PRO B 208 1.73 36.81 8.62
CA PRO B 208 0.71 36.70 7.58
C PRO B 208 1.25 37.02 6.20
N CYS B 209 0.62 36.41 5.19
CA CYS B 209 0.94 36.65 3.79
C CYS B 209 -0.36 36.75 3.00
N PRO B 210 -0.64 37.89 2.36
CA PRO B 210 -1.89 38.04 1.62
C PRO B 210 -1.83 37.53 0.18
N SER B 211 -0.63 37.50 -0.41
CA SER B 211 -0.45 37.01 -1.77
C SER B 211 0.05 35.58 -1.70
N VAL B 212 -0.86 34.62 -1.91
CA VAL B 212 -0.57 33.21 -1.74
C VAL B 212 -0.93 32.46 -3.02
N SER B 213 -0.25 31.34 -3.25
CA SER B 213 -0.56 30.49 -4.37
C SER B 213 -0.33 29.04 -3.94
N THR B 214 -0.88 28.12 -4.71
CA THR B 214 -0.68 26.69 -4.50
C THR B 214 0.05 26.10 -5.69
N VAL B 215 1.00 25.21 -5.39
CA VAL B 215 1.84 24.56 -6.39
C VAL B 215 1.98 23.08 -6.01
N GLN B 216 1.90 22.20 -7.00
CA GLN B 216 2.11 20.78 -6.73
C GLN B 216 3.57 20.54 -6.32
N CYS B 217 4.50 21.20 -7.01
CA CYS B 217 5.93 20.97 -6.84
C CYS B 217 6.61 22.31 -6.65
N THR B 218 7.60 22.36 -5.77
CA THR B 218 8.33 23.60 -5.56
C THR B 218 9.29 23.87 -6.72
N HIS B 219 9.80 25.10 -6.76
CA HIS B 219 10.76 25.47 -7.78
C HIS B 219 12.07 24.72 -7.55
N GLY B 220 12.90 24.69 -8.59
CA GLY B 220 14.17 23.99 -8.53
C GLY B 220 15.08 24.49 -7.42
N ILE B 221 15.49 23.58 -6.55
CA ILE B 221 16.35 23.91 -5.41
C ILE B 221 17.67 23.16 -5.58
N LYS B 222 18.77 23.89 -5.46
CA LYS B 222 20.10 23.28 -5.58
C LYS B 222 20.66 23.06 -4.19
N PRO B 223 20.84 21.83 -3.75
CA PRO B 223 21.35 21.59 -2.39
C PRO B 223 22.83 21.93 -2.26
N VAL B 224 23.14 23.22 -2.27
CA VAL B 224 24.52 23.67 -2.16
C VAL B 224 24.93 23.65 -0.69
N VAL B 225 26.07 23.02 -0.41
CA VAL B 225 26.60 22.95 0.95
C VAL B 225 27.62 24.06 1.11
N SER B 226 27.35 24.99 2.03
CA SER B 226 28.24 26.11 2.27
C SER B 226 28.06 26.61 3.70
N THR B 227 29.09 27.31 4.18
CA THR B 227 29.08 27.90 5.51
C THR B 227 29.50 29.36 5.39
N GLN B 228 28.87 30.22 6.19
CA GLN B 228 29.08 31.67 6.22
C GLN B 228 28.64 32.35 4.93
N LEU B 229 28.18 31.60 3.94
CA LEU B 229 27.76 32.15 2.65
C LEU B 229 26.67 31.27 2.08
N LEU B 230 25.86 31.85 1.21
CA LEU B 230 24.80 31.13 0.51
C LEU B 230 25.08 31.22 -0.98
N LEU B 231 25.65 30.15 -1.54
CA LEU B 231 26.10 30.14 -2.92
C LEU B 231 25.02 29.62 -3.85
N ASN B 232 24.87 30.29 -5.00
CA ASN B 232 23.94 29.87 -6.06
C ASN B 232 22.50 29.81 -5.56
N GLY B 233 22.16 30.65 -4.59
CA GLY B 233 20.82 30.67 -4.02
C GLY B 233 19.89 31.61 -4.77
N SER B 234 18.70 31.78 -4.20
CA SER B 234 17.70 32.67 -4.78
C SER B 234 18.04 34.12 -4.44
N LEU B 235 17.36 35.03 -5.14
CA LEU B 235 17.58 36.47 -4.97
C LEU B 235 16.26 37.15 -4.69
N ALA B 236 16.22 38.00 -3.66
CA ALA B 236 15.01 38.74 -3.35
C ALA B 236 14.72 39.77 -4.42
N GLU B 237 13.44 39.89 -4.78
CA GLU B 237 13.06 40.78 -5.87
C GLU B 237 13.11 42.25 -5.44
N GLU B 238 12.66 42.54 -4.21
CA GLU B 238 12.54 43.93 -3.78
C GLU B 238 13.90 44.54 -3.48
N GLU B 239 14.59 44.00 -2.48
CA GLU B 239 15.88 44.52 -2.01
C GLU B 239 16.49 43.48 -1.09
N VAL B 240 17.59 43.86 -0.43
CA VAL B 240 18.20 42.97 0.55
C VAL B 240 17.23 42.76 1.71
N MET B 241 17.10 41.52 2.14
CA MET B 241 16.14 41.16 3.18
C MET B 241 16.86 40.45 4.32
N ILE B 242 16.32 40.60 5.53
CA ILE B 242 16.87 40.01 6.74
C ILE B 242 15.78 39.20 7.43
N ARG B 243 16.13 37.99 7.86
CA ARG B 243 15.20 37.10 8.53
C ARG B 243 15.85 36.55 9.79
N SER B 244 15.08 36.45 10.86
CA SER B 244 15.58 35.95 12.12
C SER B 244 14.42 35.41 12.95
N GLU B 245 14.66 34.33 13.66
CA GLU B 245 13.65 33.81 14.58
C GLU B 245 13.37 34.81 15.69
N ASN B 246 14.41 35.45 16.20
CA ASN B 246 14.27 36.48 17.23
C ASN B 246 15.40 37.46 17.02
N ILE B 247 15.11 38.58 16.34
CA ILE B 247 16.14 39.55 15.99
C ILE B 247 16.80 40.12 17.24
N THR B 248 16.01 40.35 18.29
CA THR B 248 16.56 40.86 19.54
C THR B 248 17.52 39.84 20.17
N ASN B 249 17.17 38.56 20.12
CA ASN B 249 18.00 37.52 20.72
C ASN B 249 19.25 37.30 19.86
N ASN B 250 20.42 37.44 20.47
CA ASN B 250 21.67 37.24 19.74
C ASN B 250 22.00 35.77 19.51
N ALA B 251 21.39 34.86 20.28
CA ALA B 251 21.66 33.43 20.14
C ALA B 251 21.08 32.84 18.86
N LYS B 252 20.23 33.57 18.15
CA LYS B 252 19.61 33.09 16.93
C LYS B 252 20.33 33.65 15.71
N ASN B 253 20.56 32.79 14.72
CA ASN B 253 21.25 33.19 13.52
C ASN B 253 20.38 34.15 12.69
N ILE B 254 21.05 34.94 11.85
CA ILE B 254 20.40 35.92 10.99
C ILE B 254 20.69 35.53 9.54
N LEU B 255 19.64 35.38 8.74
CA LEU B 255 19.76 35.04 7.33
C LEU B 255 19.56 36.30 6.51
N VAL B 256 20.56 36.64 5.69
CA VAL B 256 20.51 37.81 4.84
C VAL B 256 20.44 37.35 3.39
N GLN B 257 19.45 37.85 2.66
CA GLN B 257 19.25 37.53 1.26
C GLN B 257 19.55 38.77 0.42
N PHE B 258 20.40 38.61 -0.58
CA PHE B 258 20.84 39.72 -1.42
C PHE B 258 19.85 39.96 -2.55
N ASN B 259 19.69 41.24 -2.91
CA ASN B 259 18.87 41.58 -4.07
C ASN B 259 19.59 41.25 -5.37
N THR B 260 20.91 41.38 -5.39
CA THR B 260 21.71 41.07 -6.57
C THR B 260 22.85 40.15 -6.20
N PRO B 261 23.22 39.21 -7.06
CA PRO B 261 24.30 38.28 -6.73
C PRO B 261 25.67 38.97 -6.81
N VAL B 262 26.62 38.38 -6.12
CA VAL B 262 28.02 38.81 -6.16
C VAL B 262 28.83 37.69 -6.80
N GLN B 263 29.51 38.00 -7.90
CA GLN B 263 30.28 36.99 -8.60
C GLN B 263 31.56 36.69 -7.83
N ILE B 264 31.80 35.40 -7.55
CA ILE B 264 32.98 34.96 -6.84
C ILE B 264 33.70 33.92 -7.68
N ASN B 265 35.00 34.10 -7.88
CA ASN B 265 35.82 33.18 -8.67
C ASN B 265 36.76 32.45 -7.73
N CYS B 266 36.54 31.14 -7.57
CA CYS B 266 37.35 30.31 -6.69
C CYS B 266 38.22 29.39 -7.53
N THR B 267 39.52 29.42 -7.29
CA THR B 267 40.47 28.69 -8.12
C THR B 267 41.54 27.99 -7.28
N ARG B 268 41.85 26.76 -7.68
CA ARG B 268 43.04 26.04 -7.24
C ARG B 268 43.97 25.94 -8.44
N PRO B 269 45.06 26.69 -8.49
CA PRO B 269 45.90 26.72 -9.70
C PRO B 269 46.90 25.59 -9.81
N ASN B 270 47.04 24.75 -8.78
CA ASN B 270 48.00 23.66 -8.85
C ASN B 270 47.56 22.63 -9.88
N ASN B 271 48.50 22.18 -10.71
CA ASN B 271 48.24 21.17 -11.73
C ASN B 271 48.41 19.79 -11.07
N ASN B 272 47.34 19.34 -10.42
CA ASN B 272 47.36 18.08 -9.70
C ASN B 272 47.39 16.90 -10.67
N THR B 273 47.93 15.78 -10.19
CA THR B 273 47.98 14.54 -10.95
C THR B 273 47.37 13.43 -10.12
N ARG B 274 46.55 12.59 -10.75
CA ARG B 274 45.88 11.48 -10.10
C ARG B 274 46.65 10.20 -10.40
N LYS B 275 46.94 9.42 -9.35
CA LYS B 275 47.65 8.16 -9.48
C LYS B 275 46.79 7.05 -8.89
N SER B 276 46.67 5.95 -9.63
CA SER B 276 45.84 4.84 -9.23
C SER B 276 46.71 3.76 -8.57
N ILE B 277 46.28 3.29 -7.40
CA ILE B 277 46.98 2.26 -6.66
C ILE B 277 46.01 1.11 -6.42
N ARG B 278 46.46 -0.12 -6.67
CA ARG B 278 45.62 -1.30 -6.51
C ARG B 278 45.76 -1.80 -5.08
N ILE B 279 44.78 -1.44 -4.24
CA ILE B 279 44.79 -1.91 -2.85
C ILE B 279 44.56 -3.41 -2.79
N GLY B 280 43.55 -3.88 -3.52
CA GLY B 280 43.22 -5.28 -3.54
C GLY B 280 42.43 -5.68 -4.77
N PRO B 281 41.57 -6.69 -4.64
CA PRO B 281 40.74 -7.10 -5.77
C PRO B 281 39.69 -6.05 -6.12
N GLY B 282 39.89 -5.35 -7.24
CA GLY B 282 38.97 -4.32 -7.65
C GLY B 282 38.91 -3.11 -6.76
N GLN B 283 39.92 -2.91 -5.92
CA GLN B 283 39.99 -1.77 -5.01
C GLN B 283 41.04 -0.80 -5.55
N ALA B 284 40.58 0.38 -5.97
CA ALA B 284 41.46 1.40 -6.53
C ALA B 284 41.48 2.62 -5.61
N PHE B 285 42.68 3.10 -5.29
CA PHE B 285 42.87 4.27 -4.47
C PHE B 285 43.51 5.36 -5.31
N TYR B 286 42.92 6.55 -5.29
CA TYR B 286 43.38 7.67 -6.09
C TYR B 286 44.18 8.61 -5.20
N ALA B 287 45.46 8.80 -5.53
CA ALA B 287 46.36 9.61 -4.73
C ALA B 287 46.86 10.79 -5.55
N THR B 288 47.31 11.82 -4.83
CA THR B 288 47.84 13.03 -5.45
C THR B 288 49.32 12.82 -5.75
N GLY B 289 49.65 12.76 -7.04
CA GLY B 289 51.02 12.59 -7.47
C GLY B 289 51.76 13.91 -7.53
N ASP B 290 52.92 13.87 -8.20
CA ASP B 290 53.75 15.05 -8.34
C ASP B 290 53.00 16.16 -9.08
N ILE B 291 53.10 17.38 -8.55
CA ILE B 291 52.44 18.53 -9.17
C ILE B 291 53.35 19.08 -10.27
N ILE B 292 52.78 19.25 -11.46
CA ILE B 292 53.53 19.82 -12.57
C ILE B 292 53.58 21.33 -12.40
N GLY B 293 54.79 21.89 -12.45
CA GLY B 293 54.95 23.33 -12.44
C GLY B 293 54.95 23.92 -11.05
N ASP B 294 54.66 25.22 -11.01
CA ASP B 294 54.68 25.97 -9.77
C ASP B 294 53.51 25.56 -8.87
N ILE B 295 53.68 25.82 -7.58
CA ILE B 295 52.65 25.53 -6.58
C ILE B 295 52.21 26.85 -5.97
N ARG B 296 50.91 27.12 -6.01
CA ARG B 296 50.35 28.35 -5.49
C ARG B 296 49.12 28.04 -4.66
N GLN B 297 48.84 28.91 -3.69
CA GLN B 297 47.71 28.72 -2.80
C GLN B 297 46.40 28.93 -3.54
N ALA B 298 45.43 28.06 -3.27
CA ALA B 298 44.10 28.23 -3.81
C ALA B 298 43.44 29.46 -3.18
N HIS B 299 42.74 30.23 -4.00
CA HIS B 299 42.21 31.51 -3.55
C HIS B 299 40.89 31.81 -4.21
N CYS B 300 40.12 32.69 -3.59
CA CYS B 300 38.86 33.16 -4.17
C CYS B 300 38.86 34.68 -4.28
N ASN B 301 38.34 35.18 -5.39
CA ASN B 301 38.30 36.59 -5.71
C ASN B 301 36.86 37.07 -5.77
N VAL B 302 36.64 38.28 -5.26
CA VAL B 302 35.34 38.97 -5.35
C VAL B 302 35.60 40.41 -5.76
N SER B 303 34.53 41.07 -6.24
CA SER B 303 34.62 42.46 -6.64
C SER B 303 34.53 43.35 -5.40
N LYS B 304 35.52 44.22 -5.20
CA LYS B 304 35.55 45.07 -4.02
C LYS B 304 34.37 46.05 -4.02
N ALA B 305 34.12 46.70 -5.16
CA ALA B 305 33.04 47.69 -5.22
C ALA B 305 31.68 47.04 -5.02
N THR B 306 31.44 45.89 -5.68
CA THR B 306 30.17 45.21 -5.53
C THR B 306 29.95 44.75 -4.09
N TRP B 307 30.99 44.18 -3.47
CA TRP B 307 30.89 43.77 -2.08
C TRP B 307 30.63 44.95 -1.16
N ASN B 308 31.29 46.08 -1.43
CA ASN B 308 31.09 47.27 -0.61
C ASN B 308 29.66 47.78 -0.72
N GLU B 309 29.11 47.82 -1.94
CA GLU B 309 27.74 48.30 -2.11
C GLU B 309 26.74 47.33 -1.47
N THR B 310 26.99 46.02 -1.59
CA THR B 310 26.12 45.04 -0.95
C THR B 310 26.16 45.17 0.57
N LEU B 311 27.36 45.38 1.12
CA LEU B 311 27.49 45.58 2.56
C LEU B 311 26.80 46.87 3.01
N GLY B 312 26.87 47.91 2.19
CA GLY B 312 26.16 49.13 2.52
C GLY B 312 24.65 48.94 2.55
N LYS B 313 24.12 48.22 1.55
CA LYS B 313 22.69 47.93 1.55
C LYS B 313 22.29 47.08 2.76
N VAL B 314 23.12 46.08 3.10
CA VAL B 314 22.86 45.26 4.28
C VAL B 314 22.89 46.11 5.54
N VAL B 315 23.82 47.06 5.61
CA VAL B 315 23.92 47.93 6.78
C VAL B 315 22.68 48.79 6.91
N LYS B 316 22.19 49.33 5.78
CA LYS B 316 20.97 50.13 5.83
C LYS B 316 19.78 49.30 6.29
N GLN B 317 19.63 48.09 5.74
CA GLN B 317 18.50 47.25 6.13
C GLN B 317 18.62 46.78 7.57
N LEU B 318 19.84 46.64 8.09
CA LEU B 318 20.03 46.28 9.49
C LEU B 318 19.74 47.46 10.41
N ARG B 319 20.12 48.67 10.00
CA ARG B 319 19.79 49.87 10.75
C ARG B 319 18.28 50.09 10.79
N LYS B 320 17.57 49.62 9.76
CA LYS B 320 16.12 49.65 9.79
C LYS B 320 15.54 48.86 10.95
N HIS B 321 16.30 47.90 11.51
CA HIS B 321 15.86 47.10 12.64
C HIS B 321 16.54 47.47 13.96
N PHE B 322 17.76 47.99 13.91
CA PHE B 322 18.55 48.27 15.11
C PHE B 322 18.68 49.77 15.39
N GLY B 323 17.84 50.58 14.76
CA GLY B 323 17.94 52.03 14.95
C GLY B 323 18.83 52.69 13.91
N ASN B 324 18.46 53.92 13.57
CA ASN B 324 19.21 54.64 12.52
C ASN B 324 20.59 55.05 13.01
N ASN B 325 20.68 55.55 14.24
CA ASN B 325 21.95 56.04 14.78
C ASN B 325 22.63 54.93 15.59
N THR B 326 23.12 53.94 14.86
CA THR B 326 23.84 52.82 15.47
C THR B 326 25.05 52.47 14.60
N ILE B 327 26.19 52.26 15.25
CA ILE B 327 27.41 51.90 14.56
C ILE B 327 27.38 50.42 14.24
N ILE B 328 27.59 50.07 12.97
CA ILE B 328 27.50 48.69 12.52
C ILE B 328 28.91 48.21 12.19
N ARG B 329 29.38 47.18 12.90
CA ARG B 329 30.73 46.68 12.72
C ARG B 329 30.69 45.23 12.25
N PHE B 330 31.69 44.86 11.46
CA PHE B 330 31.83 43.50 10.96
C PHE B 330 33.14 42.93 11.47
N ALA B 331 33.08 41.71 12.01
CA ALA B 331 34.27 41.02 12.50
C ALA B 331 34.26 39.59 11.99
N ASN B 332 35.45 39.01 11.87
CA ASN B 332 35.55 37.62 11.43
C ASN B 332 35.07 36.67 12.51
N SER B 333 35.06 35.38 12.19
CA SER B 333 34.57 34.37 13.13
C SER B 333 35.41 34.36 14.40
N SER B 334 34.74 34.21 15.53
CA SER B 334 35.43 34.26 16.83
C SER B 334 36.42 33.11 16.97
N GLY B 335 36.01 31.91 16.61
CA GLY B 335 36.88 30.75 16.72
C GLY B 335 36.08 29.47 16.82
N GLY B 336 36.81 28.36 16.79
CA GLY B 336 36.24 27.04 16.81
C GLY B 336 36.91 26.17 15.77
N ASP B 337 36.19 25.11 15.36
CA ASP B 337 36.73 24.21 14.36
C ASP B 337 36.77 24.87 12.99
N LEU B 338 37.62 24.31 12.12
CA LEU B 338 37.84 24.91 10.81
C LEU B 338 36.57 24.94 9.96
N GLU B 339 35.62 24.04 10.24
CA GLU B 339 34.39 24.01 9.45
C GLU B 339 33.57 25.29 9.61
N VAL B 340 33.47 25.81 10.83
CA VAL B 340 32.65 26.99 11.05
C VAL B 340 33.47 28.28 10.98
N THR B 341 34.78 28.22 11.27
CA THR B 341 35.61 29.41 11.22
C THR B 341 36.00 29.80 9.80
N THR B 342 35.77 28.93 8.82
CA THR B 342 36.10 29.23 7.43
C THR B 342 34.91 28.89 6.55
N HIS B 343 34.83 29.60 5.42
CA HIS B 343 33.80 29.35 4.42
C HIS B 343 34.11 28.03 3.72
N SER B 344 33.38 26.98 4.07
CA SER B 344 33.63 25.65 3.54
C SER B 344 32.59 25.30 2.49
N PHE B 345 33.05 24.84 1.34
CA PHE B 345 32.14 24.51 0.24
C PHE B 345 32.86 23.56 -0.71
N ASN B 346 32.16 23.21 -1.81
CA ASN B 346 32.71 22.33 -2.82
C ASN B 346 32.77 23.06 -4.16
N CYS B 347 33.85 22.81 -4.91
CA CYS B 347 34.11 23.44 -6.21
C CYS B 347 34.72 22.37 -7.11
N GLY B 348 33.95 21.91 -8.09
CA GLY B 348 34.45 20.96 -9.06
C GLY B 348 34.95 19.67 -8.45
N GLY B 349 34.33 19.23 -7.36
CA GLY B 349 34.74 18.03 -6.67
C GLY B 349 35.79 18.21 -5.59
N GLU B 350 36.33 19.43 -5.42
CA GLU B 350 37.34 19.69 -4.40
C GLU B 350 36.75 20.56 -3.31
N PHE B 351 37.09 20.26 -2.06
CA PHE B 351 36.55 20.97 -0.91
C PHE B 351 37.45 22.12 -0.52
N PHE B 352 36.87 23.32 -0.44
CA PHE B 352 37.58 24.54 -0.12
C PHE B 352 37.16 25.04 1.25
N TYR B 353 38.14 25.59 1.97
CA TYR B 353 37.94 26.19 3.29
C TYR B 353 38.61 27.56 3.22
N CYS B 354 37.82 28.61 3.05
CA CYS B 354 38.36 29.93 2.73
C CYS B 354 38.32 30.83 3.97
N ASN B 355 39.39 31.59 4.17
CA ASN B 355 39.51 32.49 5.31
C ASN B 355 38.88 33.82 4.93
N THR B 356 37.70 34.08 5.49
CA THR B 356 36.88 35.24 5.12
C THR B 356 37.13 36.46 5.99
N SER B 357 38.30 36.56 6.62
CA SER B 357 38.60 37.72 7.44
C SER B 357 38.68 39.01 6.62
N GLY B 358 38.92 38.90 5.31
CA GLY B 358 38.98 40.05 4.44
C GLY B 358 37.65 40.53 3.90
N LEU B 359 36.55 39.84 4.21
CA LEU B 359 35.23 40.23 3.76
C LEU B 359 34.33 40.74 4.87
N PHE B 360 34.68 40.51 6.13
CA PHE B 360 33.90 40.99 7.26
C PHE B 360 34.77 41.83 8.19
N ASN B 361 35.49 42.79 7.62
CA ASN B 361 36.42 43.65 8.34
C ASN B 361 36.09 45.09 7.94
N SER B 362 35.11 45.69 8.63
CA SER B 362 34.68 47.04 8.29
C SER B 362 33.89 47.62 9.45
N THR B 363 33.75 48.94 9.43
CA THR B 363 32.94 49.67 10.40
C THR B 363 32.16 50.75 9.68
N TRP B 364 30.90 50.92 10.06
CA TRP B 364 29.99 51.87 9.42
C TRP B 364 29.40 52.78 10.49
N ILE B 365 29.60 54.08 10.31
CA ILE B 365 29.10 55.10 11.21
C ILE B 365 27.68 55.47 10.81
N SER B 366 26.99 56.21 11.67
CA SER B 366 25.57 56.51 11.48
C SER B 366 25.29 57.43 10.30
N ASN B 367 26.32 58.04 9.70
CA ASN B 367 26.12 58.97 8.60
C ASN B 367 25.31 58.37 7.45
N ASN B 379 38.20 48.62 -10.16
CA ASN B 379 38.45 47.34 -10.78
C ASN B 379 39.22 46.42 -9.85
N ASP B 380 39.56 46.92 -8.66
CA ASP B 380 40.27 46.13 -7.68
C ASP B 380 39.42 44.96 -7.20
N SER B 381 40.09 43.84 -6.92
CA SER B 381 39.42 42.62 -6.49
C SER B 381 39.96 42.20 -5.13
N ILE B 382 39.04 41.80 -4.25
CA ILE B 382 39.43 41.26 -2.95
C ILE B 382 39.78 39.79 -3.13
N THR B 383 40.99 39.43 -2.73
CA THR B 383 41.50 38.07 -2.83
C THR B 383 41.63 37.48 -1.43
N LEU B 384 41.04 36.32 -1.21
CA LEU B 384 41.20 35.68 0.09
C LEU B 384 41.70 34.25 -0.07
N PRO B 385 42.57 33.81 0.84
CA PRO B 385 43.17 32.48 0.71
C PRO B 385 42.19 31.37 1.07
N CYS B 386 42.47 30.19 0.54
CA CYS B 386 41.65 29.01 0.80
C CYS B 386 42.55 27.78 0.94
N ARG B 387 42.12 26.84 1.77
CA ARG B 387 42.83 25.61 2.03
C ARG B 387 42.01 24.43 1.53
N ILE B 388 42.70 23.33 1.22
CA ILE B 388 42.10 22.14 0.65
C ILE B 388 42.26 20.98 1.61
N LYS B 389 41.17 20.27 1.88
CA LYS B 389 41.19 19.09 2.73
C LYS B 389 40.59 17.93 1.95
N GLN B 390 41.32 16.82 1.91
CA GLN B 390 40.87 15.63 1.19
C GLN B 390 39.98 14.72 2.03
N ILE B 391 39.94 14.91 3.35
CA ILE B 391 39.09 14.14 4.25
C ILE B 391 38.04 15.07 4.81
N ILE B 392 36.78 14.69 4.71
CA ILE B 392 35.65 15.55 5.05
C ILE B 392 34.74 14.84 6.03
N ASN B 393 34.41 15.52 7.12
CA ASN B 393 33.39 15.05 8.07
C ASN B 393 32.29 16.12 8.06
N MET B 394 31.37 16.00 7.11
CA MET B 394 30.31 16.98 6.95
C MET B 394 29.07 16.55 7.72
N TRP B 395 28.07 17.44 7.74
CA TRP B 395 26.85 17.30 8.52
C TRP B 395 27.14 17.29 10.02
N GLN B 396 28.33 17.75 10.42
CA GLN B 396 28.78 17.77 11.81
C GLN B 396 28.77 16.37 12.45
N ARG B 397 28.83 15.33 11.64
CA ARG B 397 28.81 13.97 12.12
C ARG B 397 30.22 13.50 12.47
N ILE B 398 30.30 12.53 13.37
CA ILE B 398 31.56 11.94 13.82
C ILE B 398 31.50 10.44 13.57
N GLY B 399 32.55 9.91 12.95
CA GLY B 399 32.61 8.51 12.60
C GLY B 399 32.29 8.18 11.16
N GLN B 400 31.96 9.18 10.34
CA GLN B 400 31.70 8.98 8.91
C GLN B 400 32.47 10.05 8.14
N CYS B 401 33.62 9.66 7.60
CA CYS B 401 34.50 10.55 6.85
C CYS B 401 34.60 10.08 5.41
N MET B 402 34.73 11.02 4.49
CA MET B 402 34.89 10.73 3.07
C MET B 402 36.24 11.24 2.61
N TYR B 403 36.95 10.43 1.82
CA TYR B 403 38.21 10.84 1.22
C TYR B 403 37.91 11.38 -0.18
N ALA B 404 38.07 12.68 -0.35
CA ALA B 404 37.82 13.29 -1.65
C ALA B 404 38.96 13.00 -2.61
N PRO B 405 38.71 12.34 -3.74
CA PRO B 405 39.79 12.04 -4.67
C PRO B 405 40.35 13.31 -5.28
N PRO B 406 41.65 13.34 -5.57
CA PRO B 406 42.22 14.49 -6.28
C PRO B 406 41.74 14.54 -7.73
N ILE B 407 41.77 15.74 -8.29
CA ILE B 407 41.30 15.99 -9.65
C ILE B 407 42.44 16.58 -10.45
N GLN B 408 42.70 16.01 -11.62
CA GLN B 408 43.81 16.44 -12.46
C GLN B 408 43.56 17.83 -13.02
N GLY B 409 44.65 18.58 -13.21
CA GLY B 409 44.57 19.90 -13.79
C GLY B 409 44.15 20.96 -12.79
N VAL B 410 44.10 22.20 -13.28
CA VAL B 410 43.66 23.30 -12.44
C VAL B 410 42.16 23.21 -12.19
N ILE B 411 41.71 23.90 -11.15
CA ILE B 411 40.30 23.95 -10.79
C ILE B 411 39.85 25.40 -10.77
N ARG B 412 38.74 25.70 -11.46
CA ARG B 412 38.21 27.05 -11.52
C ARG B 412 36.70 26.98 -11.49
N CYS B 413 36.07 27.78 -10.64
CA CYS B 413 34.63 27.83 -10.56
C CYS B 413 34.17 29.27 -10.36
N VAL B 414 33.05 29.61 -10.98
CA VAL B 414 32.42 30.92 -10.84
C VAL B 414 31.06 30.70 -10.20
N SER B 415 30.81 31.37 -9.08
CA SER B 415 29.59 31.18 -8.32
C SER B 415 28.98 32.53 -7.96
N ASN B 416 27.74 32.47 -7.47
CA ASN B 416 27.01 33.65 -7.04
C ASN B 416 26.85 33.61 -5.53
N ILE B 417 27.34 34.63 -4.84
CA ILE B 417 27.03 34.85 -3.43
C ILE B 417 25.72 35.61 -3.38
N THR B 418 24.70 35.00 -2.78
CA THR B 418 23.38 35.59 -2.71
C THR B 418 22.86 35.74 -1.28
N GLY B 419 23.59 35.23 -0.29
CA GLY B 419 23.12 35.33 1.08
C GLY B 419 24.24 35.15 2.08
N LEU B 420 23.94 35.52 3.32
CA LEU B 420 24.88 35.42 4.42
C LEU B 420 24.18 34.83 5.64
N ILE B 421 24.96 34.16 6.47
CA ILE B 421 24.54 33.69 7.79
C ILE B 421 25.38 34.44 8.81
N LEU B 422 24.72 35.24 9.65
CA LEU B 422 25.42 36.14 10.55
C LEU B 422 24.98 35.88 11.99
N THR B 423 25.85 36.24 12.93
CA THR B 423 25.58 36.15 14.36
C THR B 423 25.98 37.45 15.02
N ARG B 424 25.14 37.93 15.93
CA ARG B 424 25.36 39.18 16.63
C ARG B 424 25.99 38.91 17.99
N ASP B 425 27.07 39.65 18.29
CA ASP B 425 27.72 39.53 19.59
C ASP B 425 26.87 40.19 20.67
N GLY B 426 26.83 39.57 21.84
CA GLY B 426 26.06 40.11 22.94
C GLY B 426 26.62 41.41 23.48
N GLY B 427 25.93 42.52 23.22
CA GLY B 427 26.36 43.82 23.69
C GLY B 427 25.81 44.13 25.07
N SER B 428 26.66 44.75 25.89
CA SER B 428 26.27 45.11 27.26
C SER B 428 25.48 46.42 27.23
N THR B 429 24.26 46.37 27.75
CA THR B 429 23.33 47.53 27.79
C THR B 429 23.17 48.02 26.35
N ASN B 430 23.21 49.33 26.13
CA ASN B 430 23.11 49.93 24.80
C ASN B 430 24.43 50.64 24.52
N SER B 431 25.36 49.92 23.91
CA SER B 431 26.69 50.44 23.57
C SER B 431 26.71 51.18 22.24
N THR B 432 25.54 51.59 21.73
CA THR B 432 25.36 52.32 20.46
C THR B 432 26.23 51.74 19.34
N THR B 433 26.52 50.45 19.39
CA THR B 433 27.26 49.78 18.34
C THR B 433 26.89 48.30 18.35
N GLU B 434 26.99 47.67 17.18
CA GLU B 434 26.70 46.26 17.02
C GLU B 434 27.72 45.62 16.10
N THR B 435 28.16 44.42 16.46
CA THR B 435 29.14 43.67 15.67
C THR B 435 28.50 42.38 15.19
N PHE B 436 28.64 42.10 13.90
CA PHE B 436 28.11 40.89 13.28
C PHE B 436 29.26 40.08 12.70
N ARG B 437 29.22 38.77 12.94
CA ARG B 437 30.28 37.89 12.48
C ARG B 437 29.70 36.71 11.71
N PRO B 438 30.41 36.21 10.71
CA PRO B 438 29.94 35.01 10.01
C PRO B 438 29.85 33.81 10.94
N GLY B 439 28.83 33.00 10.73
CA GLY B 439 28.62 31.85 11.58
C GLY B 439 28.08 30.65 10.82
N GLY B 440 27.04 30.02 11.37
CA GLY B 440 26.44 28.88 10.73
C GLY B 440 26.75 27.57 11.42
N GLY B 441 27.23 26.59 10.65
CA GLY B 441 27.50 25.26 11.15
C GLY B 441 26.34 24.31 11.08
N ASP B 442 25.13 24.82 10.89
CA ASP B 442 23.92 24.01 10.73
C ASP B 442 23.43 24.20 9.30
N MET B 443 23.44 23.12 8.52
CA MET B 443 22.98 23.20 7.14
C MET B 443 21.50 23.53 7.04
N ARG B 444 20.75 23.34 8.13
CA ARG B 444 19.33 23.68 8.13
C ARG B 444 19.13 25.16 7.89
N ASP B 445 20.02 26.00 8.41
CA ASP B 445 19.95 27.44 8.13
C ASP B 445 20.15 27.71 6.65
N ASN B 446 21.10 26.99 6.02
CA ASN B 446 21.30 27.14 4.58
C ASN B 446 20.06 26.72 3.81
N TRP B 447 19.42 25.61 4.23
CA TRP B 447 18.22 25.14 3.55
C TRP B 447 17.07 26.12 3.71
N ARG B 448 16.98 26.77 4.87
CA ARG B 448 15.85 27.65 5.17
C ARG B 448 15.78 28.84 4.23
N SER B 449 16.87 29.19 3.55
CA SER B 449 16.87 30.34 2.66
C SER B 449 16.06 30.09 1.39
N GLU B 450 15.83 28.83 1.03
CA GLU B 450 15.10 28.51 -0.18
C GLU B 450 13.68 28.03 0.07
N LEU B 451 13.42 27.44 1.24
CA LEU B 451 12.10 26.93 1.59
C LEU B 451 11.32 27.87 2.50
N TYR B 452 11.77 29.12 2.64
CA TYR B 452 11.09 30.06 3.51
C TYR B 452 9.68 30.37 3.02
N LYS B 453 9.51 30.45 1.70
CA LYS B 453 8.24 30.84 1.11
C LYS B 453 7.27 29.68 0.94
N TYR B 454 7.67 28.46 1.31
CA TYR B 454 6.87 27.27 1.07
C TYR B 454 6.36 26.70 2.39
N LYS B 455 5.12 26.20 2.36
CA LYS B 455 4.49 25.55 3.51
C LYS B 455 3.69 24.36 3.00
N VAL B 456 3.47 23.39 3.89
CA VAL B 456 2.72 22.19 3.58
C VAL B 456 1.42 22.20 4.38
N VAL B 457 0.30 21.92 3.70
CA VAL B 457 -1.01 21.90 4.35
C VAL B 457 -1.73 20.61 3.95
N LYS B 458 -2.66 20.21 4.80
CA LYS B 458 -3.45 19.00 4.60
C LYS B 458 -4.91 19.37 4.41
N ILE B 459 -5.54 18.75 3.42
CA ILE B 459 -6.93 19.07 3.06
C ILE B 459 -7.88 18.34 3.99
N GLU B 460 -9.04 18.95 4.24
CA GLU B 460 -10.12 18.36 5.02
C GLU B 460 -11.40 18.47 4.19
N PRO B 461 -11.57 17.59 3.20
CA PRO B 461 -12.69 17.76 2.26
C PRO B 461 -14.07 17.72 2.89
N LEU B 462 -14.23 17.09 4.05
CA LEU B 462 -15.53 17.06 4.70
C LEU B 462 -15.90 18.43 5.27
N GLY B 463 -17.18 18.78 5.20
CA GLY B 463 -17.66 20.01 5.81
C GLY B 463 -19.16 20.04 6.04
N VAL B 464 -19.59 20.44 7.22
CA VAL B 464 -21.02 20.53 7.53
C VAL B 464 -21.46 21.99 7.43
N ALA B 465 -22.62 22.20 6.83
CA ALA B 465 -23.14 23.54 6.60
C ALA B 465 -24.62 23.57 6.90
N PRO B 466 -25.16 24.75 7.25
CA PRO B 466 -26.62 24.86 7.42
C PRO B 466 -27.32 25.21 6.11
N THR B 467 -28.28 24.37 5.72
CA THR B 467 -29.02 24.56 4.48
C THR B 467 -30.48 24.21 4.72
N ARG B 468 -31.39 25.00 4.12
CA ARG B 468 -32.82 24.81 4.33
C ARG B 468 -33.31 23.45 3.84
N CYS B 469 -32.59 22.82 2.92
CA CYS B 469 -33.03 21.53 2.38
C CYS B 469 -33.08 20.46 3.45
N LYS B 470 -34.10 19.61 3.37
CA LYS B 470 -34.30 18.51 4.31
C LYS B 470 -34.48 17.21 3.53
N ARG B 471 -33.69 16.20 3.86
CA ARG B 471 -33.75 14.95 3.12
C ARG B 471 -35.11 14.29 3.28
N ARG B 472 -35.51 13.52 2.26
CA ARG B 472 -36.80 12.87 2.27
C ARG B 472 -36.89 11.86 3.41
N VAL B 473 -38.09 11.73 3.97
CA VAL B 473 -38.32 10.79 5.06
C VAL B 473 -38.72 9.43 4.50
N GLN C 1 -17.62 35.00 -14.86
CA GLN C 1 -18.25 36.23 -14.39
C GLN C 1 -17.18 37.32 -14.36
N VAL C 2 -16.83 37.82 -15.54
CA VAL C 2 -15.83 38.87 -15.69
C VAL C 2 -16.50 40.07 -16.35
N GLN C 3 -16.43 41.22 -15.67
CA GLN C 3 -16.95 42.48 -16.19
C GLN C 3 -15.79 43.45 -16.41
N LEU C 4 -15.68 43.97 -17.63
CA LEU C 4 -14.57 44.81 -18.04
C LEU C 4 -15.03 46.24 -18.24
N GLU C 5 -14.33 47.18 -17.60
CA GLU C 5 -14.68 48.60 -17.67
C GLU C 5 -13.56 49.36 -18.36
N GLU C 6 -13.94 50.35 -19.16
CA GLU C 6 -13.01 51.10 -19.97
C GLU C 6 -12.85 52.51 -19.42
N SER C 7 -11.62 53.03 -19.47
CA SER C 7 -11.32 54.37 -19.01
C SER C 7 -10.35 55.03 -19.99
N GLY C 8 -10.42 56.36 -20.04
CA GLY C 8 -9.55 57.12 -20.91
C GLY C 8 -10.14 58.48 -21.26
N PRO C 9 -9.38 59.28 -22.01
CA PRO C 9 -9.88 60.61 -22.39
C PRO C 9 -10.97 60.52 -23.44
N GLY C 10 -12.03 61.30 -23.23
CA GLY C 10 -13.11 61.32 -24.19
C GLY C 10 -12.72 61.92 -25.53
N ILE C 11 -11.96 63.02 -25.50
CA ILE C 11 -11.53 63.71 -26.70
C ILE C 11 -10.00 63.74 -26.72
N VAL C 12 -9.42 63.31 -27.84
CA VAL C 12 -7.98 63.32 -28.04
C VAL C 12 -7.67 64.14 -29.29
N LYS C 13 -6.74 65.08 -29.17
CA LYS C 13 -6.37 65.90 -30.30
C LYS C 13 -5.66 65.06 -31.37
N PRO C 14 -5.78 65.44 -32.65
CA PRO C 14 -5.12 64.66 -33.71
C PRO C 14 -3.61 64.64 -33.54
N SER C 15 -3.02 63.52 -33.92
CA SER C 15 -1.58 63.25 -33.88
C SER C 15 -1.04 63.18 -32.46
N GLU C 16 -1.90 63.12 -31.45
CA GLU C 16 -1.47 63.00 -30.06
C GLU C 16 -1.40 61.52 -29.68
N THR C 17 -1.21 61.25 -28.39
CA THR C 17 -1.16 59.89 -27.88
C THR C 17 -2.45 59.58 -27.14
N LEU C 18 -3.15 58.54 -27.58
CA LEU C 18 -4.40 58.11 -26.95
C LEU C 18 -4.11 56.92 -26.05
N SER C 19 -4.35 57.09 -24.76
CA SER C 19 -4.09 56.05 -23.76
C SER C 19 -5.41 55.62 -23.13
N LEU C 20 -5.69 54.33 -23.19
CA LEU C 20 -6.88 53.75 -22.57
C LEU C 20 -6.45 52.62 -21.64
N THR C 21 -7.23 52.42 -20.58
CA THR C 21 -6.94 51.41 -19.59
C THR C 21 -8.22 50.65 -19.25
N CYS C 22 -8.08 49.35 -19.00
CA CYS C 22 -9.21 48.50 -18.66
C CYS C 22 -8.82 47.59 -17.51
N ALA C 23 -9.81 47.24 -16.69
CA ALA C 23 -9.59 46.39 -15.53
C ALA C 23 -9.77 44.93 -15.92
N ALA C 24 -8.75 44.12 -15.71
CA ALA C 24 -8.80 42.70 -16.01
C ALA C 24 -9.38 41.94 -14.82
N SER C 25 -10.27 41.00 -15.10
CA SER C 25 -10.87 40.15 -14.08
C SER C 25 -10.77 38.70 -14.51
N ARG C 26 -10.65 37.82 -13.52
CA ARG C 26 -10.48 36.39 -13.80
C ARG C 26 -11.75 35.57 -13.56
N GLY C 27 -12.68 36.06 -12.75
CA GLY C 27 -13.91 35.36 -12.49
C GLY C 27 -13.71 34.14 -11.62
N PRO C 28 -14.68 33.23 -11.62
CA PRO C 28 -14.56 32.00 -10.82
C PRO C 28 -13.41 31.11 -11.26
N PHE C 29 -12.96 31.21 -12.50
CA PHE C 29 -11.87 30.37 -12.98
C PHE C 29 -10.58 30.72 -12.24
N SER C 30 -9.86 29.69 -11.81
CA SER C 30 -8.65 29.86 -11.01
C SER C 30 -7.37 29.81 -11.83
N GLY C 31 -7.29 28.91 -12.81
CA GLY C 31 -6.09 28.79 -13.63
C GLY C 31 -6.39 28.66 -15.10
N GLY C 32 -5.59 29.32 -15.93
CA GLY C 32 -5.78 29.27 -17.36
C GLY C 32 -5.16 30.47 -18.03
N HIS C 33 -5.51 30.65 -19.30
CA HIS C 33 -5.02 31.74 -20.12
C HIS C 33 -6.18 32.66 -20.49
N PHE C 34 -6.01 33.96 -20.22
CA PHE C 34 -7.01 34.97 -20.55
C PHE C 34 -6.43 35.89 -21.62
N TYR C 35 -7.18 36.04 -22.71
CA TYR C 35 -6.74 36.85 -23.84
C TYR C 35 -7.46 38.19 -23.77
N TRP C 36 -6.84 39.16 -23.10
CA TRP C 36 -7.39 40.50 -23.01
C TRP C 36 -7.15 41.23 -24.32
N ASN C 37 -8.24 41.59 -25.00
CA ASN C 37 -8.18 42.14 -26.34
C ASN C 37 -8.77 43.55 -26.36
N TRP C 38 -8.18 44.42 -27.17
CA TRP C 38 -8.67 45.77 -27.40
C TRP C 38 -9.25 45.86 -28.80
N PHE C 39 -10.44 46.46 -28.91
CA PHE C 39 -11.11 46.63 -30.19
C PHE C 39 -11.51 48.09 -30.36
N ARG C 40 -12.19 48.37 -31.47
CA ARG C 40 -12.76 49.69 -31.71
C ARG C 40 -13.93 49.54 -32.67
N GLN C 41 -14.96 50.36 -32.45
CA GLN C 41 -16.17 50.33 -33.26
C GLN C 41 -16.47 51.75 -33.72
N PRO C 42 -15.85 52.20 -34.81
CA PRO C 42 -16.12 53.52 -35.36
C PRO C 42 -17.58 53.67 -35.74
N PRO C 43 -18.18 54.83 -35.52
CA PRO C 43 -19.59 55.02 -35.87
C PRO C 43 -19.82 54.83 -37.37
N GLY C 44 -20.97 54.25 -37.70
CA GLY C 44 -21.35 54.04 -39.09
C GLY C 44 -20.73 52.83 -39.76
N LYS C 45 -19.95 52.03 -39.04
CA LYS C 45 -19.33 50.85 -39.63
C LYS C 45 -19.17 49.78 -38.56
N GLY C 46 -18.74 48.60 -39.00
CA GLY C 46 -18.63 47.47 -38.10
C GLY C 46 -17.41 47.56 -37.19
N LEU C 47 -17.34 46.60 -36.28
CA LEU C 47 -16.26 46.52 -35.31
C LEU C 47 -14.93 46.17 -35.99
N GLU C 48 -13.84 46.59 -35.36
CA GLU C 48 -12.50 46.33 -35.86
C GLU C 48 -11.63 45.84 -34.71
N TRP C 49 -10.63 45.02 -35.06
CA TRP C 49 -9.72 44.44 -34.09
C TRP C 49 -8.45 45.27 -34.02
N ILE C 50 -8.03 45.61 -32.79
CA ILE C 50 -6.84 46.42 -32.58
C ILE C 50 -5.68 45.52 -32.18
N GLY C 51 -5.83 44.79 -31.08
CA GLY C 51 -4.78 43.91 -30.61
C GLY C 51 -5.25 43.09 -29.43
N GLY C 52 -4.32 42.30 -28.89
CA GLY C 52 -4.61 41.45 -27.76
C GLY C 52 -3.35 41.01 -27.04
N ILE C 53 -3.52 40.62 -25.78
CA ILE C 53 -2.41 40.17 -24.95
C ILE C 53 -2.87 38.99 -24.10
N TYR C 54 -1.94 38.05 -23.87
CA TYR C 54 -2.21 36.91 -23.03
C TYR C 54 -2.08 37.28 -21.55
N SER C 55 -2.77 36.51 -20.71
CA SER C 55 -2.69 36.73 -19.28
C SER C 55 -1.40 36.20 -18.68
N ASP C 56 -0.92 35.07 -19.17
CA ASP C 56 0.28 34.43 -18.64
C ASP C 56 1.55 34.84 -19.36
N GLY C 57 1.48 35.73 -20.35
CA GLY C 57 2.65 36.15 -21.08
C GLY C 57 2.53 37.58 -21.51
N ASP C 58 3.70 38.23 -21.67
CA ASP C 58 3.76 39.61 -22.10
C ASP C 58 3.74 39.77 -23.62
N ALA C 59 3.76 38.66 -24.36
CA ALA C 59 3.71 38.75 -25.82
C ALA C 59 2.40 39.38 -26.28
N ALA C 60 2.49 40.27 -27.25
CA ALA C 60 1.35 41.03 -27.74
C ALA C 60 1.18 40.82 -29.23
N ASP C 61 -0.07 40.64 -29.65
CA ASP C 61 -0.44 40.54 -31.05
C ASP C 61 -1.19 41.79 -31.46
N TYR C 62 -0.89 42.31 -32.65
CA TYR C 62 -1.46 43.55 -33.14
C TYR C 62 -1.96 43.37 -34.56
N ASN C 63 -2.95 44.17 -34.93
CA ASN C 63 -3.44 44.15 -36.30
C ASN C 63 -2.34 44.61 -37.24
N PRO C 64 -2.19 43.97 -38.41
CA PRO C 64 -1.10 44.35 -39.32
C PRO C 64 -1.14 45.81 -39.75
N SER C 65 -2.33 46.40 -39.89
CA SER C 65 -2.42 47.80 -40.30
C SER C 65 -2.06 48.76 -39.18
N LEU C 66 -2.03 48.30 -37.93
CA LEU C 66 -1.75 49.16 -36.78
C LEU C 66 -0.55 48.68 -35.98
N GLU C 67 0.37 47.93 -36.61
CA GLU C 67 1.52 47.41 -35.89
C GLU C 67 2.43 48.53 -35.40
N SER C 68 2.65 49.55 -36.23
CA SER C 68 3.59 50.62 -35.89
C SER C 68 2.97 51.73 -35.05
N ARG C 69 1.66 51.67 -34.78
CA ARG C 69 0.98 52.72 -34.05
C ARG C 69 0.29 52.25 -32.77
N VAL C 70 0.16 50.95 -32.55
CA VAL C 70 -0.59 50.40 -31.43
C VAL C 70 0.34 49.59 -30.54
N ALA C 71 0.31 49.88 -29.24
CA ALA C 71 1.03 49.10 -28.24
C ALA C 71 0.09 48.80 -27.08
N ILE C 72 0.25 47.62 -26.49
CA ILE C 72 -0.58 47.17 -25.38
C ILE C 72 0.32 46.63 -24.29
N SER C 73 0.10 47.07 -23.05
CA SER C 73 0.85 46.61 -21.90
C SER C 73 -0.12 46.22 -20.80
N ARG C 74 0.42 45.64 -19.73
CA ARG C 74 -0.39 45.16 -18.62
C ARG C 74 0.39 45.28 -17.32
N ASP C 75 -0.36 45.41 -16.22
CA ASP C 75 0.21 45.38 -14.88
C ASP C 75 -0.62 44.44 -14.02
N ARG C 76 0.01 43.36 -13.55
CA ARG C 76 -0.73 42.33 -12.82
C ARG C 76 -1.07 42.75 -11.40
N SER C 77 -0.25 43.61 -10.78
CA SER C 77 -0.52 44.05 -9.43
C SER C 77 -1.85 44.78 -9.33
N ALA C 78 -2.12 45.67 -10.29
CA ALA C 78 -3.41 46.34 -10.38
C ALA C 78 -4.40 45.57 -11.24
N ASN C 79 -3.97 44.49 -11.88
CA ASN C 79 -4.83 43.68 -12.76
C ASN C 79 -5.46 44.54 -13.85
N ARG C 80 -4.67 45.43 -14.42
CA ARG C 80 -5.10 46.33 -15.49
C ARG C 80 -4.32 46.02 -16.76
N PHE C 81 -4.86 46.47 -17.89
CA PHE C 81 -4.12 46.43 -19.15
C PHE C 81 -4.45 47.68 -19.96
N SER C 82 -3.42 48.28 -20.54
CA SER C 82 -3.53 49.58 -21.19
C SER C 82 -3.20 49.46 -22.67
N LEU C 83 -3.85 50.32 -23.46
CA LEU C 83 -3.62 50.41 -24.91
C LEU C 83 -3.21 51.83 -25.24
N LYS C 84 -2.10 51.97 -25.97
CA LYS C 84 -1.59 53.26 -26.38
C LYS C 84 -1.56 53.31 -27.91
N LEU C 85 -2.24 54.32 -28.47
CA LEU C 85 -2.28 54.53 -29.91
C LEU C 85 -1.67 55.89 -30.22
N ILE C 86 -0.69 55.91 -31.12
CA ILE C 86 0.01 57.13 -31.48
C ILE C 86 -0.45 57.56 -32.87
N SER C 87 -0.22 58.84 -33.17
CA SER C 87 -0.61 59.44 -34.45
C SER C 87 -2.10 59.24 -34.72
N VAL C 88 -2.92 59.61 -33.73
CA VAL C 88 -4.36 59.44 -33.85
C VAL C 88 -4.90 60.35 -34.94
N THR C 89 -5.73 59.80 -35.82
CA THR C 89 -6.33 60.54 -36.92
C THR C 89 -7.85 60.61 -36.71
N ALA C 90 -8.53 61.25 -37.67
CA ALA C 90 -9.99 61.37 -37.59
C ALA C 90 -10.67 60.02 -37.69
N THR C 91 -10.04 59.06 -38.36
CA THR C 91 -10.60 57.71 -38.47
C THR C 91 -10.52 56.93 -37.17
N ASP C 92 -9.74 57.39 -36.20
CA ASP C 92 -9.61 56.69 -34.93
C ASP C 92 -10.76 56.97 -33.98
N THR C 93 -11.65 57.90 -34.31
CA THR C 93 -12.83 58.14 -33.50
C THR C 93 -13.71 56.90 -33.51
N ALA C 94 -13.82 56.23 -32.36
CA ALA C 94 -14.49 54.95 -32.30
C ALA C 94 -14.90 54.65 -30.87
N VAL C 95 -15.68 53.59 -30.71
CA VAL C 95 -16.02 53.06 -29.40
C VAL C 95 -15.05 51.92 -29.10
N TYR C 96 -14.11 52.16 -28.19
CA TYR C 96 -13.06 51.20 -27.89
C TYR C 96 -13.53 50.23 -26.80
N TYR C 97 -13.38 48.94 -27.08
CA TYR C 97 -13.84 47.89 -26.18
C TYR C 97 -12.65 47.05 -25.72
N CYS C 98 -12.65 46.71 -24.43
CA CYS C 98 -11.72 45.73 -23.87
C CYS C 98 -12.49 44.45 -23.61
N SER C 99 -12.07 43.36 -24.23
CA SER C 99 -12.83 42.12 -24.19
C SER C 99 -11.95 40.97 -23.73
N SER C 100 -12.61 39.97 -23.13
CA SER C 100 -11.96 38.75 -22.68
C SER C 100 -12.81 37.57 -23.10
N THR C 101 -12.16 36.54 -23.63
CA THR C 101 -12.84 35.33 -24.11
C THR C 101 -12.38 34.15 -23.27
N TYR C 102 -13.33 33.50 -22.59
CA TYR C 102 -13.01 32.28 -21.88
C TYR C 102 -12.75 31.15 -22.88
N SER C 103 -12.07 30.11 -22.40
CA SER C 103 -11.72 28.98 -23.23
C SER C 103 -11.96 27.67 -22.49
N TRP C 104 -13.09 27.58 -21.78
CA TRP C 104 -13.47 26.33 -21.14
C TRP C 104 -13.65 25.23 -22.19
N ASN C 105 -13.75 23.99 -21.72
CA ASN C 105 -13.71 22.85 -22.63
C ASN C 105 -14.80 22.92 -23.69
N ASN C 106 -14.39 23.19 -24.93
CA ASN C 106 -15.26 23.17 -26.11
C ASN C 106 -16.51 24.02 -25.92
N VAL C 107 -16.33 25.23 -25.40
CA VAL C 107 -17.44 26.17 -25.26
C VAL C 107 -17.10 27.49 -25.93
N TRP C 108 -15.94 28.06 -25.58
CA TRP C 108 -15.45 29.33 -26.13
C TRP C 108 -16.41 30.48 -25.82
N PHE C 109 -16.50 30.83 -24.54
CA PHE C 109 -17.26 32.00 -24.12
C PHE C 109 -16.65 33.29 -24.67
N ASP C 110 -17.32 34.42 -24.44
CA ASP C 110 -16.78 35.72 -24.83
C ASP C 110 -17.53 36.85 -24.12
N GLN C 111 -16.79 37.75 -23.47
CA GLN C 111 -17.36 38.91 -22.80
C GLN C 111 -16.69 40.18 -23.34
N TRP C 112 -17.50 41.21 -23.56
CA TRP C 112 -17.00 42.46 -24.14
C TRP C 112 -17.14 43.64 -23.20
N GLY C 113 -18.34 43.90 -22.67
CA GLY C 113 -18.52 45.03 -21.77
C GLY C 113 -19.39 46.12 -22.33
N GLN C 114 -18.95 47.38 -22.20
CA GLN C 114 -19.73 48.52 -22.66
C GLN C 114 -18.92 49.45 -23.55
N GLY C 115 -17.60 49.49 -23.36
CA GLY C 115 -16.75 50.32 -24.18
C GLY C 115 -16.73 51.77 -23.74
N VAL C 116 -15.88 52.55 -24.43
CA VAL C 116 -15.73 53.97 -24.16
C VAL C 116 -15.65 54.71 -25.48
N LEU C 117 -16.32 55.86 -25.56
CA LEU C 117 -16.27 56.69 -26.76
C LEU C 117 -15.00 57.53 -26.77
N VAL C 118 -14.34 57.55 -27.93
CA VAL C 118 -13.17 58.39 -28.15
C VAL C 118 -13.38 59.16 -29.43
N THR C 119 -13.22 60.48 -29.37
CA THR C 119 -13.40 61.36 -30.52
C THR C 119 -12.11 62.12 -30.78
N VAL C 120 -11.73 62.22 -32.05
CA VAL C 120 -10.53 62.91 -32.47
C VAL C 120 -10.96 64.18 -33.21
N SER C 121 -10.63 65.33 -32.64
CA SER C 121 -10.97 66.61 -33.23
C SER C 121 -10.03 67.68 -32.70
N SER C 122 -9.94 68.78 -33.43
CA SER C 122 -9.08 69.89 -33.05
C SER C 122 -9.89 71.06 -32.53
N ASP D 2 -4.92 38.54 -45.59
CA ASP D 2 -6.00 38.56 -44.59
C ASP D 2 -7.23 37.82 -45.10
N ILE D 3 -7.92 37.14 -44.19
CA ILE D 3 -9.13 36.41 -44.55
C ILE D 3 -10.29 37.39 -44.60
N GLN D 4 -10.91 37.51 -45.77
CA GLN D 4 -12.02 38.44 -45.98
C GLN D 4 -13.34 37.71 -45.83
N LEU D 5 -14.23 38.25 -45.02
CA LEU D 5 -15.54 37.68 -44.78
C LEU D 5 -16.60 38.56 -45.43
N THR D 6 -17.41 37.96 -46.29
CA THR D 6 -18.46 38.66 -47.02
C THR D 6 -19.82 38.14 -46.58
N GLN D 7 -20.72 39.04 -46.20
CA GLN D 7 -22.03 38.69 -45.69
C GLN D 7 -23.10 39.09 -46.70
N SER D 8 -24.09 38.21 -46.87
CA SER D 8 -25.21 38.45 -47.77
C SER D 8 -26.49 38.03 -47.08
N PRO D 9 -27.54 38.87 -47.13
CA PRO D 9 -27.60 40.21 -47.73
C PRO D 9 -26.97 41.26 -46.83
N SER D 10 -26.52 42.38 -47.40
CA SER D 10 -25.98 43.46 -46.56
C SER D 10 -27.06 44.05 -45.66
N SER D 11 -28.26 44.25 -46.19
CA SER D 11 -29.40 44.73 -45.43
C SER D 11 -30.65 44.02 -45.90
N LEU D 12 -31.47 43.57 -44.94
CA LEU D 12 -32.67 42.81 -45.24
C LEU D 12 -33.83 43.34 -44.41
N SER D 13 -35.00 43.40 -45.03
CA SER D 13 -36.24 43.81 -44.37
C SER D 13 -37.23 42.67 -44.39
N ALA D 14 -37.80 42.35 -43.25
CA ALA D 14 -38.75 41.23 -43.14
C ALA D 14 -39.69 41.49 -41.96
N SER D 15 -40.78 40.74 -41.95
CA SER D 15 -41.80 40.87 -40.91
C SER D 15 -41.51 39.88 -39.77
N VAL D 16 -42.34 39.95 -38.74
CA VAL D 16 -42.18 39.08 -37.57
C VAL D 16 -42.63 37.67 -37.95
N GLY D 17 -41.79 36.67 -37.62
CA GLY D 17 -42.09 35.30 -37.91
C GLY D 17 -41.58 34.79 -39.23
N ASP D 18 -41.08 35.67 -40.10
CA ASP D 18 -40.55 35.23 -41.38
C ASP D 18 -39.21 34.54 -41.21
N ARG D 19 -39.02 33.45 -41.96
CA ARG D 19 -37.75 32.74 -41.93
C ARG D 19 -36.71 33.49 -42.76
N VAL D 20 -35.54 33.73 -42.18
CA VAL D 20 -34.50 34.51 -42.83
C VAL D 20 -33.20 33.72 -42.82
N THR D 21 -32.34 34.04 -43.78
CA THR D 21 -31.08 33.33 -43.98
C THR D 21 -29.97 34.34 -44.28
N ILE D 22 -28.83 34.17 -43.62
CA ILE D 22 -27.67 35.01 -43.83
C ILE D 22 -26.48 34.12 -44.15
N THR D 23 -25.75 34.44 -45.23
CA THR D 23 -24.65 33.61 -45.69
C THR D 23 -23.34 34.39 -45.62
N CYS D 24 -22.31 33.72 -45.14
CA CYS D 24 -20.98 34.31 -44.99
C CYS D 24 -19.97 33.49 -45.79
N ARG D 25 -19.15 34.18 -46.59
CA ARG D 25 -18.11 33.55 -47.38
C ARG D 25 -16.75 34.02 -46.89
N ALA D 26 -15.83 33.07 -46.76
CA ALA D 26 -14.46 33.36 -46.37
C ALA D 26 -13.55 33.29 -47.60
N SER D 27 -12.56 34.19 -47.63
CA SER D 27 -11.63 34.22 -48.77
C SER D 27 -10.78 32.96 -48.84
N GLN D 28 -10.66 32.20 -47.76
CA GLN D 28 -9.89 30.97 -47.76
C GLN D 28 -10.52 29.99 -46.79
N ASP D 29 -10.16 28.72 -46.96
CA ASP D 29 -10.72 27.65 -46.14
C ASP D 29 -10.35 27.86 -44.67
N ILE D 30 -11.34 27.76 -43.80
CA ILE D 30 -11.14 27.91 -42.36
C ILE D 30 -11.76 26.73 -41.62
N ASN D 31 -12.17 25.71 -42.39
CA ASN D 31 -12.76 24.48 -41.85
C ASN D 31 -14.07 24.87 -41.13
N THR D 32 -14.27 24.48 -39.88
CA THR D 32 -15.49 24.79 -39.14
C THR D 32 -15.26 25.82 -38.04
N ASP D 33 -14.12 26.52 -38.07
CA ASP D 33 -13.77 27.47 -37.02
C ASP D 33 -14.36 28.85 -37.35
N LEU D 34 -15.69 28.93 -37.26
CA LEU D 34 -16.40 30.17 -37.48
C LEU D 34 -17.57 30.25 -36.50
N SER D 35 -17.94 31.48 -36.13
CA SER D 35 -19.03 31.73 -35.21
C SER D 35 -19.82 32.93 -35.72
N TRP D 36 -21.02 33.11 -35.16
CA TRP D 36 -21.85 34.25 -35.48
C TRP D 36 -22.23 34.97 -34.19
N TYR D 37 -22.13 36.30 -34.24
CA TYR D 37 -22.46 37.18 -33.13
C TYR D 37 -23.65 38.06 -33.51
N TYR D 38 -24.42 38.47 -32.51
CA TYR D 38 -25.56 39.36 -32.70
C TYR D 38 -25.35 40.63 -31.89
N GLN D 39 -25.69 41.77 -32.50
CA GLN D 39 -25.46 43.07 -31.88
C GLN D 39 -26.57 44.04 -32.26
N LYS D 40 -26.90 44.91 -31.33
CA LYS D 40 -27.80 46.04 -31.55
C LYS D 40 -27.09 47.32 -31.16
N SER D 41 -27.40 48.41 -31.87
CA SER D 41 -26.79 49.70 -31.56
C SER D 41 -27.05 50.07 -30.10
N GLY D 42 -25.99 50.46 -29.40
CA GLY D 42 -26.07 50.80 -28.00
C GLY D 42 -25.59 49.72 -27.05
N GLU D 43 -25.40 48.50 -27.53
CA GLU D 43 -24.92 47.40 -26.69
C GLU D 43 -23.79 46.67 -27.40
N ALA D 44 -22.90 46.07 -26.60
CA ALA D 44 -21.76 45.37 -27.15
C ALA D 44 -22.21 44.07 -27.85
N PRO D 45 -21.48 43.64 -28.87
CA PRO D 45 -21.84 42.39 -29.55
C PRO D 45 -21.77 41.19 -28.62
N LYS D 46 -22.68 40.25 -28.83
CA LYS D 46 -22.75 39.03 -28.05
C LYS D 46 -22.74 37.82 -28.97
N LEU D 47 -22.15 36.73 -28.49
CA LEU D 47 -22.05 35.52 -29.29
C LEU D 47 -23.41 34.87 -29.45
N LEU D 48 -23.78 34.53 -30.69
CA LEU D 48 -25.04 33.88 -30.99
C LEU D 48 -24.87 32.37 -31.20
N ILE D 49 -24.03 31.97 -32.14
CA ILE D 49 -23.76 30.56 -32.40
C ILE D 49 -22.25 30.37 -32.43
N TYR D 50 -21.78 29.36 -31.71
CA TYR D 50 -20.36 29.08 -31.54
C TYR D 50 -19.98 27.84 -32.33
N ARG D 51 -18.86 27.92 -33.06
CA ARG D 51 -18.33 26.88 -33.93
C ARG D 51 -19.24 26.56 -35.10
N ALA D 52 -20.32 27.31 -35.29
CA ALA D 52 -21.33 27.13 -36.34
C ALA D 52 -22.07 25.80 -36.22
N SER D 53 -21.80 25.00 -35.19
CA SER D 53 -22.48 23.73 -35.01
C SER D 53 -22.85 23.42 -33.57
N ASN D 54 -22.60 24.34 -32.63
CA ASN D 54 -22.88 24.12 -31.21
C ASN D 54 -23.57 25.36 -30.65
N LEU D 55 -24.87 25.24 -30.40
CA LEU D 55 -25.66 26.39 -29.96
C LEU D 55 -25.11 26.96 -28.66
N GLN D 56 -24.90 28.28 -28.64
CA GLN D 56 -24.43 28.94 -27.44
C GLN D 56 -25.50 28.89 -26.35
N SER D 57 -25.06 28.63 -25.12
CA SER D 57 -25.99 28.52 -24.00
C SER D 57 -26.70 29.85 -23.76
N GLY D 58 -28.02 29.78 -23.60
CA GLY D 58 -28.84 30.95 -23.37
C GLY D 58 -29.44 31.57 -24.61
N ALA D 59 -28.91 31.25 -25.79
CA ALA D 59 -29.45 31.80 -27.03
C ALA D 59 -30.72 31.04 -27.42
N PRO D 60 -31.67 31.73 -28.07
CA PRO D 60 -32.88 31.04 -28.53
C PRO D 60 -32.57 29.95 -29.54
N SER D 61 -33.36 28.88 -29.49
CA SER D 61 -33.16 27.75 -30.38
C SER D 61 -33.57 28.03 -31.82
N ARG D 62 -34.26 29.15 -32.08
CA ARG D 62 -34.68 29.47 -33.43
C ARG D 62 -33.52 29.81 -34.37
N PHE D 63 -32.33 30.04 -33.83
CA PHE D 63 -31.15 30.34 -34.63
C PHE D 63 -30.36 29.06 -34.85
N SER D 64 -30.04 28.76 -36.11
CA SER D 64 -29.29 27.56 -36.47
C SER D 64 -28.11 27.93 -37.34
N GLY D 65 -26.98 27.29 -37.07
CA GLY D 65 -25.76 27.49 -37.84
C GLY D 65 -25.40 26.24 -38.61
N THR D 66 -25.01 26.43 -39.88
CA THR D 66 -24.64 25.32 -40.75
C THR D 66 -23.49 25.76 -41.66
N GLY D 67 -22.90 24.80 -42.34
CA GLY D 67 -21.88 25.07 -43.32
C GLY D 67 -20.48 24.96 -42.75
N SER D 68 -19.51 24.83 -43.65
CA SER D 68 -18.11 24.70 -43.28
C SER D 68 -17.24 25.18 -44.43
N GLY D 69 -15.98 25.47 -44.13
CA GLY D 69 -15.04 25.90 -45.14
C GLY D 69 -15.13 27.38 -45.47
N THR D 70 -15.61 27.69 -46.67
CA THR D 70 -15.76 29.06 -47.12
C THR D 70 -17.23 29.46 -47.29
N GLU D 71 -18.14 28.71 -46.67
CA GLU D 71 -19.57 29.00 -46.79
C GLU D 71 -20.24 28.63 -45.47
N PHE D 72 -20.82 29.62 -44.81
CA PHE D 72 -21.53 29.41 -43.55
C PHE D 72 -22.89 30.07 -43.61
N THR D 73 -23.86 29.49 -42.91
CA THR D 73 -25.25 29.89 -42.99
C THR D 73 -25.84 30.03 -41.60
N LEU D 74 -26.48 31.16 -41.34
CA LEU D 74 -27.28 31.37 -40.13
C LEU D 74 -28.73 31.48 -40.56
N THR D 75 -29.57 30.60 -40.02
CA THR D 75 -30.98 30.52 -40.39
C THR D 75 -31.84 30.79 -39.16
N ILE D 76 -32.81 31.68 -39.31
CA ILE D 76 -33.80 31.97 -38.27
C ILE D 76 -35.15 31.50 -38.81
N SER D 77 -35.71 30.46 -38.19
CA SER D 77 -36.97 29.91 -38.67
C SER D 77 -38.12 30.87 -38.48
N SER D 78 -38.18 31.55 -37.34
CA SER D 78 -39.25 32.49 -37.03
C SER D 78 -38.65 33.76 -36.45
N LEU D 79 -38.84 34.88 -37.14
CA LEU D 79 -38.35 36.15 -36.65
C LEU D 79 -39.16 36.62 -35.45
N GLN D 80 -38.51 37.40 -34.59
CA GLN D 80 -39.10 37.95 -33.38
C GLN D 80 -38.78 39.43 -33.31
N PRO D 81 -39.57 40.20 -32.54
CA PRO D 81 -39.26 41.64 -32.41
C PRO D 81 -37.86 41.90 -31.89
N GLU D 82 -37.34 41.03 -31.02
CA GLU D 82 -35.97 41.18 -30.53
C GLU D 82 -34.93 40.69 -31.53
N ASP D 83 -35.35 39.98 -32.59
CA ASP D 83 -34.42 39.46 -33.58
C ASP D 83 -34.09 40.46 -34.68
N PHE D 84 -34.69 41.65 -34.66
CA PHE D 84 -34.37 42.68 -35.65
C PHE D 84 -33.05 43.36 -35.30
N ILE D 85 -31.99 42.55 -35.32
CA ILE D 85 -30.66 42.99 -34.89
C ILE D 85 -29.67 42.75 -36.03
N THR D 86 -28.41 43.10 -35.81
CA THR D 86 -27.37 42.94 -36.82
C THR D 86 -26.53 41.72 -36.50
N TYR D 87 -26.28 40.89 -37.50
CA TYR D 87 -25.57 39.63 -37.33
C TYR D 87 -24.23 39.70 -38.05
N TYR D 88 -23.18 39.27 -37.36
CA TYR D 88 -21.82 39.25 -37.89
C TYR D 88 -21.27 37.83 -37.89
N CYS D 89 -20.48 37.50 -38.90
CA CYS D 89 -19.76 36.24 -38.96
C CYS D 89 -18.29 36.50 -38.68
N GLN D 90 -17.71 35.73 -37.76
CA GLN D 90 -16.32 35.89 -37.36
C GLN D 90 -15.61 34.55 -37.50
N GLN D 91 -14.49 34.55 -38.22
CA GLN D 91 -13.69 33.34 -38.41
C GLN D 91 -12.79 33.12 -37.20
N ARG D 92 -12.89 31.94 -36.60
CA ARG D 92 -12.01 31.56 -35.50
C ARG D 92 -10.80 30.77 -35.99
N TYR D 93 -10.13 31.32 -37.01
CA TYR D 93 -8.99 30.70 -37.65
C TYR D 93 -7.71 31.43 -37.24
N SER D 94 -6.61 31.10 -37.91
CA SER D 94 -5.31 31.72 -37.63
C SER D 94 -5.37 33.23 -37.82
N PHE D 95 -4.47 33.94 -37.16
CA PHE D 95 -4.47 35.40 -37.23
C PHE D 95 -4.14 35.87 -38.64
N PRO D 96 -4.61 37.06 -39.03
CA PRO D 96 -5.40 38.04 -38.26
C PRO D 96 -6.86 37.64 -38.07
N ILE D 97 -7.54 38.26 -37.11
CA ILE D 97 -8.94 38.00 -36.83
C ILE D 97 -9.79 39.02 -37.57
N THR D 98 -10.80 38.56 -38.30
CA THR D 98 -11.66 39.43 -39.08
C THR D 98 -13.12 39.11 -38.79
N PHE D 99 -13.96 40.11 -39.00
CA PHE D 99 -15.40 40.00 -38.80
C PHE D 99 -16.12 40.24 -40.11
N GLY D 100 -17.36 39.75 -40.19
CA GLY D 100 -18.15 39.90 -41.39
C GLY D 100 -18.60 41.33 -41.60
N ALA D 101 -19.11 41.59 -42.81
CA ALA D 101 -19.58 42.93 -43.15
C ALA D 101 -20.76 43.33 -42.27
N GLY D 102 -21.68 42.42 -42.04
CA GLY D 102 -22.83 42.71 -41.19
C GLY D 102 -24.14 42.76 -41.94
N THR D 103 -25.13 42.03 -41.47
CA THR D 103 -26.46 42.01 -42.07
C THR D 103 -27.45 42.68 -41.12
N LYS D 104 -28.17 43.67 -41.63
CA LYS D 104 -29.14 44.43 -40.84
C LYS D 104 -30.54 43.92 -41.13
N VAL D 105 -31.30 43.66 -40.07
CA VAL D 105 -32.68 43.17 -40.18
C VAL D 105 -33.60 44.29 -39.72
N ASP D 106 -34.55 44.66 -40.58
CA ASP D 106 -35.48 45.75 -40.31
C ASP D 106 -36.91 45.26 -40.50
N ILE D 107 -37.82 45.86 -39.74
CA ILE D 107 -39.24 45.51 -39.82
C ILE D 107 -39.84 46.17 -41.06
N LYS D 108 -40.58 45.39 -41.83
CA LYS D 108 -41.23 45.90 -43.04
C LYS D 108 -42.71 46.18 -42.79
N ALA E 1 -23.29 -35.86 -10.69
CA ALA E 1 -22.18 -36.41 -11.47
C ALA E 1 -22.70 -37.08 -12.74
N VAL E 2 -23.16 -36.26 -13.68
CA VAL E 2 -23.70 -36.76 -14.95
C VAL E 2 -22.98 -36.08 -16.10
N GLY E 3 -21.76 -35.61 -15.84
CA GLY E 3 -20.99 -34.87 -16.83
C GLY E 3 -21.02 -33.37 -16.67
N ILE E 4 -21.65 -32.85 -15.62
CA ILE E 4 -21.69 -31.41 -15.40
C ILE E 4 -20.31 -30.90 -14.98
N GLY E 5 -20.11 -29.59 -15.17
CA GLY E 5 -18.86 -28.93 -14.81
C GLY E 5 -19.09 -27.61 -14.11
N ALA E 6 -18.48 -26.55 -14.63
CA ALA E 6 -18.66 -25.21 -14.09
C ALA E 6 -19.43 -24.30 -15.05
N VAL E 7 -18.95 -24.14 -16.28
CA VAL E 7 -19.59 -23.35 -17.32
C VAL E 7 -19.88 -21.96 -16.73
N PHE E 8 -18.81 -21.30 -16.26
CA PHE E 8 -18.93 -20.00 -15.63
C PHE E 8 -18.48 -18.90 -16.58
N LEU E 9 -19.15 -17.76 -16.53
CA LEU E 9 -18.73 -16.58 -17.30
C LEU E 9 -17.43 -16.07 -16.70
N GLY E 10 -16.32 -16.32 -17.39
CA GLY E 10 -15.02 -16.01 -16.84
C GLY E 10 -14.42 -14.68 -17.28
N PHE E 11 -13.21 -14.74 -17.82
CA PHE E 11 -12.43 -13.56 -18.15
C PHE E 11 -12.90 -12.96 -19.48
N LEU E 12 -12.09 -12.09 -20.07
CA LEU E 12 -12.44 -11.33 -21.26
C LEU E 12 -12.74 -12.18 -22.49
N GLY E 13 -12.75 -13.51 -22.34
CA GLY E 13 -13.09 -14.41 -23.42
C GLY E 13 -14.32 -14.05 -24.22
N ALA E 14 -15.19 -13.22 -23.65
CA ALA E 14 -16.37 -12.71 -24.34
C ALA E 14 -16.14 -11.37 -25.02
N ALA E 15 -14.90 -10.85 -25.01
CA ALA E 15 -14.63 -9.56 -25.63
C ALA E 15 -14.88 -9.60 -27.13
N GLY E 16 -14.62 -10.74 -27.76
CA GLY E 16 -14.86 -10.86 -29.19
C GLY E 16 -16.31 -10.85 -29.60
N SER E 17 -17.22 -11.00 -28.64
CA SER E 17 -18.64 -10.96 -28.92
C SER E 17 -19.09 -9.51 -29.17
N THR E 18 -20.37 -9.34 -29.47
CA THR E 18 -20.88 -8.01 -29.79
C THR E 18 -21.02 -7.16 -28.53
N MET E 19 -21.33 -5.88 -28.75
CA MET E 19 -21.48 -4.91 -27.67
C MET E 19 -22.46 -5.40 -26.61
N GLY E 20 -23.72 -5.58 -27.02
CA GLY E 20 -24.74 -6.01 -26.07
C GLY E 20 -24.49 -7.38 -25.50
N ALA E 21 -24.00 -8.31 -26.34
CA ALA E 21 -23.67 -9.63 -25.84
C ALA E 21 -22.55 -9.59 -24.82
N ALA E 22 -21.55 -8.74 -25.03
CA ALA E 22 -20.44 -8.62 -24.08
C ALA E 22 -20.83 -7.84 -22.83
N SER E 23 -21.92 -7.07 -22.87
CA SER E 23 -22.35 -6.37 -21.66
C SER E 23 -22.76 -7.34 -20.54
N MET E 24 -22.99 -8.62 -20.86
CA MET E 24 -23.32 -9.59 -19.82
C MET E 24 -22.18 -9.73 -18.82
N THR E 25 -20.94 -9.77 -19.31
CA THR E 25 -19.79 -10.15 -18.49
C THR E 25 -19.03 -8.95 -17.95
N LEU E 26 -19.68 -7.82 -17.71
CA LEU E 26 -18.98 -6.67 -17.15
C LEU E 26 -18.62 -6.88 -15.69
N THR E 27 -19.54 -7.45 -14.91
CA THR E 27 -19.35 -7.55 -13.47
C THR E 27 -18.25 -8.54 -13.11
N VAL E 28 -18.10 -9.62 -13.87
CA VAL E 28 -17.05 -10.59 -13.56
C VAL E 28 -15.68 -9.96 -13.71
N GLN E 29 -15.49 -9.18 -14.77
CA GLN E 29 -14.23 -8.46 -14.93
C GLN E 29 -14.07 -7.37 -13.87
N ALA E 30 -15.16 -6.72 -13.49
CA ALA E 30 -15.08 -5.72 -12.43
C ALA E 30 -14.60 -6.36 -11.12
N ARG E 31 -15.12 -7.53 -10.79
CA ARG E 31 -14.66 -8.27 -9.63
C ARG E 31 -13.20 -8.70 -9.79
N ASN E 32 -12.85 -9.17 -10.99
CA ASN E 32 -11.47 -9.61 -11.26
C ASN E 32 -10.48 -8.47 -11.07
N LEU E 33 -10.91 -7.23 -11.28
CA LEU E 33 -10.04 -6.08 -11.12
C LEU E 33 -9.33 -6.05 -9.77
N LEU E 34 -9.86 -6.76 -8.77
CA LEU E 34 -9.25 -6.88 -7.45
C LEU E 34 -8.90 -8.33 -7.13
N SER E 35 -8.29 -9.03 -8.09
CA SER E 35 -7.87 -10.41 -7.85
C SER E 35 -6.78 -10.45 -6.79
N GLY E 36 -6.86 -11.46 -5.91
CA GLY E 36 -5.89 -11.61 -4.85
C GLY E 36 -6.21 -12.75 -3.90
N THR E 58 13.61 -8.09 1.04
CA THR E 58 12.77 -6.90 0.98
C THR E 58 12.98 -6.15 -0.33
N VAL E 59 13.19 -6.91 -1.40
CA VAL E 59 13.36 -6.33 -2.74
C VAL E 59 12.30 -6.80 -3.72
N TRP E 60 11.66 -7.95 -3.47
CA TRP E 60 10.62 -8.50 -4.31
C TRP E 60 9.23 -8.36 -3.72
N GLY E 61 9.09 -8.59 -2.41
CA GLY E 61 7.83 -8.33 -1.75
C GLY E 61 7.41 -6.87 -1.86
N ILE E 62 8.38 -5.96 -1.79
CA ILE E 62 8.06 -4.54 -1.94
C ILE E 62 7.53 -4.26 -3.35
N LYS E 63 8.13 -4.88 -4.36
CA LYS E 63 7.68 -4.67 -5.74
C LYS E 63 6.28 -5.24 -5.96
N GLN E 64 6.00 -6.43 -5.43
CA GLN E 64 4.66 -6.99 -5.61
C GLN E 64 3.62 -6.20 -4.82
N LEU E 65 3.99 -5.71 -3.64
CA LEU E 65 3.11 -4.83 -2.88
C LEU E 65 2.85 -3.54 -3.63
N GLN E 66 3.88 -2.99 -4.29
CA GLN E 66 3.70 -1.79 -5.10
C GLN E 66 2.74 -2.04 -6.25
N ALA E 67 2.86 -3.20 -6.90
CA ALA E 67 1.93 -3.55 -7.96
C ALA E 67 0.50 -3.65 -7.43
N ARG E 68 0.32 -4.29 -6.28
CA ARG E 68 -1.02 -4.39 -5.68
C ARG E 68 -1.57 -3.00 -5.36
N VAL E 69 -0.75 -2.13 -4.78
CA VAL E 69 -1.21 -0.80 -4.41
C VAL E 69 -1.55 0.01 -5.66
N LEU E 70 -0.76 -0.16 -6.74
CA LEU E 70 -1.08 0.52 -7.99
C LEU E 70 -2.41 0.07 -8.56
N ALA E 71 -2.68 -1.23 -8.53
CA ALA E 71 -3.98 -1.72 -8.96
C ALA E 71 -5.10 -1.14 -8.09
N VAL E 72 -4.85 -1.06 -6.78
CA VAL E 72 -5.86 -0.51 -5.86
C VAL E 72 -6.15 0.94 -6.20
N GLU E 73 -5.10 1.74 -6.45
CA GLU E 73 -5.32 3.14 -6.79
C GLU E 73 -6.04 3.27 -8.11
N ARG E 74 -5.71 2.43 -9.09
CA ARG E 74 -6.40 2.50 -10.38
C ARG E 74 -7.89 2.22 -10.22
N TYR E 75 -8.24 1.15 -9.50
CA TYR E 75 -9.64 0.83 -9.31
C TYR E 75 -10.35 1.93 -8.51
N LEU E 76 -9.70 2.46 -7.47
CA LEU E 76 -10.34 3.49 -6.65
C LEU E 76 -10.52 4.78 -7.44
N ARG E 77 -9.57 5.12 -8.31
CA ARG E 77 -9.73 6.28 -9.17
C ARG E 77 -10.88 6.08 -10.15
N ASP E 78 -11.03 4.87 -10.69
CA ASP E 78 -12.15 4.59 -11.57
C ASP E 78 -13.48 4.71 -10.82
N GLN E 79 -13.53 4.21 -9.59
CA GLN E 79 -14.73 4.34 -8.78
C GLN E 79 -15.04 5.79 -8.47
N GLN E 80 -14.01 6.58 -8.17
CA GLN E 80 -14.20 8.01 -7.92
C GLN E 80 -14.74 8.71 -9.16
N LEU E 81 -14.21 8.37 -10.34
CA LEU E 81 -14.71 8.95 -11.58
C LEU E 81 -16.17 8.57 -11.81
N LEU E 82 -16.52 7.32 -11.52
CA LEU E 82 -17.92 6.90 -11.66
C LEU E 82 -18.82 7.67 -10.70
N GLY E 83 -18.38 7.84 -9.44
CA GLY E 83 -19.17 8.58 -8.48
C GLY E 83 -19.33 10.05 -8.81
N ILE E 84 -18.29 10.66 -9.39
CA ILE E 84 -18.34 12.08 -9.74
C ILE E 84 -19.40 12.34 -10.79
N TRP E 85 -19.64 11.38 -11.68
CA TRP E 85 -20.66 11.50 -12.71
C TRP E 85 -22.03 11.05 -12.24
N GLY E 86 -22.20 10.81 -10.95
CA GLY E 86 -23.47 10.33 -10.41
C GLY E 86 -23.85 8.95 -10.88
N CYS E 87 -22.90 8.01 -10.89
CA CYS E 87 -23.16 6.65 -11.33
C CYS E 87 -22.52 5.63 -10.40
N SER E 88 -22.31 5.99 -9.14
CA SER E 88 -21.65 5.11 -8.19
C SER E 88 -22.52 3.90 -7.88
N GLY E 89 -21.87 2.74 -7.78
CA GLY E 89 -22.57 1.51 -7.42
C GLY E 89 -23.40 0.90 -8.53
N LYS E 90 -23.29 1.41 -9.76
CA LYS E 90 -24.07 0.91 -10.89
C LYS E 90 -23.14 0.63 -12.05
N LEU E 91 -23.20 -0.61 -12.56
CA LEU E 91 -22.43 -0.95 -13.76
C LEU E 91 -22.92 -0.15 -14.96
N ILE E 92 -24.23 0.01 -15.10
CA ILE E 92 -24.84 0.77 -16.19
C ILE E 92 -25.60 1.94 -15.58
N CYS E 93 -25.31 3.14 -16.07
CA CYS E 93 -25.93 4.36 -15.55
C CYS E 93 -26.16 5.33 -16.69
N CYS E 94 -27.42 5.63 -16.97
CA CYS E 94 -27.74 6.62 -17.98
C CYS E 94 -27.41 8.02 -17.48
N THR E 95 -27.18 8.94 -18.41
CA THR E 95 -26.77 10.30 -18.08
C THR E 95 -27.54 11.28 -18.95
N ASN E 96 -27.51 12.55 -18.54
CA ASN E 96 -28.23 13.61 -19.22
C ASN E 96 -27.42 14.30 -20.31
N VAL E 97 -26.18 13.89 -20.52
CA VAL E 97 -25.36 14.50 -21.58
C VAL E 97 -25.84 14.02 -22.94
N PRO E 98 -26.17 14.91 -23.87
CA PRO E 98 -26.57 14.46 -25.21
C PRO E 98 -25.38 13.85 -25.96
N TRP E 99 -25.71 12.92 -26.86
CA TRP E 99 -24.69 12.25 -27.67
C TRP E 99 -24.55 13.02 -28.97
N ASN E 100 -23.55 13.90 -29.02
CA ASN E 100 -23.27 14.65 -30.24
C ASN E 100 -22.83 13.71 -31.35
N SER E 101 -23.36 13.93 -32.56
CA SER E 101 -23.03 13.09 -33.70
C SER E 101 -21.65 13.36 -34.27
N SER E 102 -20.97 14.40 -33.80
CA SER E 102 -19.66 14.74 -34.34
C SER E 102 -18.64 13.64 -34.06
N TRP E 103 -18.71 13.01 -32.90
CA TRP E 103 -17.72 12.00 -32.52
C TRP E 103 -17.78 10.80 -33.46
N SER E 104 -18.93 10.12 -33.51
CA SER E 104 -19.13 9.02 -34.44
C SER E 104 -20.63 8.86 -34.65
N ASN E 105 -21.11 9.25 -35.84
CA ASN E 105 -22.54 9.20 -36.12
C ASN E 105 -23.09 7.78 -36.04
N ARG E 106 -22.68 6.93 -36.98
CA ARG E 106 -23.10 5.53 -37.08
C ARG E 106 -24.61 5.43 -36.90
N ASN E 107 -25.08 4.31 -36.36
CA ASN E 107 -26.45 4.18 -35.91
C ASN E 107 -26.52 3.05 -34.89
N LEU E 108 -27.63 3.01 -34.15
CA LEU E 108 -27.74 2.10 -33.01
C LEU E 108 -27.66 0.64 -33.45
N SER E 109 -28.27 0.30 -34.59
CA SER E 109 -28.37 -1.09 -35.00
C SER E 109 -27.00 -1.71 -35.26
N GLU E 110 -26.12 -1.00 -35.97
CA GLU E 110 -24.82 -1.57 -36.30
C GLU E 110 -23.83 -1.51 -35.15
N ILE E 111 -24.15 -0.78 -34.08
CA ILE E 111 -23.22 -0.65 -32.97
C ILE E 111 -23.34 -1.84 -32.02
N TRP E 112 -24.54 -2.09 -31.51
CA TRP E 112 -24.73 -3.11 -30.48
C TRP E 112 -24.87 -4.52 -31.03
N ASP E 113 -24.83 -4.70 -32.35
CA ASP E 113 -24.98 -6.02 -32.94
C ASP E 113 -23.87 -6.40 -33.91
N ASN E 114 -22.99 -5.48 -34.29
CA ASN E 114 -21.96 -5.79 -35.27
C ASN E 114 -20.56 -5.45 -34.82
N MET E 115 -20.39 -4.39 -34.05
CA MET E 115 -19.08 -3.91 -33.63
C MET E 115 -18.76 -4.42 -32.23
N THR E 116 -17.48 -4.73 -32.01
CA THR E 116 -17.01 -5.20 -30.71
C THR E 116 -16.58 -4.02 -29.84
N TRP E 117 -16.32 -4.32 -28.57
CA TRP E 117 -15.94 -3.26 -27.63
C TRP E 117 -14.59 -2.66 -27.98
N LEU E 118 -13.64 -3.50 -28.41
CA LEU E 118 -12.30 -3.01 -28.73
C LEU E 118 -12.34 -2.03 -29.91
N GLN E 119 -13.12 -2.36 -30.94
CA GLN E 119 -13.24 -1.46 -32.08
C GLN E 119 -13.87 -0.13 -31.68
N TRP E 120 -14.90 -0.17 -30.82
CA TRP E 120 -15.52 1.05 -30.35
C TRP E 120 -14.54 1.90 -29.55
N ASP E 121 -13.75 1.27 -28.69
CA ASP E 121 -12.74 2.01 -27.91
C ASP E 121 -11.71 2.62 -28.84
N LYS E 122 -11.28 1.88 -29.85
CA LYS E 122 -10.34 2.43 -30.83
C LYS E 122 -10.92 3.63 -31.55
N GLU E 123 -12.20 3.55 -31.93
CA GLU E 123 -12.83 4.65 -32.67
C GLU E 123 -13.00 5.89 -31.79
N ILE E 124 -13.42 5.71 -30.53
CA ILE E 124 -13.80 6.83 -29.68
C ILE E 124 -12.68 7.20 -28.71
N SER E 125 -11.46 6.69 -28.92
CA SER E 125 -10.36 7.00 -28.01
C SER E 125 -9.96 8.47 -28.04
N ASN E 126 -10.35 9.21 -29.08
CA ASN E 126 -9.88 10.59 -29.24
C ASN E 126 -10.59 11.56 -28.31
N TYR E 127 -11.89 11.38 -28.10
CA TYR E 127 -12.72 12.38 -27.43
C TYR E 127 -13.15 11.95 -26.03
N THR E 128 -12.41 11.05 -25.40
CA THR E 128 -12.83 10.54 -24.09
C THR E 128 -12.83 11.64 -23.03
N GLN E 129 -11.80 12.49 -23.03
CA GLN E 129 -11.67 13.50 -21.99
C GLN E 129 -12.82 14.50 -22.02
N ILE E 130 -13.25 14.92 -23.23
CA ILE E 130 -14.35 15.86 -23.33
C ILE E 130 -15.64 15.22 -22.85
N ILE E 131 -15.82 13.92 -23.10
CA ILE E 131 -16.99 13.21 -22.57
C ILE E 131 -16.95 13.22 -21.05
N TYR E 132 -15.78 12.95 -20.47
CA TYR E 132 -15.66 12.94 -19.01
C TYR E 132 -16.00 14.31 -18.43
N GLY E 133 -15.47 15.37 -19.05
CA GLY E 133 -15.77 16.71 -18.58
C GLY E 133 -17.24 17.08 -18.71
N LEU E 134 -17.87 16.69 -19.82
CA LEU E 134 -19.28 16.97 -20.01
C LEU E 134 -20.14 16.24 -18.98
N LEU E 135 -19.82 14.96 -18.71
CA LEU E 135 -20.55 14.23 -17.68
C LEU E 135 -20.36 14.87 -16.32
N GLU E 136 -19.13 15.28 -15.99
CA GLU E 136 -18.87 15.99 -14.75
C GLU E 136 -19.73 17.23 -14.61
N GLU E 137 -19.72 18.09 -15.64
CA GLU E 137 -20.45 19.35 -15.55
C GLU E 137 -21.94 19.12 -15.45
N SER E 138 -22.46 18.17 -16.24
CA SER E 138 -23.89 17.87 -16.20
C SER E 138 -24.30 17.33 -14.83
N GLN E 139 -23.49 16.44 -14.25
CA GLN E 139 -23.83 15.90 -12.94
C GLN E 139 -23.80 16.98 -11.87
N ASN E 140 -22.82 17.88 -11.92
CA ASN E 140 -22.76 18.96 -10.94
C ASN E 140 -23.98 19.87 -11.07
N GLN E 141 -24.35 20.24 -12.30
CA GLN E 141 -25.51 21.08 -12.51
C GLN E 141 -26.79 20.38 -12.04
N GLN E 142 -26.92 19.09 -12.33
CA GLN E 142 -28.09 18.33 -11.90
C GLN E 142 -28.16 18.26 -10.38
N GLU E 143 -27.02 18.05 -9.72
CA GLU E 143 -27.01 18.01 -8.26
C GLU E 143 -27.46 19.33 -7.66
N LYS E 144 -26.94 20.44 -8.19
CA LYS E 144 -27.34 21.75 -7.67
C LYS E 144 -28.82 22.03 -7.94
N ASN E 145 -29.31 21.69 -9.13
CA ASN E 145 -30.72 21.90 -9.43
C ASN E 145 -31.61 21.06 -8.52
N GLU E 146 -31.22 19.82 -8.27
CA GLU E 146 -32.00 18.96 -7.38
C GLU E 146 -31.98 19.50 -5.96
N GLN E 147 -30.83 19.99 -5.50
CA GLN E 147 -30.76 20.56 -4.15
C GLN E 147 -31.67 21.77 -4.03
N ASP E 148 -31.64 22.67 -5.03
CA ASP E 148 -32.50 23.85 -5.00
C ASP E 148 -33.98 23.46 -5.05
N LEU E 149 -34.33 22.49 -5.91
CA LEU E 149 -35.72 22.06 -6.01
C LEU E 149 -36.21 21.46 -4.71
N LEU E 150 -35.37 20.63 -4.08
CA LEU E 150 -35.79 19.99 -2.82
C LEU E 150 -35.89 21.00 -1.69
N ALA E 151 -34.95 21.95 -1.63
CA ALA E 151 -35.05 23.02 -0.64
C ALA E 151 -36.29 23.89 -0.88
N LEU E 152 -36.74 23.99 -2.13
CA LEU E 152 -37.97 24.73 -2.41
C LEU E 152 -39.17 24.07 -1.73
N ASP E 153 -39.23 22.74 -1.76
CA ASP E 153 -40.33 22.01 -1.13
C ASP E 153 -40.19 21.99 0.38
N ALA F 1 -37.15 8.81 -30.51
CA ALA F 1 -36.54 7.56 -30.97
C ALA F 1 -35.14 7.81 -31.50
N GLU F 2 -35.02 8.74 -32.44
CA GLU F 2 -33.72 9.08 -33.01
C GLU F 2 -32.79 9.65 -31.93
N ASN F 3 -33.33 10.51 -31.08
CA ASN F 3 -32.53 11.11 -30.01
C ASN F 3 -31.97 10.04 -29.08
N LEU F 4 -30.68 10.15 -28.78
CA LEU F 4 -30.00 9.20 -27.91
C LEU F 4 -28.93 9.93 -27.11
N TRP F 5 -28.58 9.36 -25.97
CA TRP F 5 -27.69 9.98 -25.01
C TRP F 5 -26.49 9.07 -24.77
N VAL F 6 -25.63 9.45 -23.83
CA VAL F 6 -24.41 8.71 -23.54
C VAL F 6 -24.57 7.94 -22.23
N THR F 7 -24.13 6.69 -22.23
CA THR F 7 -24.22 5.81 -21.08
C THR F 7 -22.84 5.25 -20.76
N VAL F 8 -22.57 5.09 -19.47
CA VAL F 8 -21.27 4.65 -18.97
C VAL F 8 -21.35 3.17 -18.62
N TYR F 9 -20.36 2.41 -19.08
CA TYR F 9 -20.24 0.98 -18.84
C TYR F 9 -18.95 0.71 -18.09
N TYR F 10 -19.05 -0.03 -16.99
CA TYR F 10 -17.91 -0.37 -16.15
C TYR F 10 -17.59 -1.86 -16.28
N GLY F 11 -16.36 -2.19 -15.92
CA GLY F 11 -15.89 -3.57 -16.05
C GLY F 11 -15.90 -4.06 -17.49
N VAL F 12 -15.57 -3.18 -18.43
CA VAL F 12 -15.76 -3.44 -19.85
C VAL F 12 -14.66 -4.38 -20.35
N PRO F 13 -14.95 -5.26 -21.33
CA PRO F 13 -13.88 -6.14 -21.88
C PRO F 13 -13.07 -5.48 -22.98
N VAL F 14 -12.23 -4.51 -22.59
CA VAL F 14 -11.29 -3.88 -23.49
C VAL F 14 -9.94 -3.79 -22.78
N TRP F 15 -8.88 -3.63 -23.58
CA TRP F 15 -7.54 -3.58 -23.04
C TRP F 15 -6.67 -2.74 -23.96
N LYS F 16 -5.44 -2.50 -23.51
CA LYS F 16 -4.44 -1.83 -24.33
C LYS F 16 -3.05 -2.33 -23.93
N ASP F 17 -2.10 -2.11 -24.83
CA ASP F 17 -0.72 -2.50 -24.56
C ASP F 17 -0.14 -1.65 -23.44
N ALA F 18 0.53 -2.30 -22.50
CA ALA F 18 1.12 -1.60 -21.36
C ALA F 18 2.20 -2.49 -20.76
N GLU F 19 3.02 -1.88 -19.90
CA GLU F 19 4.09 -2.56 -19.18
C GLU F 19 3.89 -2.39 -17.69
N THR F 20 3.98 -3.49 -16.95
CA THR F 20 3.80 -3.46 -15.51
C THR F 20 4.77 -4.47 -14.88
N THR F 21 4.58 -4.75 -13.60
CA THR F 21 5.44 -5.65 -12.84
C THR F 21 4.64 -6.90 -12.48
N LEU F 22 5.01 -8.02 -13.08
CA LEU F 22 4.40 -9.30 -12.75
C LEU F 22 5.07 -9.90 -11.51
N PHE F 23 4.48 -10.96 -10.99
CA PHE F 23 5.01 -11.63 -9.81
C PHE F 23 5.23 -13.11 -10.09
N CYS F 24 6.22 -13.68 -9.42
CA CYS F 24 6.59 -15.07 -9.61
C CYS F 24 5.62 -15.99 -8.89
N ALA F 25 5.56 -17.23 -9.38
CA ALA F 25 4.73 -18.27 -8.79
C ALA F 25 5.35 -19.61 -9.11
N SER F 26 5.41 -20.48 -8.10
CA SER F 26 6.07 -21.77 -8.22
C SER F 26 5.13 -22.88 -7.78
N ASP F 27 5.41 -24.09 -8.28
CA ASP F 27 4.59 -25.25 -7.94
C ASP F 27 4.74 -25.62 -6.47
N ALA F 28 3.68 -26.22 -5.92
CA ALA F 28 3.69 -26.60 -4.52
C ALA F 28 4.72 -27.68 -4.23
N LYS F 29 5.09 -28.48 -5.25
CA LYS F 29 6.07 -29.54 -5.05
C LYS F 29 7.41 -28.98 -4.57
N ALA F 30 7.77 -27.77 -5.01
CA ALA F 30 9.02 -27.17 -4.56
C ALA F 30 8.98 -26.84 -3.08
N TYR F 31 7.78 -26.65 -2.51
CA TYR F 31 7.69 -26.39 -1.08
C TYR F 31 8.13 -27.58 -0.25
N GLU F 32 7.99 -28.79 -0.80
CA GLU F 32 8.43 -30.02 -0.11
C GLU F 32 9.94 -30.04 -0.08
N THR F 33 10.51 -29.60 1.04
CA THR F 33 11.97 -29.43 1.19
C THR F 33 12.52 -28.58 0.06
N GLU F 34 13.80 -28.74 -0.25
CA GLU F 34 14.45 -28.02 -1.37
C GLU F 34 14.30 -26.52 -1.22
N LYS F 35 14.38 -26.04 0.02
CA LYS F 35 14.19 -24.62 0.30
C LYS F 35 15.45 -23.81 0.01
N HIS F 36 16.56 -24.46 -0.34
CA HIS F 36 17.82 -23.78 -0.62
C HIS F 36 18.09 -23.91 -2.12
N ASN F 37 17.91 -22.81 -2.85
CA ASN F 37 18.12 -22.80 -4.29
C ASN F 37 18.37 -21.37 -4.74
N VAL F 38 19.01 -21.25 -5.91
CA VAL F 38 19.28 -19.92 -6.47
C VAL F 38 17.98 -19.21 -6.82
N TRP F 39 17.08 -19.92 -7.49
CA TRP F 39 15.78 -19.35 -7.86
C TRP F 39 14.84 -19.58 -6.70
N ALA F 40 14.72 -18.56 -5.84
CA ALA F 40 13.96 -18.67 -4.60
C ALA F 40 12.53 -19.12 -4.84
N THR F 41 12.19 -20.32 -4.39
CA THR F 41 10.85 -20.87 -4.55
C THR F 41 9.98 -20.67 -3.31
N HIS F 42 10.60 -20.50 -2.14
CA HIS F 42 9.83 -20.19 -0.93
C HIS F 42 9.20 -18.81 -1.01
N ALA F 43 9.81 -17.90 -1.75
CA ALA F 43 9.30 -16.54 -1.90
C ALA F 43 8.25 -16.40 -2.98
N CYS F 44 8.01 -17.44 -3.77
CA CYS F 44 7.03 -17.40 -4.85
C CYS F 44 5.70 -17.95 -4.37
N VAL F 45 4.62 -17.29 -4.77
CA VAL F 45 3.27 -17.71 -4.37
C VAL F 45 2.97 -19.07 -5.00
N PRO F 46 2.33 -20.00 -4.28
CA PRO F 46 2.00 -21.29 -4.88
C PRO F 46 1.08 -21.13 -6.09
N THR F 47 1.29 -21.97 -7.09
CA THR F 47 0.58 -21.87 -8.34
C THR F 47 -0.82 -22.49 -8.23
N ASP F 48 -1.63 -22.22 -9.24
CA ASP F 48 -2.97 -22.83 -9.32
C ASP F 48 -2.84 -24.26 -9.78
N PRO F 49 -3.33 -25.24 -9.02
CA PRO F 49 -3.25 -26.65 -9.49
C PRO F 49 -3.95 -26.88 -10.81
N ASN F 50 -5.02 -26.14 -11.09
CA ASN F 50 -5.74 -26.23 -12.37
C ASN F 50 -5.82 -24.83 -12.95
N PRO F 51 -4.77 -24.36 -13.60
CA PRO F 51 -4.80 -23.02 -14.19
C PRO F 51 -5.91 -22.89 -15.22
N GLN F 52 -6.53 -21.71 -15.26
CA GLN F 52 -7.62 -21.43 -16.18
C GLN F 52 -7.07 -20.73 -17.40
N GLU F 53 -7.49 -21.19 -18.59
CA GLU F 53 -7.11 -20.59 -19.85
C GLU F 53 -8.39 -20.33 -20.63
N ILE F 54 -8.69 -19.06 -20.88
CA ILE F 54 -9.95 -18.68 -21.51
C ILE F 54 -9.67 -18.25 -22.94
N HIS F 55 -10.21 -19.00 -23.90
CA HIS F 55 -10.03 -18.67 -25.30
C HIS F 55 -10.88 -17.47 -25.68
N LEU F 56 -10.28 -16.54 -26.44
CA LEU F 56 -10.96 -15.32 -26.87
C LEU F 56 -11.42 -15.53 -28.31
N GLU F 57 -12.66 -15.97 -28.47
CA GLU F 57 -13.22 -16.17 -29.80
C GLU F 57 -13.33 -14.84 -30.54
N ASN F 58 -13.10 -14.87 -31.85
CA ASN F 58 -13.25 -13.71 -32.73
C ASN F 58 -12.32 -12.57 -32.32
N VAL F 59 -11.15 -12.90 -31.78
CA VAL F 59 -10.20 -11.90 -31.30
C VAL F 59 -8.88 -12.10 -32.01
N THR F 60 -8.36 -11.03 -32.62
CA THR F 60 -7.05 -11.03 -33.26
C THR F 60 -6.19 -9.98 -32.56
N GLU F 61 -5.00 -10.39 -32.11
CA GLU F 61 -4.14 -9.51 -31.32
C GLU F 61 -2.77 -9.41 -31.97
N GLU F 62 -2.17 -8.23 -31.88
CA GLU F 62 -0.85 -7.97 -32.46
C GLU F 62 0.21 -8.26 -31.41
N PHE F 63 1.11 -9.19 -31.71
CA PHE F 63 2.19 -9.58 -30.80
C PHE F 63 3.53 -9.15 -31.37
N ASN F 64 4.48 -8.90 -30.47
CA ASN F 64 5.84 -8.52 -30.86
C ASN F 64 6.80 -9.07 -29.80
N MET F 65 7.49 -10.16 -30.15
CA MET F 65 8.41 -10.80 -29.21
C MET F 65 9.56 -9.88 -28.85
N TRP F 66 10.09 -9.15 -29.82
CA TRP F 66 11.31 -8.38 -29.61
C TRP F 66 11.08 -7.18 -28.72
N LYS F 67 9.99 -6.45 -28.94
CA LYS F 67 9.66 -5.29 -28.10
C LYS F 67 8.72 -5.70 -26.96
N ASN F 68 9.16 -6.68 -26.19
CA ASN F 68 8.40 -7.20 -25.06
C ASN F 68 9.11 -6.85 -23.77
N ASN F 69 8.37 -6.22 -22.84
CA ASN F 69 8.95 -5.83 -21.55
C ASN F 69 9.16 -7.02 -20.63
N MET F 70 8.45 -8.12 -20.83
CA MET F 70 8.58 -9.28 -19.95
C MET F 70 9.99 -9.87 -20.00
N VAL F 71 10.59 -9.91 -21.20
CA VAL F 71 11.92 -10.51 -21.35
C VAL F 71 12.95 -9.73 -20.56
N GLU F 72 12.97 -8.40 -20.72
CA GLU F 72 13.90 -7.57 -19.97
C GLU F 72 13.60 -7.63 -18.48
N GLN F 73 12.32 -7.56 -18.11
CA GLN F 73 11.93 -7.57 -16.71
C GLN F 73 12.37 -8.85 -16.01
N MET F 74 12.14 -10.00 -16.65
CA MET F 74 12.48 -11.26 -16.00
C MET F 74 13.99 -11.49 -16.02
N HIS F 75 14.70 -10.96 -17.02
CA HIS F 75 16.16 -10.99 -17.00
C HIS F 75 16.70 -10.20 -15.82
N THR F 76 16.17 -9.00 -15.59
CA THR F 76 16.59 -8.21 -14.44
C THR F 76 16.23 -8.91 -13.13
N ASP F 77 15.05 -9.52 -13.08
CA ASP F 77 14.63 -10.24 -11.88
C ASP F 77 15.58 -11.40 -11.60
N ILE F 78 15.97 -12.14 -12.64
CA ILE F 78 16.90 -13.25 -12.47
C ILE F 78 18.26 -12.76 -11.97
N ILE F 79 18.75 -11.67 -12.55
CA ILE F 79 20.04 -11.13 -12.12
C ILE F 79 19.98 -10.73 -10.64
N SER F 80 18.92 -10.02 -10.26
CA SER F 80 18.79 -9.57 -8.87
C SER F 80 18.65 -10.74 -7.91
N LEU F 81 17.88 -11.75 -8.29
CA LEU F 81 17.71 -12.92 -7.44
C LEU F 81 19.01 -13.70 -7.30
N TRP F 82 19.78 -13.80 -8.39
CA TRP F 82 21.10 -14.43 -8.33
C TRP F 82 22.02 -13.68 -7.37
N ASP F 83 22.04 -12.35 -7.47
CA ASP F 83 22.87 -11.56 -6.57
C ASP F 83 22.44 -11.73 -5.12
N GLN F 84 21.12 -11.72 -4.88
CA GLN F 84 20.61 -11.90 -3.52
C GLN F 84 20.98 -13.27 -2.97
N SER F 85 20.89 -14.30 -3.80
CA SER F 85 21.26 -15.65 -3.36
C SER F 85 22.75 -15.73 -3.04
N LEU F 86 23.59 -15.06 -3.84
CA LEU F 86 25.03 -15.11 -3.59
C LEU F 86 25.47 -14.18 -2.47
N LYS F 87 24.60 -13.26 -2.03
CA LYS F 87 25.00 -12.32 -0.99
C LYS F 87 25.38 -12.98 0.33
N PRO F 88 24.60 -13.89 0.92
CA PRO F 88 24.97 -14.44 2.23
C PRO F 88 26.13 -15.43 2.18
N CYS F 89 26.56 -15.85 1.00
CA CYS F 89 27.59 -16.88 0.90
C CYS F 89 28.96 -16.31 1.24
N VAL F 90 29.95 -17.21 1.32
CA VAL F 90 31.30 -16.83 1.76
C VAL F 90 31.96 -15.95 0.70
N LYS F 91 32.63 -14.89 1.16
CA LYS F 91 33.38 -14.01 0.29
C LYS F 91 34.81 -14.52 0.19
N LEU F 92 35.22 -14.88 -1.03
CA LEU F 92 36.50 -15.55 -1.26
C LEU F 92 37.60 -14.56 -1.61
N THR F 93 37.80 -13.55 -0.77
CA THR F 93 38.88 -12.60 -0.98
C THR F 93 40.27 -13.11 -0.54
N PRO F 94 40.41 -13.94 0.51
CA PRO F 94 41.77 -14.36 0.89
C PRO F 94 42.45 -15.23 -0.14
N LEU F 95 41.71 -15.85 -1.07
CA LEU F 95 42.34 -16.68 -2.09
C LEU F 95 43.29 -15.90 -2.99
N CYS F 96 43.18 -14.57 -3.02
CA CYS F 96 44.05 -13.78 -3.88
C CYS F 96 45.45 -13.71 -3.28
N VAL F 97 46.17 -14.83 -3.34
CA VAL F 97 47.53 -14.94 -2.84
C VAL F 97 48.36 -15.64 -3.91
N THR F 98 49.67 -15.41 -3.87
CA THR F 98 50.56 -16.05 -4.82
C THR F 98 50.52 -17.56 -4.68
N LEU F 99 50.42 -18.26 -5.81
CA LEU F 99 50.33 -19.71 -5.85
C LEU F 99 51.54 -20.29 -6.56
N GLN F 100 52.10 -21.36 -6.00
CA GLN F 100 53.16 -22.12 -6.66
C GLN F 100 52.51 -23.30 -7.36
N CYS F 101 52.51 -23.26 -8.70
CA CYS F 101 51.74 -24.22 -9.49
C CYS F 101 52.68 -25.06 -10.36
N THR F 102 52.34 -26.34 -10.46
CA THR F 102 53.05 -27.29 -11.31
C THR F 102 52.03 -28.06 -12.15
N ASN F 103 52.53 -28.80 -13.13
CA ASN F 103 51.64 -29.60 -13.96
C ASN F 103 51.18 -30.85 -13.21
N VAL F 104 50.17 -31.52 -13.75
CA VAL F 104 49.58 -32.70 -13.14
C VAL F 104 49.88 -33.88 -14.06
N THR F 105 50.91 -34.66 -13.70
CA THR F 105 51.22 -35.91 -14.41
C THR F 105 50.71 -37.06 -13.55
N ASN F 106 49.42 -37.33 -13.68
CA ASN F 106 48.71 -38.33 -12.88
C ASN F 106 47.83 -39.19 -13.78
N ASN F 107 48.45 -39.75 -14.84
CA ASN F 107 47.73 -40.52 -15.86
C ASN F 107 46.75 -39.64 -16.62
N ILE F 108 47.25 -38.52 -17.14
CA ILE F 108 46.45 -37.59 -17.94
C ILE F 108 46.53 -37.99 -19.40
N THR F 109 45.42 -37.85 -20.12
CA THR F 109 45.41 -38.15 -21.53
C THR F 109 46.18 -37.08 -22.30
N ASP F 110 46.38 -37.34 -23.60
CA ASP F 110 47.16 -36.41 -24.42
C ASP F 110 46.47 -35.07 -24.61
N ASP F 111 45.13 -35.05 -24.61
CA ASP F 111 44.40 -33.81 -24.82
C ASP F 111 44.24 -32.99 -23.55
N MET F 112 44.58 -33.53 -22.39
CA MET F 112 44.46 -32.83 -21.11
C MET F 112 45.83 -32.42 -20.56
N ARG F 113 46.77 -32.12 -21.45
CA ARG F 113 48.11 -31.72 -21.03
C ARG F 113 48.10 -30.24 -20.65
N GLY F 114 48.31 -29.95 -19.37
CA GLY F 114 48.35 -28.59 -18.89
C GLY F 114 47.01 -27.99 -18.51
N GLU F 115 45.91 -28.70 -18.76
CA GLU F 115 44.60 -28.18 -18.38
C GLU F 115 44.46 -28.05 -16.87
N LEU F 116 44.98 -29.03 -16.13
CA LEU F 116 44.93 -29.02 -14.68
C LEU F 116 46.30 -28.66 -14.10
N LYS F 117 46.30 -27.85 -13.05
CA LYS F 117 47.52 -27.40 -12.41
C LYS F 117 47.41 -27.63 -10.91
N ASN F 118 48.43 -28.22 -10.32
CA ASN F 118 48.51 -28.48 -8.89
C ASN F 118 49.18 -27.26 -8.24
N CYS F 119 48.40 -26.51 -7.45
CA CYS F 119 48.85 -25.24 -6.90
C CYS F 119 48.86 -25.31 -5.38
N SER F 120 50.00 -24.95 -4.78
CA SER F 120 50.15 -24.89 -3.34
C SER F 120 50.36 -23.44 -2.92
N PHE F 121 49.82 -23.09 -1.76
CA PHE F 121 49.89 -21.70 -1.29
C PHE F 121 49.63 -21.66 0.20
N ASN F 122 50.03 -20.56 0.81
CA ASN F 122 49.72 -20.27 2.21
C ASN F 122 48.36 -19.62 2.32
N MET F 123 47.69 -19.86 3.44
CA MET F 123 46.36 -19.31 3.68
C MET F 123 46.12 -19.14 5.17
N THR F 124 45.37 -18.10 5.52
CA THR F 124 45.01 -17.87 6.91
C THR F 124 44.09 -18.97 7.40
N THR F 125 44.32 -19.42 8.63
CA THR F 125 43.45 -20.39 9.28
C THR F 125 42.46 -19.65 10.19
N GLU F 126 41.77 -20.41 11.04
CA GLU F 126 40.80 -19.80 11.96
C GLU F 126 41.46 -18.76 12.86
N LEU F 127 42.75 -18.88 13.11
CA LEU F 127 43.51 -17.89 13.86
C LEU F 127 44.35 -17.07 12.89
N ARG F 128 44.22 -15.74 12.97
CA ARG F 128 44.90 -14.88 12.01
C ARG F 128 46.41 -14.99 12.12
N ASP F 129 46.94 -15.06 13.34
CA ASP F 129 48.39 -15.13 13.52
C ASP F 129 48.99 -16.39 12.93
N LYS F 130 48.21 -17.47 12.80
CA LYS F 130 48.70 -18.72 12.25
C LYS F 130 48.31 -18.85 10.78
N LYS F 131 49.13 -19.58 10.03
CA LYS F 131 48.90 -19.79 8.62
C LYS F 131 49.16 -21.26 8.28
N GLN F 132 48.51 -21.73 7.22
CA GLN F 132 48.61 -23.12 6.81
C GLN F 132 48.97 -23.20 5.33
N LYS F 133 49.87 -24.14 5.00
CA LYS F 133 50.24 -24.39 3.61
C LYS F 133 49.36 -25.50 3.07
N VAL F 134 48.55 -25.17 2.06
CA VAL F 134 47.58 -26.11 1.51
C VAL F 134 47.73 -26.16 0.00
N TYR F 135 47.34 -27.30 -0.57
CA TYR F 135 47.42 -27.55 -2.00
C TYR F 135 46.04 -27.86 -2.56
N SER F 136 45.84 -27.52 -3.83
CA SER F 136 44.59 -27.77 -4.52
C SER F 136 44.87 -27.92 -6.01
N LEU F 137 43.81 -28.15 -6.77
CA LEU F 137 43.90 -28.28 -8.22
C LEU F 137 43.04 -27.22 -8.88
N PHE F 138 43.58 -26.58 -9.91
CA PHE F 138 42.88 -25.51 -10.61
C PHE F 138 42.98 -25.72 -12.11
N TYR F 139 41.91 -25.42 -12.82
CA TYR F 139 41.92 -25.54 -14.28
C TYR F 139 42.76 -24.43 -14.90
N ARG F 140 43.31 -24.72 -16.07
CA ARG F 140 44.22 -23.77 -16.73
C ARG F 140 43.53 -22.46 -17.04
N LEU F 141 42.22 -22.48 -17.28
CA LEU F 141 41.46 -21.27 -17.57
C LEU F 141 41.11 -20.47 -16.32
N ASP F 142 41.70 -20.82 -15.17
CA ASP F 142 41.44 -20.13 -13.92
C ASP F 142 42.66 -19.50 -13.28
N VAL F 143 43.86 -19.74 -13.81
CA VAL F 143 45.09 -19.21 -13.25
C VAL F 143 45.90 -18.57 -14.37
N VAL F 144 46.56 -17.47 -14.06
CA VAL F 144 47.40 -16.75 -15.01
C VAL F 144 48.80 -16.59 -14.40
N GLN F 145 49.82 -16.82 -15.21
CA GLN F 145 51.19 -16.73 -14.74
C GLN F 145 51.59 -15.27 -14.51
N ILE F 146 52.47 -15.06 -13.54
CA ILE F 146 53.03 -13.74 -13.26
C ILE F 146 54.55 -13.86 -13.27
N ASN F 147 55.19 -12.96 -14.03
CA ASN F 147 56.65 -12.99 -14.16
C ASN F 147 57.25 -11.68 -13.67
N SER F 157 63.30 -21.22 -14.10
CA SER F 157 63.11 -20.62 -12.78
C SER F 157 61.79 -21.06 -12.17
N ASN F 158 61.35 -20.36 -11.12
CA ASN F 158 60.10 -20.70 -10.46
C ASN F 158 58.91 -20.33 -11.34
N LYS F 159 57.77 -20.93 -11.01
CA LYS F 159 56.52 -20.69 -11.73
C LYS F 159 55.47 -20.22 -10.72
N GLU F 160 55.06 -18.97 -10.86
CA GLU F 160 54.07 -18.37 -9.95
C GLU F 160 52.83 -17.98 -10.73
N TYR F 161 51.67 -18.36 -10.21
CA TYR F 161 50.39 -18.08 -10.83
C TYR F 161 49.46 -17.42 -9.83
N ARG F 162 48.48 -16.69 -10.36
CA ARG F 162 47.46 -16.04 -9.55
C ARG F 162 46.10 -16.26 -10.18
N LEU F 163 45.07 -16.16 -9.35
CA LEU F 163 43.70 -16.30 -9.85
C LEU F 163 43.40 -15.20 -10.87
N ILE F 164 42.66 -15.58 -11.91
CA ILE F 164 42.42 -14.67 -13.03
C ILE F 164 41.63 -13.45 -12.59
N ASN F 165 40.83 -13.56 -11.53
CA ASN F 165 39.96 -12.49 -11.08
C ASN F 165 40.64 -11.52 -10.11
N CYS F 166 41.88 -11.82 -9.68
CA CYS F 166 42.48 -11.04 -8.60
C CYS F 166 42.66 -9.58 -8.98
N ASN F 167 42.90 -9.29 -10.25
CA ASN F 167 43.03 -7.91 -10.70
C ASN F 167 41.71 -7.29 -11.13
N THR F 168 40.60 -8.01 -10.99
CA THR F 168 39.28 -7.51 -11.34
C THR F 168 38.37 -7.35 -10.13
N SER F 169 38.18 -8.42 -9.35
CA SER F 169 37.33 -8.38 -8.17
C SER F 169 37.53 -9.68 -7.40
N ALA F 170 36.94 -9.73 -6.21
CA ALA F 170 37.01 -10.91 -5.35
C ALA F 170 35.73 -11.72 -5.52
N CYS F 171 35.90 -13.01 -5.83
CA CYS F 171 34.73 -13.86 -6.05
C CYS F 171 34.06 -14.23 -4.74
N THR F 172 32.81 -14.64 -4.85
CA THR F 172 31.99 -15.08 -3.72
C THR F 172 31.66 -16.54 -3.95
N GLN F 173 32.29 -17.43 -3.18
CA GLN F 173 32.05 -18.86 -3.32
C GLN F 173 30.58 -19.17 -3.07
N ALA F 174 29.99 -19.96 -3.97
CA ALA F 174 28.59 -20.31 -3.83
C ALA F 174 28.39 -21.28 -2.67
N CYS F 175 27.29 -21.12 -1.97
CA CYS F 175 26.99 -22.01 -0.85
C CYS F 175 26.70 -23.42 -1.37
N PRO F 176 27.39 -24.45 -0.86
CA PRO F 176 27.20 -25.80 -1.41
C PRO F 176 25.77 -26.32 -1.29
N LYS F 177 25.06 -25.96 -0.22
CA LYS F 177 23.69 -26.41 -0.05
C LYS F 177 22.75 -25.84 -1.11
N VAL F 178 23.08 -24.69 -1.68
CA VAL F 178 22.24 -24.07 -2.70
C VAL F 178 22.35 -24.86 -3.99
N SER F 179 21.20 -25.14 -4.61
CA SER F 179 21.14 -25.96 -5.82
C SER F 179 21.06 -25.06 -7.05
N PHE F 180 21.92 -25.35 -8.04
CA PHE F 180 21.92 -24.64 -9.31
C PHE F 180 20.90 -25.19 -10.30
N GLU F 181 20.19 -26.25 -9.94
CA GLU F 181 19.25 -26.87 -10.86
C GLU F 181 18.11 -25.91 -11.17
N PRO F 182 17.82 -25.63 -12.44
CA PRO F 182 16.67 -24.79 -12.77
C PRO F 182 15.37 -25.49 -12.40
N ILE F 183 14.37 -24.69 -12.05
CA ILE F 183 13.06 -25.19 -11.68
C ILE F 183 12.02 -24.47 -12.52
N PRO F 184 10.87 -25.10 -12.80
CA PRO F 184 9.80 -24.39 -13.51
C PRO F 184 9.34 -23.18 -12.74
N ILE F 185 9.09 -22.09 -13.46
CA ILE F 185 8.63 -20.84 -12.86
C ILE F 185 7.49 -20.30 -13.70
N HIS F 186 6.55 -19.64 -13.03
CA HIS F 186 5.40 -19.03 -13.68
C HIS F 186 5.38 -17.55 -13.35
N TYR F 187 4.97 -16.73 -14.32
CA TYR F 187 4.84 -15.30 -14.12
C TYR F 187 3.36 -14.92 -14.24
N CYS F 188 2.83 -14.29 -13.20
CA CYS F 188 1.42 -13.94 -13.14
C CYS F 188 1.29 -12.42 -13.06
N ALA F 189 0.38 -11.88 -13.86
CA ALA F 189 0.10 -10.45 -13.81
C ALA F 189 -0.70 -10.11 -12.57
N PRO F 190 -0.53 -8.91 -12.03
CA PRO F 190 -1.31 -8.49 -10.86
C PRO F 190 -2.75 -8.16 -11.26
N ALA F 191 -3.53 -7.71 -10.28
CA ALA F 191 -4.91 -7.33 -10.54
C ALA F 191 -4.96 -6.13 -11.49
N GLY F 192 -5.96 -6.13 -12.35
CA GLY F 192 -6.11 -5.08 -13.34
C GLY F 192 -5.32 -5.27 -14.61
N PHE F 193 -4.53 -6.34 -14.71
CA PHE F 193 -3.76 -6.64 -15.90
C PHE F 193 -4.03 -8.08 -16.33
N ALA F 194 -3.79 -8.34 -17.61
CA ALA F 194 -4.06 -9.65 -18.18
C ALA F 194 -2.86 -10.11 -19.01
N ILE F 195 -2.72 -11.43 -19.12
CA ILE F 195 -1.67 -12.06 -19.92
C ILE F 195 -2.33 -12.79 -21.07
N LEU F 196 -1.92 -12.46 -22.29
CA LEU F 196 -2.47 -13.03 -23.50
C LEU F 196 -1.47 -13.99 -24.12
N LYS F 197 -1.95 -15.19 -24.46
CA LYS F 197 -1.16 -16.24 -25.08
C LYS F 197 -1.68 -16.48 -26.49
N CYS F 198 -0.78 -16.46 -27.47
CA CYS F 198 -1.13 -16.73 -28.86
C CYS F 198 -1.04 -18.22 -29.11
N LYS F 199 -2.18 -18.85 -29.36
CA LYS F 199 -2.26 -20.30 -29.54
C LYS F 199 -1.96 -20.74 -30.97
N ASP F 200 -1.68 -19.80 -31.87
CA ASP F 200 -1.38 -20.16 -33.25
C ASP F 200 -0.11 -20.99 -33.33
N LYS F 201 -0.19 -22.14 -34.01
CA LYS F 201 0.95 -23.03 -34.13
C LYS F 201 1.92 -22.63 -35.23
N LYS F 202 1.53 -21.73 -36.12
CA LYS F 202 2.40 -21.23 -37.18
C LYS F 202 2.86 -19.80 -36.92
N PHE F 203 2.64 -19.28 -35.71
CA PHE F 203 3.05 -17.92 -35.39
C PHE F 203 4.57 -17.78 -35.49
N ASN F 204 5.02 -16.73 -36.18
CA ASN F 204 6.43 -16.53 -36.44
C ASN F 204 7.06 -15.50 -35.50
N GLY F 205 6.44 -15.24 -34.35
CA GLY F 205 6.99 -14.40 -33.33
C GLY F 205 6.50 -12.97 -33.33
N THR F 206 5.94 -12.50 -34.44
CA THR F 206 5.45 -11.13 -34.51
C THR F 206 4.29 -11.05 -35.50
N GLY F 207 3.46 -10.03 -35.32
CA GLY F 207 2.34 -9.81 -36.21
C GLY F 207 1.01 -10.18 -35.58
N PRO F 208 -0.01 -10.32 -36.42
CA PRO F 208 -1.34 -10.67 -35.91
C PRO F 208 -1.43 -12.14 -35.51
N CYS F 209 -2.33 -12.41 -34.55
CA CYS F 209 -2.62 -13.76 -34.10
C CYS F 209 -4.12 -13.89 -33.91
N PRO F 210 -4.78 -14.80 -34.64
CA PRO F 210 -6.24 -14.94 -34.51
C PRO F 210 -6.68 -15.88 -33.39
N SER F 211 -5.82 -16.83 -33.01
CA SER F 211 -6.13 -17.77 -31.94
C SER F 211 -5.45 -17.27 -30.67
N VAL F 212 -6.23 -16.65 -29.79
CA VAL F 212 -5.70 -15.99 -28.60
C VAL F 212 -6.44 -16.52 -27.38
N SER F 213 -5.75 -16.48 -26.24
CA SER F 213 -6.37 -16.86 -24.98
C SER F 213 -5.79 -15.98 -23.88
N THR F 214 -6.47 -15.95 -22.75
CA THR F 214 -6.02 -15.23 -21.57
C THR F 214 -5.73 -16.21 -20.44
N VAL F 215 -4.64 -15.96 -19.73
CA VAL F 215 -4.18 -16.80 -18.63
C VAL F 215 -3.70 -15.91 -17.50
N GLN F 216 -4.05 -16.26 -16.26
CA GLN F 216 -3.55 -15.50 -15.12
C GLN F 216 -2.05 -15.67 -15.00
N CYS F 217 -1.55 -16.89 -15.19
CA CYS F 217 -0.16 -17.24 -14.98
C CYS F 217 0.36 -17.97 -16.22
N THR F 218 1.60 -17.70 -16.58
CA THR F 218 2.18 -18.38 -17.73
C THR F 218 2.54 -19.83 -17.37
N HIS F 219 2.83 -20.62 -18.40
CA HIS F 219 3.26 -21.98 -18.19
C HIS F 219 4.64 -22.02 -17.55
N GLY F 220 4.99 -23.17 -16.98
CA GLY F 220 6.26 -23.33 -16.30
C GLY F 220 7.46 -23.05 -17.19
N ILE F 221 8.30 -22.11 -16.77
CA ILE F 221 9.48 -21.71 -17.51
C ILE F 221 10.71 -22.06 -16.68
N LYS F 222 11.66 -22.75 -17.31
CA LYS F 222 12.90 -23.11 -16.63
C LYS F 222 14.00 -22.14 -17.04
N PRO F 223 14.50 -21.31 -16.13
CA PRO F 223 15.53 -20.33 -16.53
C PRO F 223 16.88 -20.99 -16.79
N VAL F 224 16.99 -21.70 -17.90
CA VAL F 224 18.22 -22.39 -18.25
C VAL F 224 19.17 -21.38 -18.88
N VAL F 225 20.41 -21.34 -18.38
CA VAL F 225 21.44 -20.45 -18.90
C VAL F 225 22.28 -21.23 -19.89
N SER F 226 22.27 -20.80 -21.15
CA SER F 226 23.02 -21.49 -22.20
C SER F 226 23.35 -20.50 -23.31
N THR F 227 24.38 -20.85 -24.07
CA THR F 227 24.82 -20.06 -25.23
C THR F 227 24.96 -20.98 -26.42
N GLN F 228 24.58 -20.47 -27.60
CA GLN F 228 24.59 -21.19 -28.88
C GLN F 228 23.59 -22.33 -28.92
N LEU F 229 22.88 -22.59 -27.83
CA LEU F 229 21.92 -23.69 -27.76
C LEU F 229 20.82 -23.31 -26.78
N LEU F 230 19.66 -23.92 -26.95
CA LEU F 230 18.52 -23.71 -26.05
C LEU F 230 18.17 -25.06 -25.44
N LEU F 231 18.61 -25.26 -24.19
CA LEU F 231 18.48 -26.53 -23.51
C LEU F 231 17.20 -26.59 -22.70
N ASN F 232 16.52 -27.74 -22.77
CA ASN F 232 15.32 -28.01 -21.98
C ASN F 232 14.21 -27.00 -22.25
N GLY F 233 14.17 -26.46 -23.46
CA GLY F 233 13.18 -25.47 -23.83
C GLY F 233 11.91 -26.10 -24.38
N SER F 234 11.03 -25.24 -24.88
CA SER F 234 9.78 -25.68 -25.47
C SER F 234 10.02 -26.21 -26.88
N LEU F 235 9.00 -26.89 -27.42
CA LEU F 235 9.07 -27.48 -28.74
C LEU F 235 7.89 -27.02 -29.57
N ALA F 236 8.14 -26.57 -30.79
CA ALA F 236 7.07 -26.15 -31.68
C ALA F 236 6.24 -27.35 -32.11
N GLU F 237 4.92 -27.16 -32.14
CA GLU F 237 4.02 -28.26 -32.46
C GLU F 237 4.04 -28.59 -33.94
N GLU F 238 4.08 -27.57 -34.80
CA GLU F 238 3.95 -27.80 -36.23
C GLU F 238 5.23 -28.38 -36.83
N GLU F 239 6.32 -27.63 -36.76
CA GLU F 239 7.59 -28.04 -37.35
C GLU F 239 8.66 -27.09 -36.82
N VAL F 240 9.87 -27.18 -37.37
CA VAL F 240 10.94 -26.25 -37.00
C VAL F 240 10.54 -24.84 -37.43
N MET F 241 10.76 -23.89 -36.53
CA MET F 241 10.35 -22.51 -36.77
C MET F 241 11.55 -21.57 -36.61
N ILE F 242 11.51 -20.47 -37.34
CA ILE F 242 12.57 -19.47 -37.33
C ILE F 242 11.96 -18.11 -37.01
N ARG F 243 12.61 -17.37 -36.11
CA ARG F 243 12.15 -16.06 -35.71
C ARG F 243 13.31 -15.09 -35.75
N SER F 244 13.05 -13.87 -36.21
CA SER F 244 14.08 -12.85 -36.32
C SER F 244 13.41 -11.48 -36.31
N GLU F 245 14.07 -10.52 -35.65
CA GLU F 245 13.57 -9.15 -35.69
C GLU F 245 13.62 -8.59 -37.11
N ASN F 246 14.68 -8.90 -37.84
CA ASN F 246 14.82 -8.48 -39.23
C ASN F 246 15.63 -9.56 -39.94
N ILE F 247 14.95 -10.48 -40.63
CA ILE F 247 15.61 -11.61 -41.25
C ILE F 247 16.63 -11.15 -42.28
N THR F 248 16.30 -10.09 -43.03
CA THR F 248 17.23 -9.55 -44.01
C THR F 248 18.48 -8.99 -43.35
N ASN F 249 18.31 -8.31 -42.21
CA ASN F 249 19.45 -7.72 -41.52
C ASN F 249 20.27 -8.81 -40.83
N ASN F 250 21.56 -8.87 -41.15
CA ASN F 250 22.44 -9.88 -40.56
C ASN F 250 22.84 -9.54 -39.13
N ALA F 251 22.71 -8.28 -38.72
CA ALA F 251 23.10 -7.86 -37.37
C ALA F 251 22.15 -8.37 -36.30
N LYS F 252 21.00 -8.91 -36.69
CA LYS F 252 20.02 -9.40 -35.73
C LYS F 252 20.12 -10.92 -35.62
N ASN F 253 20.04 -11.41 -34.38
CA ASN F 253 20.14 -12.84 -34.14
C ASN F 253 18.90 -13.57 -34.66
N ILE F 254 19.07 -14.86 -34.92
CA ILE F 254 18.01 -15.72 -35.44
C ILE F 254 17.76 -16.81 -34.40
N LEU F 255 16.50 -16.95 -33.98
CA LEU F 255 16.10 -17.97 -33.02
C LEU F 255 15.43 -19.10 -33.76
N VAL F 256 15.96 -20.31 -33.61
CA VAL F 256 15.43 -21.50 -34.27
C VAL F 256 14.86 -22.42 -33.20
N GLN F 257 13.59 -22.81 -33.37
CA GLN F 257 12.90 -23.70 -32.45
C GLN F 257 12.68 -25.04 -33.14
N PHE F 258 13.08 -26.12 -32.47
CA PHE F 258 12.99 -27.46 -33.03
C PHE F 258 11.61 -28.05 -32.80
N ASN F 259 11.15 -28.84 -33.77
CA ASN F 259 9.91 -29.58 -33.60
C ASN F 259 10.09 -30.76 -32.65
N THR F 260 11.27 -31.38 -32.65
CA THR F 260 11.57 -32.51 -31.80
C THR F 260 12.88 -32.27 -31.07
N PRO F 261 13.00 -32.68 -29.81
CA PRO F 261 14.24 -32.46 -29.07
C PRO F 261 15.36 -33.38 -29.56
N VAL F 262 16.59 -32.97 -29.28
CA VAL F 262 17.77 -33.77 -29.55
C VAL F 262 18.41 -34.11 -28.21
N GLN F 263 18.55 -35.40 -27.93
CA GLN F 263 19.11 -35.82 -26.65
C GLN F 263 20.62 -35.60 -26.65
N ILE F 264 21.12 -34.92 -25.64
CA ILE F 264 22.54 -34.62 -25.49
C ILE F 264 23.00 -35.13 -24.12
N ASN F 265 24.07 -35.91 -24.11
CA ASN F 265 24.63 -36.46 -22.88
C ASN F 265 25.96 -35.76 -22.60
N CYS F 266 26.00 -34.98 -21.53
CA CYS F 266 27.19 -34.23 -21.14
C CYS F 266 27.78 -34.84 -19.88
N THR F 267 29.06 -35.20 -19.93
CA THR F 267 29.68 -35.92 -18.83
C THR F 267 31.08 -35.39 -18.54
N ARG F 268 31.37 -35.28 -17.24
CA ARG F 268 32.72 -35.10 -16.72
C ARG F 268 33.11 -36.39 -16.01
N PRO F 269 33.98 -37.22 -16.58
CA PRO F 269 34.27 -38.54 -15.99
C PRO F 269 35.29 -38.53 -14.88
N ASN F 270 35.93 -37.40 -14.60
CA ASN F 270 36.92 -37.35 -13.53
C ASN F 270 36.25 -37.53 -12.17
N ASN F 271 36.85 -38.38 -11.34
CA ASN F 271 36.34 -38.62 -9.98
C ASN F 271 36.94 -37.56 -9.06
N ASN F 272 36.29 -36.40 -9.03
CA ASN F 272 36.76 -35.28 -8.25
C ASN F 272 36.57 -35.53 -6.77
N THR F 273 37.40 -34.86 -5.96
CA THR F 273 37.31 -34.93 -4.50
C THR F 273 37.24 -33.52 -3.94
N ARG F 274 36.35 -33.33 -2.98
CA ARG F 274 36.15 -32.04 -2.33
C ARG F 274 36.91 -32.02 -1.01
N LYS F 275 37.69 -30.96 -0.80
CA LYS F 275 38.46 -30.78 0.43
C LYS F 275 38.06 -29.47 1.08
N SER F 276 37.80 -29.52 2.38
CA SER F 276 37.36 -28.36 3.14
C SER F 276 38.56 -27.71 3.84
N ILE F 277 38.70 -26.40 3.68
CA ILE F 277 39.77 -25.63 4.31
C ILE F 277 39.13 -24.52 5.14
N ARG F 278 39.60 -24.37 6.38
CA ARG F 278 39.06 -23.37 7.29
C ARG F 278 39.82 -22.06 7.08
N ILE F 279 39.22 -21.15 6.31
CA ILE F 279 39.84 -19.85 6.08
C ILE F 279 39.84 -19.03 7.36
N GLY F 280 38.71 -18.99 8.06
CA GLY F 280 38.60 -18.24 9.28
C GLY F 280 37.44 -18.71 10.14
N PRO F 281 36.85 -17.80 10.90
CA PRO F 281 35.70 -18.17 11.74
C PRO F 281 34.47 -18.49 10.90
N GLY F 282 34.12 -19.78 10.82
CA GLY F 282 32.97 -20.18 10.03
C GLY F 282 33.12 -19.99 8.54
N GLN F 283 34.34 -19.83 8.05
CA GLN F 283 34.60 -19.65 6.63
C GLN F 283 35.21 -20.94 6.08
N ALA F 284 34.47 -21.61 5.20
CA ALA F 284 34.90 -22.87 4.62
C ALA F 284 35.12 -22.69 3.12
N PHE F 285 36.28 -23.14 2.64
CA PHE F 285 36.62 -23.10 1.23
C PHE F 285 36.71 -24.51 0.71
N TYR F 286 36.03 -24.79 -0.40
CA TYR F 286 35.98 -26.12 -0.99
C TYR F 286 36.93 -26.16 -2.18
N ALA F 287 37.93 -27.02 -2.11
CA ALA F 287 38.96 -27.13 -3.12
C ALA F 287 38.93 -28.51 -3.77
N THR F 288 39.49 -28.59 -4.98
CA THR F 288 39.55 -29.84 -5.72
C THR F 288 40.81 -30.59 -5.29
N GLY F 289 40.62 -31.72 -4.61
CA GLY F 289 41.71 -32.56 -4.18
C GLY F 289 42.18 -33.50 -5.26
N ASP F 290 42.97 -34.49 -4.84
CA ASP F 290 43.52 -35.46 -5.77
C ASP F 290 42.39 -36.24 -6.46
N ILE F 291 42.52 -36.41 -7.77
CA ILE F 291 41.53 -37.15 -8.55
C ILE F 291 41.85 -38.64 -8.46
N ILE F 292 40.84 -39.43 -8.11
CA ILE F 292 41.00 -40.88 -8.04
C ILE F 292 40.91 -41.44 -9.45
N GLY F 293 41.91 -42.22 -9.84
CA GLY F 293 41.87 -42.92 -11.11
C GLY F 293 42.34 -42.08 -12.27
N ASP F 294 41.92 -42.51 -13.46
CA ASP F 294 42.33 -41.87 -14.70
C ASP F 294 41.66 -40.50 -14.83
N ILE F 295 42.29 -39.64 -15.64
CA ILE F 295 41.80 -38.30 -15.93
C ILE F 295 41.46 -38.22 -17.40
N ARG F 296 40.22 -37.84 -17.70
CA ARG F 296 39.75 -37.75 -19.08
C ARG F 296 39.00 -36.44 -19.27
N GLN F 297 39.01 -35.95 -20.51
CA GLN F 297 38.37 -34.70 -20.83
C GLN F 297 36.85 -34.83 -20.75
N ALA F 298 36.20 -33.83 -20.17
CA ALA F 298 34.74 -33.79 -20.18
C ALA F 298 34.23 -33.56 -21.59
N HIS F 299 33.17 -34.28 -21.95
CA HIS F 299 32.69 -34.26 -23.33
C HIS F 299 31.18 -34.39 -23.37
N CYS F 300 30.61 -33.97 -24.50
CA CYS F 300 29.19 -34.12 -24.73
C CYS F 300 28.93 -34.89 -26.03
N ASN F 301 27.95 -35.78 -25.98
CA ASN F 301 27.60 -36.65 -27.08
C ASN F 301 26.20 -36.31 -27.59
N VAL F 302 26.03 -36.37 -28.91
CA VAL F 302 24.73 -36.21 -29.55
C VAL F 302 24.60 -37.28 -30.63
N SER F 303 23.36 -37.52 -31.06
CA SER F 303 23.10 -38.50 -32.11
C SER F 303 23.37 -37.87 -33.47
N LYS F 304 24.24 -38.51 -34.26
CA LYS F 304 24.61 -37.96 -35.55
C LYS F 304 23.42 -37.92 -36.51
N ALA F 305 22.64 -39.00 -36.57
CA ALA F 305 21.50 -39.05 -37.48
C ALA F 305 20.43 -38.05 -37.10
N THR F 306 20.12 -37.96 -35.81
CA THR F 306 19.10 -37.00 -35.36
C THR F 306 19.54 -35.57 -35.63
N TRP F 307 20.80 -35.25 -35.34
CA TRP F 307 21.32 -33.92 -35.61
C TRP F 307 21.29 -33.62 -37.10
N ASN F 308 21.63 -34.60 -37.94
CA ASN F 308 21.60 -34.40 -39.38
C ASN F 308 20.19 -34.13 -39.89
N GLU F 309 19.21 -34.89 -39.39
CA GLU F 309 17.84 -34.67 -39.82
C GLU F 309 17.31 -33.33 -39.33
N THR F 310 17.67 -32.93 -38.11
CA THR F 310 17.26 -31.62 -37.60
C THR F 310 17.88 -30.50 -38.41
N LEU F 311 19.16 -30.65 -38.77
CA LEU F 311 19.82 -29.65 -39.59
C LEU F 311 19.19 -29.58 -40.98
N GLY F 312 18.79 -30.73 -41.53
CA GLY F 312 18.11 -30.72 -42.82
C GLY F 312 16.77 -29.99 -42.76
N LYS F 313 15.99 -30.25 -41.70
CA LYS F 313 14.73 -29.52 -41.54
C LYS F 313 14.97 -28.02 -41.38
N VAL F 314 15.98 -27.65 -40.60
CA VAL F 314 16.33 -26.24 -40.42
C VAL F 314 16.73 -25.63 -41.76
N VAL F 315 17.49 -26.38 -42.57
CA VAL F 315 17.92 -25.89 -43.87
C VAL F 315 16.72 -25.66 -44.78
N LYS F 316 15.76 -26.58 -44.77
CA LYS F 316 14.56 -26.40 -45.58
C LYS F 316 13.78 -25.17 -45.14
N GLN F 317 13.59 -25.01 -43.83
CA GLN F 317 12.83 -23.86 -43.34
C GLN F 317 13.57 -22.55 -43.59
N LEU F 318 14.90 -22.58 -43.61
CA LEU F 318 15.68 -21.39 -43.94
C LEU F 318 15.61 -21.07 -45.42
N ARG F 319 15.63 -22.09 -46.27
CA ARG F 319 15.46 -21.89 -47.71
C ARG F 319 14.09 -21.33 -48.01
N LYS F 320 13.09 -21.66 -47.18
CA LYS F 320 11.78 -21.04 -47.33
C LYS F 320 11.83 -19.53 -47.20
N HIS F 321 12.86 -18.98 -46.56
CA HIS F 321 13.01 -17.54 -46.41
C HIS F 321 14.10 -16.94 -47.29
N PHE F 322 15.12 -17.71 -47.65
CA PHE F 322 16.27 -17.20 -48.39
C PHE F 322 16.29 -17.71 -49.83
N GLY F 323 15.18 -18.23 -50.33
CA GLY F 323 15.15 -18.76 -51.67
C GLY F 323 15.46 -20.24 -51.72
N ASN F 324 14.82 -20.92 -52.68
CA ASN F 324 14.99 -22.37 -52.79
C ASN F 324 16.38 -22.74 -53.28
N ASN F 325 16.89 -22.03 -54.29
CA ASN F 325 18.19 -22.33 -54.88
C ASN F 325 19.27 -21.47 -54.22
N THR F 326 19.57 -21.82 -52.97
CA THR F 326 20.60 -21.13 -52.21
C THR F 326 21.41 -22.16 -51.43
N ILE F 327 22.73 -22.02 -51.46
CA ILE F 327 23.63 -22.92 -50.74
C ILE F 327 23.67 -22.48 -49.28
N ILE F 328 23.41 -23.42 -48.38
CA ILE F 328 23.33 -23.12 -46.95
C ILE F 328 24.54 -23.76 -46.27
N ARG F 329 25.40 -22.93 -45.67
CA ARG F 329 26.62 -23.41 -45.04
C ARG F 329 26.60 -23.11 -43.55
N PHE F 330 27.24 -23.99 -42.78
CA PHE F 330 27.36 -23.83 -41.34
C PHE F 330 28.83 -23.72 -40.98
N ALA F 331 29.16 -22.72 -40.15
CA ALA F 331 30.52 -22.51 -39.69
C ALA F 331 30.50 -22.27 -38.19
N ASN F 332 31.61 -22.59 -37.54
CA ASN F 332 31.72 -22.37 -36.10
C ASN F 332 31.83 -20.87 -35.80
N SER F 333 31.88 -20.55 -34.51
CA SER F 333 31.94 -19.16 -34.09
C SER F 333 33.20 -18.49 -34.61
N SER F 334 33.06 -17.24 -35.04
CA SER F 334 34.19 -16.52 -35.63
C SER F 334 35.30 -16.30 -34.62
N GLY F 335 34.95 -15.88 -33.42
CA GLY F 335 35.94 -15.63 -32.39
C GLY F 335 35.43 -14.66 -31.35
N GLY F 336 36.23 -14.49 -30.31
CA GLY F 336 35.90 -13.65 -29.19
C GLY F 336 36.22 -14.36 -27.89
N ASP F 337 35.55 -13.92 -26.82
CA ASP F 337 35.76 -14.53 -25.51
C ASP F 337 35.17 -15.93 -25.46
N LEU F 338 35.68 -16.73 -24.52
CA LEU F 338 35.27 -18.13 -24.41
C LEU F 338 33.78 -18.29 -24.14
N GLU F 339 33.15 -17.27 -23.54
CA GLU F 339 31.73 -17.37 -23.23
C GLU F 339 30.87 -17.48 -24.49
N VAL F 340 31.19 -16.71 -25.52
CA VAL F 340 30.37 -16.72 -26.73
C VAL F 340 30.93 -17.70 -27.78
N THR F 341 32.22 -17.97 -27.76
CA THR F 341 32.80 -18.89 -28.75
C THR F 341 32.55 -20.35 -28.40
N THR F 342 32.06 -20.65 -27.20
CA THR F 342 31.77 -22.01 -26.80
C THR F 342 30.39 -22.08 -26.18
N HIS F 343 29.78 -23.25 -26.28
CA HIS F 343 28.48 -23.51 -25.67
C HIS F 343 28.67 -23.61 -24.17
N SER F 344 28.28 -22.57 -23.45
CA SER F 344 28.48 -22.48 -22.01
C SER F 344 27.17 -22.74 -21.29
N PHE F 345 27.19 -23.64 -20.31
CA PHE F 345 25.98 -23.98 -19.57
C PHE F 345 26.38 -24.62 -18.24
N ASN F 346 25.37 -25.05 -17.49
CA ASN F 346 25.57 -25.68 -16.19
C ASN F 346 25.01 -27.10 -16.22
N CYS F 347 25.73 -28.02 -15.58
CA CYS F 347 25.37 -29.44 -15.51
C CYS F 347 25.72 -29.93 -14.11
N GLY F 348 24.69 -30.18 -13.31
CA GLY F 348 24.89 -30.74 -11.98
C GLY F 348 25.76 -29.88 -11.08
N GLY F 349 25.69 -28.56 -11.26
CA GLY F 349 26.50 -27.65 -10.48
C GLY F 349 27.85 -27.31 -11.07
N GLU F 350 28.24 -27.94 -12.18
CA GLU F 350 29.52 -27.67 -12.81
C GLU F 350 29.30 -26.94 -14.13
N PHE F 351 30.15 -25.95 -14.42
CA PHE F 351 30.00 -25.13 -15.61
C PHE F 351 30.83 -25.71 -16.75
N PHE F 352 30.18 -25.93 -17.89
CA PHE F 352 30.78 -26.53 -19.06
C PHE F 352 30.86 -25.50 -20.17
N TYR F 353 31.98 -25.56 -20.92
CA TYR F 353 32.23 -24.70 -22.08
C TYR F 353 32.62 -25.65 -23.21
N CYS F 354 31.70 -25.94 -24.11
CA CYS F 354 31.88 -26.98 -25.10
C CYS F 354 32.21 -26.40 -26.46
N ASN F 355 33.16 -27.02 -27.15
CA ASN F 355 33.61 -26.57 -28.47
C ASN F 355 32.69 -27.19 -29.52
N THR F 356 31.81 -26.38 -30.09
CA THR F 356 30.76 -26.86 -30.99
C THR F 356 31.16 -26.81 -32.45
N SER F 357 32.47 -26.84 -32.76
CA SER F 357 32.90 -26.83 -34.15
C SER F 357 32.48 -28.09 -34.89
N GLY F 358 32.19 -29.18 -34.18
CA GLY F 358 31.75 -30.41 -34.79
C GLY F 358 30.26 -30.51 -35.06
N LEU F 359 29.49 -29.50 -34.66
CA LEU F 359 28.04 -29.49 -34.90
C LEU F 359 27.59 -28.47 -35.92
N PHE F 360 28.46 -27.51 -36.27
CA PHE F 360 28.11 -26.50 -37.27
C PHE F 360 29.16 -26.51 -38.38
N ASN F 361 29.45 -27.69 -38.91
CA ASN F 361 30.47 -27.87 -39.95
C ASN F 361 29.82 -28.69 -41.06
N SER F 362 29.12 -28.01 -41.98
CA SER F 362 28.41 -28.70 -43.05
C SER F 362 28.08 -27.71 -44.15
N THR F 363 27.75 -28.26 -45.32
CA THR F 363 27.31 -27.49 -46.46
C THR F 363 26.16 -28.22 -47.14
N TRP F 364 25.15 -27.48 -47.55
CA TRP F 364 23.94 -28.03 -48.15
C TRP F 364 23.72 -27.35 -49.50
N ILE F 365 23.64 -28.17 -50.55
CA ILE F 365 23.40 -27.69 -51.91
C ILE F 365 21.90 -27.60 -52.15
N SER F 366 21.51 -26.96 -53.25
CA SER F 366 20.11 -26.66 -53.52
C SER F 366 19.26 -27.89 -53.81
N ASN F 367 19.87 -29.06 -53.99
CA ASN F 367 19.13 -30.28 -54.33
C ASN F 367 18.04 -30.59 -53.32
N ASN F 379 24.12 -45.51 -35.69
CA ASN F 379 24.28 -45.55 -34.24
C ASN F 379 25.47 -44.70 -33.80
N ASP F 380 26.17 -44.13 -34.77
CA ASP F 380 27.33 -43.29 -34.48
C ASP F 380 26.89 -42.04 -33.72
N SER F 381 27.75 -41.59 -32.81
CA SER F 381 27.48 -40.42 -31.99
C SER F 381 28.57 -39.38 -32.20
N ILE F 382 28.14 -38.12 -32.32
CA ILE F 382 29.07 -37.00 -32.41
C ILE F 382 29.52 -36.64 -31.00
N THR F 383 30.83 -36.66 -30.79
CA THR F 383 31.44 -36.33 -29.50
C THR F 383 32.19 -35.02 -29.63
N LEU F 384 31.91 -34.08 -28.73
CA LEU F 384 32.64 -32.83 -28.77
C LEU F 384 33.23 -32.53 -27.39
N PRO F 385 34.43 -31.96 -27.36
CA PRO F 385 35.11 -31.71 -26.08
C PRO F 385 34.51 -30.53 -25.34
N CYS F 386 34.72 -30.53 -24.02
CA CYS F 386 34.24 -29.47 -23.16
C CYS F 386 35.28 -29.18 -22.09
N ARG F 387 35.33 -27.92 -21.66
CA ARG F 387 36.26 -27.46 -20.64
C ARG F 387 35.47 -26.98 -19.42
N ILE F 388 36.13 -27.02 -18.27
CA ILE F 388 35.51 -26.71 -16.99
C ILE F 388 36.20 -25.49 -16.40
N LYS F 389 35.41 -24.52 -15.97
CA LYS F 389 35.92 -23.31 -15.32
C LYS F 389 35.23 -23.16 -13.97
N GLN F 390 36.03 -22.99 -12.91
CA GLN F 390 35.49 -22.85 -11.57
C GLN F 390 35.14 -21.41 -11.22
N ILE F 391 35.60 -20.44 -11.99
CA ILE F 391 35.28 -19.03 -11.78
C ILE F 391 34.43 -18.56 -12.94
N ILE F 392 33.29 -17.95 -12.63
CA ILE F 392 32.28 -17.62 -13.64
C ILE F 392 31.94 -16.14 -13.52
N ASN F 393 31.97 -15.44 -14.65
CA ASN F 393 31.49 -14.06 -14.75
C ASN F 393 30.34 -14.10 -15.76
N MET F 394 29.15 -14.41 -15.28
CA MET F 394 27.98 -14.54 -16.13
C MET F 394 27.22 -13.23 -16.20
N TRP F 395 26.20 -13.21 -17.07
CA TRP F 395 25.42 -12.02 -17.40
C TRP F 395 26.28 -10.94 -18.05
N GLN F 396 27.45 -11.31 -18.57
CA GLN F 396 28.41 -10.40 -19.20
C GLN F 396 28.84 -9.27 -18.26
N ARG F 397 28.71 -9.48 -16.95
CA ARG F 397 29.07 -8.47 -15.97
C ARG F 397 30.56 -8.57 -15.63
N ILE F 398 31.11 -7.44 -15.17
CA ILE F 398 32.51 -7.34 -14.78
C ILE F 398 32.57 -6.86 -13.34
N GLY F 399 33.34 -7.54 -12.51
CA GLY F 399 33.45 -7.21 -11.10
C GLY F 399 32.64 -8.08 -10.17
N GLN F 400 31.88 -9.04 -10.69
CA GLN F 400 31.10 -9.98 -9.88
C GLN F 400 31.36 -11.38 -10.42
N CYS F 401 32.24 -12.12 -9.75
CA CYS F 401 32.62 -13.47 -10.12
C CYS F 401 32.21 -14.45 -9.03
N MET F 402 31.83 -15.65 -9.43
CA MET F 402 31.47 -16.71 -8.50
C MET F 402 32.45 -17.86 -8.66
N TYR F 403 32.88 -18.42 -7.53
CA TYR F 403 33.74 -19.60 -7.52
C TYR F 403 32.84 -20.82 -7.37
N ALA F 404 32.74 -21.62 -8.43
CA ALA F 404 31.91 -22.81 -8.40
C ALA F 404 32.61 -23.91 -7.61
N PRO F 405 32.02 -24.41 -6.53
CA PRO F 405 32.69 -25.46 -5.75
C PRO F 405 32.78 -26.75 -6.56
N PRO F 406 33.84 -27.53 -6.36
CA PRO F 406 33.92 -28.84 -7.02
C PRO F 406 32.92 -29.81 -6.42
N ILE F 407 32.55 -30.81 -7.22
CA ILE F 407 31.56 -31.81 -6.85
C ILE F 407 32.20 -33.19 -6.92
N GLN F 408 32.05 -33.96 -5.85
CA GLN F 408 32.67 -35.27 -5.77
C GLN F 408 32.03 -36.23 -6.77
N GLY F 409 32.84 -37.17 -7.27
CA GLY F 409 32.37 -38.19 -8.17
C GLY F 409 32.24 -37.69 -9.60
N VAL F 410 31.83 -38.61 -10.47
CA VAL F 410 31.61 -38.26 -11.87
C VAL F 410 30.36 -37.41 -12.00
N ILE F 411 30.27 -36.70 -13.13
CA ILE F 411 29.12 -35.85 -13.42
C ILE F 411 28.52 -36.31 -14.74
N ARG F 412 27.20 -36.53 -14.77
CA ARG F 412 26.51 -36.97 -15.97
C ARG F 412 25.16 -36.29 -16.02
N CYS F 413 24.83 -35.70 -17.17
CA CYS F 413 23.52 -35.09 -17.35
C CYS F 413 23.00 -35.36 -18.76
N VAL F 414 21.69 -35.55 -18.84
CA VAL F 414 21.00 -35.77 -20.11
C VAL F 414 20.04 -34.61 -20.30
N SER F 415 20.16 -33.91 -21.44
CA SER F 415 19.38 -32.72 -21.69
C SER F 415 18.79 -32.78 -23.10
N ASN F 416 17.86 -31.87 -23.37
CA ASN F 416 17.21 -31.75 -24.66
C ASN F 416 17.66 -30.46 -25.32
N ILE F 417 18.24 -30.57 -26.51
CA ILE F 417 18.49 -29.43 -27.37
C ILE F 417 17.21 -29.19 -28.17
N THR F 418 16.60 -28.02 -27.97
CA THR F 418 15.35 -27.67 -28.62
C THR F 418 15.42 -26.40 -29.44
N GLY F 419 16.55 -25.68 -29.40
CA GLY F 419 16.64 -24.44 -30.15
C GLY F 419 18.08 -24.04 -30.38
N LEU F 420 18.25 -23.09 -31.30
CA LEU F 420 19.55 -22.55 -31.66
C LEU F 420 19.47 -21.04 -31.75
N ILE F 421 20.61 -20.40 -31.48
CA ILE F 421 20.81 -18.97 -31.70
C ILE F 421 21.88 -18.83 -32.78
N LEU F 422 21.50 -18.26 -33.92
CA LEU F 422 22.37 -18.22 -35.08
C LEU F 422 22.57 -16.79 -35.55
N THR F 423 23.67 -16.57 -36.25
CA THR F 423 24.01 -15.28 -36.84
C THR F 423 24.46 -15.50 -38.27
N ARG F 424 23.99 -14.64 -39.17
CA ARG F 424 24.30 -14.74 -40.58
C ARG F 424 25.45 -13.80 -40.93
N ASP F 425 26.44 -14.32 -41.65
CA ASP F 425 27.56 -13.51 -42.09
C ASP F 425 27.13 -12.60 -43.24
N GLY F 426 27.64 -11.38 -43.24
CA GLY F 426 27.30 -10.43 -44.28
C GLY F 426 27.84 -10.81 -45.64
N GLY F 427 26.96 -11.23 -46.55
CA GLY F 427 27.36 -11.61 -47.88
C GLY F 427 27.38 -10.43 -48.83
N SER F 428 28.37 -10.41 -49.71
CA SER F 428 28.51 -9.33 -50.68
C SER F 428 27.61 -9.60 -51.88
N THR F 429 26.71 -8.66 -52.16
CA THR F 429 25.73 -8.77 -53.25
C THR F 429 24.95 -10.08 -53.05
N ASN F 430 24.72 -10.85 -54.10
CA ASN F 430 24.02 -12.13 -54.02
C ASN F 430 25.01 -13.22 -54.42
N SER F 431 25.72 -13.76 -53.44
CA SER F 431 26.72 -14.80 -53.66
C SER F 431 26.11 -16.21 -53.70
N THR F 432 24.79 -16.30 -53.90
CA THR F 432 24.04 -17.57 -53.98
C THR F 432 24.45 -18.56 -52.89
N THR F 433 24.91 -18.05 -51.75
CA THR F 433 25.26 -18.90 -50.62
C THR F 433 25.13 -18.07 -49.34
N GLU F 434 24.86 -18.77 -48.24
CA GLU F 434 24.71 -18.13 -46.94
C GLU F 434 25.37 -19.00 -45.88
N THR F 435 26.08 -18.36 -44.95
CA THR F 435 26.74 -19.06 -43.86
C THR F 435 26.15 -18.60 -42.54
N PHE F 436 25.80 -19.56 -41.68
CA PHE F 436 25.24 -19.30 -40.36
C PHE F 436 26.18 -19.86 -39.30
N ARG F 437 26.41 -19.08 -38.25
CA ARG F 437 27.31 -19.47 -37.18
C ARG F 437 26.63 -19.33 -35.83
N PRO F 438 26.96 -20.19 -34.87
CA PRO F 438 26.40 -20.02 -33.52
C PRO F 438 26.87 -18.71 -32.91
N GLY F 439 25.96 -18.08 -32.16
CA GLY F 439 26.26 -16.81 -31.54
C GLY F 439 25.63 -16.65 -30.17
N GLY F 440 24.99 -15.51 -29.94
CA GLY F 440 24.34 -15.26 -28.67
C GLY F 440 25.08 -14.26 -27.81
N GLY F 441 25.35 -14.63 -26.56
CA GLY F 441 25.97 -13.75 -25.61
C GLY F 441 25.01 -12.91 -24.81
N ASP F 442 23.77 -12.79 -25.25
CA ASP F 442 22.72 -12.05 -24.54
C ASP F 442 21.68 -13.07 -24.09
N MET F 443 21.53 -13.21 -22.77
CA MET F 443 20.56 -14.17 -22.24
C MET F 443 19.12 -13.77 -22.58
N ARG F 444 18.90 -12.51 -22.96
CA ARG F 444 17.57 -12.08 -23.37
C ARG F 444 17.08 -12.85 -24.58
N ASP F 445 17.98 -13.18 -25.51
CA ASP F 445 17.62 -14.01 -26.64
C ASP F 445 17.18 -15.41 -26.19
N ASN F 446 17.89 -15.96 -25.21
CA ASN F 446 17.48 -17.26 -24.65
C ASN F 446 16.11 -17.17 -24.00
N TRP F 447 15.84 -16.09 -23.27
CA TRP F 447 14.55 -15.93 -22.62
C TRP F 447 13.43 -15.75 -23.64
N ARG F 448 13.73 -15.08 -24.75
CA ARG F 448 12.70 -14.78 -25.75
C ARG F 448 12.09 -16.03 -26.37
N SER F 449 12.78 -17.17 -26.29
CA SER F 449 12.27 -18.39 -26.90
C SER F 449 11.07 -18.96 -26.15
N GLU F 450 10.88 -18.58 -24.88
CA GLU F 450 9.78 -19.10 -24.09
C GLU F 450 8.66 -18.10 -23.88
N LEU F 451 8.96 -16.81 -23.92
CA LEU F 451 7.98 -15.76 -23.72
C LEU F 451 7.50 -15.14 -25.02
N TYR F 452 7.79 -15.76 -26.16
CA TYR F 452 7.38 -15.21 -27.45
C TYR F 452 5.87 -15.16 -27.59
N LYS F 453 5.18 -16.18 -27.06
CA LYS F 453 3.74 -16.29 -27.22
C LYS F 453 2.95 -15.50 -26.18
N TYR F 454 3.63 -14.83 -25.25
CA TYR F 454 2.97 -14.16 -24.13
C TYR F 454 3.10 -12.66 -24.27
N LYS F 455 2.03 -11.95 -23.90
CA LYS F 455 2.00 -10.49 -23.91
C LYS F 455 1.23 -10.01 -22.68
N VAL F 456 1.52 -8.80 -22.24
CA VAL F 456 0.87 -8.20 -21.08
C VAL F 456 0.01 -7.03 -21.55
N VAL F 457 -1.24 -6.98 -21.08
CA VAL F 457 -2.17 -5.92 -21.44
C VAL F 457 -2.81 -5.37 -20.17
N LYS F 458 -3.26 -4.12 -20.27
CA LYS F 458 -3.89 -3.41 -19.16
C LYS F 458 -5.35 -3.12 -19.50
N ILE F 459 -6.24 -3.38 -18.54
CA ILE F 459 -7.67 -3.25 -18.75
C ILE F 459 -8.07 -1.78 -18.61
N GLU F 460 -9.12 -1.39 -19.34
CA GLU F 460 -9.71 -0.06 -19.25
C GLU F 460 -11.21 -0.23 -19.05
N PRO F 461 -11.65 -0.55 -17.83
CA PRO F 461 -13.05 -0.93 -17.62
C PRO F 461 -14.05 0.16 -17.98
N LEU F 462 -13.65 1.44 -17.96
CA LEU F 462 -14.58 2.50 -18.33
C LEU F 462 -14.87 2.49 -19.83
N GLY F 463 -16.11 2.81 -20.19
CA GLY F 463 -16.47 2.93 -21.59
C GLY F 463 -17.74 3.72 -21.83
N VAL F 464 -17.73 4.66 -22.77
CA VAL F 464 -18.91 5.46 -23.08
C VAL F 464 -19.55 4.91 -24.35
N ALA F 465 -20.87 4.81 -24.35
CA ALA F 465 -21.62 4.24 -25.46
C ALA F 465 -22.85 5.08 -25.73
N PRO F 466 -23.37 5.05 -26.97
CA PRO F 466 -24.63 5.73 -27.25
C PRO F 466 -25.83 4.83 -26.99
N THR F 467 -26.76 5.29 -26.14
CA THR F 467 -27.94 4.52 -25.78
C THR F 467 -29.12 5.48 -25.69
N ARG F 468 -30.29 5.02 -26.16
CA ARG F 468 -31.48 5.85 -26.20
C ARG F 468 -31.95 6.28 -24.81
N CYS F 469 -31.56 5.54 -23.76
CA CYS F 469 -32.01 5.85 -22.42
C CYS F 469 -31.48 7.21 -21.96
N LYS F 470 -32.32 7.95 -21.24
CA LYS F 470 -31.98 9.26 -20.71
C LYS F 470 -32.29 9.30 -19.23
N ARG F 471 -31.29 9.69 -18.43
CA ARG F 471 -31.47 9.68 -16.98
C ARG F 471 -32.56 10.67 -16.57
N ARG F 472 -33.21 10.36 -15.44
CA ARG F 472 -34.30 11.20 -14.97
C ARG F 472 -33.79 12.58 -14.60
N VAL F 473 -34.64 13.58 -14.83
CA VAL F 473 -34.29 14.97 -14.52
C VAL F 473 -34.69 15.28 -13.08
N GLN G 1 -26.62 -20.20 -25.30
CA GLN G 1 -27.17 -20.12 -26.65
C GLN G 1 -26.33 -21.00 -27.56
N VAL G 2 -26.54 -22.32 -27.42
CA VAL G 2 -25.85 -23.32 -28.21
C VAL G 2 -26.88 -24.11 -29.03
N GLN G 3 -26.70 -24.11 -30.35
CA GLN G 3 -27.56 -24.87 -31.25
C GLN G 3 -26.72 -25.96 -31.92
N LEU G 4 -27.17 -27.20 -31.82
CA LEU G 4 -26.42 -28.36 -32.29
C LEU G 4 -27.12 -28.96 -33.50
N GLU G 5 -26.37 -29.17 -34.58
CA GLU G 5 -26.89 -29.72 -35.82
C GLU G 5 -26.25 -31.06 -36.10
N GLU G 6 -27.05 -31.98 -36.62
CA GLU G 6 -26.63 -33.36 -36.86
C GLU G 6 -26.45 -33.60 -38.35
N SER G 7 -25.44 -34.39 -38.69
CA SER G 7 -25.15 -34.75 -40.08
C SER G 7 -24.76 -36.21 -40.14
N GLY G 8 -25.01 -36.83 -41.29
CA GLY G 8 -24.67 -38.21 -41.51
C GLY G 8 -25.52 -38.85 -42.59
N PRO G 9 -25.24 -40.12 -42.89
CA PRO G 9 -26.02 -40.81 -43.93
C PRO G 9 -27.41 -41.16 -43.44
N GLY G 10 -28.41 -40.90 -44.30
CA GLY G 10 -29.78 -41.22 -43.96
C GLY G 10 -30.02 -42.72 -43.83
N ILE G 11 -29.47 -43.49 -44.76
CA ILE G 11 -29.64 -44.94 -44.80
C ILE G 11 -28.27 -45.59 -44.71
N VAL G 12 -28.13 -46.54 -43.78
CA VAL G 12 -26.90 -47.29 -43.59
C VAL G 12 -27.23 -48.77 -43.71
N LYS G 13 -26.45 -49.48 -44.53
CA LYS G 13 -26.67 -50.90 -44.71
C LYS G 13 -26.34 -51.66 -43.43
N PRO G 14 -27.00 -52.79 -43.18
CA PRO G 14 -26.72 -53.56 -41.97
C PRO G 14 -25.28 -54.04 -41.91
N SER G 15 -24.73 -54.09 -40.70
CA SER G 15 -23.37 -54.53 -40.38
C SER G 15 -22.30 -53.59 -40.94
N GLU G 16 -22.69 -52.41 -41.42
CA GLU G 16 -21.74 -51.43 -41.92
C GLU G 16 -21.33 -50.49 -40.78
N THR G 17 -20.61 -49.43 -41.13
CA THR G 17 -20.17 -48.43 -40.16
C THR G 17 -21.02 -47.18 -40.32
N LEU G 18 -21.68 -46.77 -39.25
CA LEU G 18 -22.51 -45.57 -39.25
C LEU G 18 -21.73 -44.44 -38.58
N SER G 19 -21.45 -43.38 -39.35
CA SER G 19 -20.69 -42.24 -38.87
C SER G 19 -21.57 -41.00 -38.87
N LEU G 20 -21.69 -40.35 -37.72
CA LEU G 20 -22.44 -39.12 -37.57
C LEU G 20 -21.54 -38.05 -36.98
N THR G 21 -21.80 -36.80 -37.34
CA THR G 21 -21.00 -35.67 -36.88
C THR G 21 -21.93 -34.55 -36.46
N CYS G 22 -21.53 -33.83 -35.42
CA CYS G 22 -22.31 -32.71 -34.90
C CYS G 22 -21.38 -31.55 -34.60
N ALA G 23 -21.90 -30.33 -34.74
CA ALA G 23 -21.12 -29.12 -34.51
C ALA G 23 -21.25 -28.70 -33.06
N ALA G 24 -20.12 -28.60 -32.37
CA ALA G 24 -20.10 -28.18 -30.97
C ALA G 24 -20.05 -26.66 -30.88
N SER G 25 -20.85 -26.09 -29.98
CA SER G 25 -20.87 -24.66 -29.75
C SER G 25 -20.76 -24.39 -28.27
N ARG G 26 -20.14 -23.25 -27.93
CA ARG G 26 -19.90 -22.90 -26.53
C ARG G 26 -20.85 -21.83 -26.00
N GLY G 27 -21.44 -21.03 -26.88
CA GLY G 27 -22.36 -19.99 -26.46
C GLY G 27 -21.66 -18.85 -25.76
N PRO G 28 -22.44 -18.04 -25.03
CA PRO G 28 -21.84 -16.91 -24.31
C PRO G 28 -20.84 -17.32 -23.23
N PHE G 29 -20.94 -18.55 -22.72
CA PHE G 29 -20.02 -18.99 -21.69
C PHE G 29 -18.61 -19.11 -22.24
N SER G 30 -17.64 -18.59 -21.48
CA SER G 30 -16.25 -18.53 -21.91
C SER G 30 -15.41 -19.69 -21.40
N GLY G 31 -15.60 -20.09 -20.15
CA GLY G 31 -14.82 -21.18 -19.59
C GLY G 31 -15.65 -22.17 -18.81
N GLY G 32 -15.34 -23.45 -18.96
CA GLY G 32 -16.07 -24.49 -18.26
C GLY G 32 -15.93 -25.82 -18.97
N HIS G 33 -16.78 -26.75 -18.57
CA HIS G 33 -16.81 -28.10 -19.11
C HIS G 33 -18.12 -28.32 -19.84
N PHE G 34 -18.04 -28.77 -21.10
CA PHE G 34 -19.22 -29.07 -21.91
C PHE G 34 -19.24 -30.56 -22.20
N TYR G 35 -20.37 -31.20 -21.87
CA TYR G 35 -20.53 -32.64 -22.04
C TYR G 35 -21.34 -32.88 -23.31
N TRP G 36 -20.64 -33.03 -24.42
CA TRP G 36 -21.28 -33.33 -25.70
C TRP G 36 -21.68 -34.79 -25.71
N ASN G 37 -22.99 -35.05 -25.79
CA ASN G 37 -23.54 -36.39 -25.67
C ASN G 37 -24.27 -36.78 -26.94
N TRP G 38 -24.18 -38.06 -27.29
CA TRP G 38 -24.90 -38.64 -28.42
C TRP G 38 -25.99 -39.55 -27.88
N PHE G 39 -27.18 -39.43 -28.44
CA PHE G 39 -28.33 -40.24 -28.05
C PHE G 39 -28.96 -40.86 -29.29
N ARG G 40 -30.05 -41.59 -29.07
CA ARG G 40 -30.84 -42.15 -30.17
C ARG G 40 -32.26 -42.35 -29.67
N GLN G 41 -33.22 -42.13 -30.57
CA GLN G 41 -34.64 -42.26 -30.26
C GLN G 41 -35.29 -43.14 -31.32
N PRO G 42 -35.20 -44.46 -31.16
CA PRO G 42 -35.85 -45.36 -32.11
C PRO G 42 -37.35 -45.14 -32.15
N PRO G 43 -37.97 -45.23 -33.33
CA PRO G 43 -39.42 -45.02 -33.42
C PRO G 43 -40.18 -46.03 -32.59
N GLY G 44 -41.29 -45.57 -31.99
CA GLY G 44 -42.14 -46.42 -31.20
C GLY G 44 -41.69 -46.66 -29.78
N LYS G 45 -40.59 -46.05 -29.34
CA LYS G 45 -40.09 -46.25 -27.99
C LYS G 45 -39.39 -44.99 -27.53
N GLY G 46 -39.00 -44.98 -26.25
CA GLY G 46 -38.39 -43.81 -25.66
C GLY G 46 -36.94 -43.63 -26.07
N LEU G 47 -36.38 -42.50 -25.64
CA LEU G 47 -35.01 -42.15 -25.95
C LEU G 47 -34.03 -43.07 -25.22
N GLU G 48 -32.85 -43.22 -25.82
CA GLU G 48 -31.79 -44.05 -25.27
C GLU G 48 -30.47 -43.27 -25.29
N TRP G 49 -29.59 -43.59 -24.35
CA TRP G 49 -28.31 -42.93 -24.22
C TRP G 49 -27.24 -43.77 -24.89
N ILE G 50 -26.43 -43.12 -25.73
CA ILE G 50 -25.36 -43.81 -26.46
C ILE G 50 -24.02 -43.57 -25.77
N GLY G 51 -23.64 -42.30 -25.64
CA GLY G 51 -22.37 -41.97 -25.02
C GLY G 51 -22.22 -40.47 -24.87
N GLY G 52 -21.06 -40.08 -24.36
CA GLY G 52 -20.77 -38.67 -24.14
C GLY G 52 -19.28 -38.43 -24.01
N ILE G 53 -18.88 -37.19 -24.24
CA ILE G 53 -17.48 -36.77 -24.17
C ILE G 53 -17.40 -35.38 -23.54
N TYR G 54 -16.34 -35.17 -22.75
CA TYR G 54 -16.10 -33.88 -22.15
C TYR G 54 -15.45 -32.92 -23.15
N SER G 55 -15.64 -31.63 -22.91
CA SER G 55 -15.03 -30.61 -23.77
C SER G 55 -13.55 -30.44 -23.48
N ASP G 56 -13.15 -30.53 -22.21
CA ASP G 56 -11.77 -30.31 -21.82
C ASP G 56 -10.95 -31.59 -21.76
N GLY G 57 -11.53 -32.73 -22.09
CA GLY G 57 -10.81 -33.99 -22.04
C GLY G 57 -11.27 -34.92 -23.13
N ASP G 58 -10.38 -35.82 -23.54
CA ASP G 58 -10.67 -36.81 -24.56
C ASP G 58 -11.31 -38.07 -24.01
N ALA G 59 -11.44 -38.18 -22.68
CA ALA G 59 -12.07 -39.34 -22.08
C ALA G 59 -13.53 -39.45 -22.53
N ALA G 60 -13.95 -40.66 -22.85
CA ALA G 60 -15.27 -40.93 -23.38
C ALA G 60 -16.00 -41.94 -22.50
N ASP G 61 -17.28 -41.67 -22.25
CA ASP G 61 -18.15 -42.60 -21.54
C ASP G 61 -19.17 -43.17 -22.50
N TYR G 62 -19.41 -44.48 -22.40
CA TYR G 62 -20.31 -45.18 -23.30
C TYR G 62 -21.30 -46.03 -22.51
N ASN G 63 -22.45 -46.28 -23.13
CA ASN G 63 -23.43 -47.16 -22.52
C ASN G 63 -22.87 -48.56 -22.40
N PRO G 64 -23.11 -49.27 -21.29
CA PRO G 64 -22.53 -50.61 -21.13
C PRO G 64 -22.93 -51.57 -22.23
N SER G 65 -24.14 -51.46 -22.76
CA SER G 65 -24.57 -52.37 -23.81
C SER G 65 -23.93 -52.07 -25.17
N LEU G 66 -23.36 -50.87 -25.33
CA LEU G 66 -22.77 -50.47 -26.60
C LEU G 66 -21.29 -50.11 -26.46
N GLU G 67 -20.61 -50.65 -25.45
CA GLU G 67 -19.20 -50.31 -25.24
C GLU G 67 -18.33 -50.80 -26.40
N SER G 68 -18.59 -52.01 -26.90
CA SER G 68 -17.76 -52.60 -27.93
C SER G 68 -18.15 -52.18 -29.34
N ARG G 69 -19.22 -51.40 -29.51
CA ARG G 69 -19.69 -51.00 -30.83
C ARG G 69 -19.75 -49.50 -31.04
N VAL G 70 -19.59 -48.69 -30.00
CA VAL G 70 -19.77 -47.25 -30.10
C VAL G 70 -18.46 -46.56 -29.72
N ALA G 71 -18.01 -45.65 -30.58
CA ALA G 71 -16.87 -44.79 -30.30
C ALA G 71 -17.22 -43.36 -30.64
N ILE G 72 -16.69 -42.42 -29.85
CA ILE G 72 -16.94 -41.00 -30.03
C ILE G 72 -15.60 -40.26 -29.99
N SER G 73 -15.39 -39.39 -30.98
CA SER G 73 -14.18 -38.57 -31.05
C SER G 73 -14.58 -37.12 -31.27
N ARG G 74 -13.58 -36.24 -31.21
CA ARG G 74 -13.83 -34.81 -31.36
C ARG G 74 -12.62 -34.15 -32.01
N ASP G 75 -12.87 -33.03 -32.68
CA ASP G 75 -11.82 -32.19 -33.24
C ASP G 75 -12.12 -30.74 -32.86
N ARG G 76 -11.22 -30.14 -32.08
CA ARG G 76 -11.45 -28.80 -31.56
C ARG G 76 -11.26 -27.72 -32.61
N SER G 77 -10.38 -27.96 -33.60
CA SER G 77 -10.15 -26.96 -34.63
C SER G 77 -11.43 -26.67 -35.42
N ALA G 78 -12.18 -27.72 -35.78
CA ALA G 78 -13.47 -27.55 -36.42
C ALA G 78 -14.61 -27.48 -35.41
N ASN G 79 -14.33 -27.68 -34.12
CA ASN G 79 -15.34 -27.67 -33.07
C ASN G 79 -16.47 -28.65 -33.37
N ARG G 80 -16.10 -29.84 -33.83
CA ARG G 80 -17.02 -30.91 -34.16
C ARG G 80 -16.78 -32.11 -33.25
N PHE G 81 -17.78 -32.98 -33.15
CA PHE G 81 -17.60 -34.27 -32.49
C PHE G 81 -18.38 -35.33 -33.25
N SER G 82 -17.75 -36.49 -33.44
CA SER G 82 -18.29 -37.53 -34.30
C SER G 82 -18.56 -38.79 -33.49
N LEU G 83 -19.57 -39.54 -33.93
CA LEU G 83 -19.94 -40.82 -33.32
C LEU G 83 -19.89 -41.89 -34.39
N LYS G 84 -19.19 -42.99 -34.11
CA LYS G 84 -19.07 -44.11 -35.02
C LYS G 84 -19.66 -45.36 -34.36
N LEU G 85 -20.63 -45.97 -35.04
CA LEU G 85 -21.27 -47.19 -34.56
C LEU G 85 -21.03 -48.30 -35.57
N ILE G 86 -20.47 -49.42 -35.10
CA ILE G 86 -20.16 -50.55 -35.97
C ILE G 86 -21.18 -51.65 -35.74
N SER G 87 -21.27 -52.54 -36.72
CA SER G 87 -22.20 -53.68 -36.69
C SER G 87 -23.64 -53.19 -36.49
N VAL G 88 -24.05 -52.23 -37.32
CA VAL G 88 -25.38 -51.65 -37.22
C VAL G 88 -26.42 -52.70 -37.57
N THR G 89 -27.45 -52.82 -36.74
CA THR G 89 -28.53 -53.77 -36.91
C THR G 89 -29.83 -53.03 -37.18
N ALA G 90 -30.91 -53.79 -37.35
CA ALA G 90 -32.22 -53.18 -37.59
C ALA G 90 -32.69 -52.36 -36.39
N THR G 91 -32.26 -52.73 -35.18
CA THR G 91 -32.64 -51.99 -33.99
C THR G 91 -31.94 -50.64 -33.89
N ASP G 92 -30.91 -50.40 -34.69
CA ASP G 92 -30.19 -49.13 -34.66
C ASP G 92 -30.90 -48.02 -35.42
N THR G 93 -31.97 -48.35 -36.15
CA THR G 93 -32.76 -47.32 -36.82
C THR G 93 -33.40 -46.40 -35.78
N ALA G 94 -32.96 -45.15 -35.72
CA ALA G 94 -33.37 -44.25 -34.66
C ALA G 94 -33.12 -42.81 -35.09
N VAL G 95 -33.62 -41.89 -34.28
CA VAL G 95 -33.35 -40.47 -34.44
C VAL G 95 -32.20 -40.12 -33.51
N TYR G 96 -31.02 -39.90 -34.07
CA TYR G 96 -29.82 -39.66 -33.28
C TYR G 96 -29.68 -38.18 -32.97
N TYR G 97 -29.48 -37.87 -31.69
CA TYR G 97 -29.40 -36.50 -31.21
C TYR G 97 -28.02 -36.24 -30.60
N CYS G 98 -27.47 -35.07 -30.88
CA CYS G 98 -26.27 -34.58 -30.22
C CYS G 98 -26.68 -33.47 -29.26
N SER G 99 -26.41 -33.66 -27.97
CA SER G 99 -26.92 -32.76 -26.94
C SER G 99 -25.78 -32.23 -26.09
N SER G 100 -26.00 -31.05 -25.52
CA SER G 100 -25.07 -30.41 -24.61
C SER G 100 -25.85 -29.87 -23.43
N THR G 101 -25.33 -30.09 -22.22
CA THR G 101 -25.97 -29.65 -20.99
C THR G 101 -25.06 -28.65 -20.30
N TYR G 102 -25.57 -27.43 -20.11
CA TYR G 102 -24.83 -26.46 -19.33
C TYR G 102 -24.84 -26.84 -17.86
N SER G 103 -23.89 -26.28 -17.11
CA SER G 103 -23.75 -26.57 -15.70
C SER G 103 -23.50 -25.30 -14.91
N TRP G 104 -24.23 -24.23 -15.22
CA TRP G 104 -24.15 -23.01 -14.45
C TRP G 104 -24.58 -23.29 -13.01
N ASN G 105 -24.32 -22.32 -12.13
CA ASN G 105 -24.49 -22.55 -10.70
C ASN G 105 -25.91 -22.97 -10.34
N ASN G 106 -26.06 -24.24 -9.98
CA ASN G 106 -27.32 -24.82 -9.47
C ASN G 106 -28.49 -24.53 -10.40
N VAL G 107 -28.29 -24.72 -11.70
CA VAL G 107 -29.37 -24.57 -12.67
C VAL G 107 -29.50 -25.85 -13.51
N TRP G 108 -28.38 -26.29 -14.10
CA TRP G 108 -28.33 -27.50 -14.93
C TRP G 108 -29.23 -27.37 -16.16
N PHE G 109 -28.86 -26.47 -17.06
CA PHE G 109 -29.54 -26.36 -18.35
C PHE G 109 -29.37 -27.63 -19.19
N ASP G 110 -30.05 -27.68 -20.34
CA ASP G 110 -29.89 -28.77 -21.27
C ASP G 110 -30.44 -28.41 -22.65
N GLN G 111 -29.64 -28.60 -23.69
CA GLN G 111 -30.04 -28.36 -25.07
C GLN G 111 -29.82 -29.62 -25.89
N TRP G 112 -30.78 -29.93 -26.76
CA TRP G 112 -30.73 -31.15 -27.57
C TRP G 112 -30.65 -30.88 -29.06
N GLY G 113 -31.55 -30.08 -29.61
CA GLY G 113 -31.52 -29.79 -31.03
C GLY G 113 -32.68 -30.37 -31.81
N GLN G 114 -32.39 -31.01 -32.95
CA GLN G 114 -33.45 -31.56 -33.79
C GLN G 114 -33.19 -33.02 -34.15
N GLY G 115 -31.92 -33.42 -34.18
CA GLY G 115 -31.59 -34.80 -34.48
C GLY G 115 -31.58 -35.10 -35.96
N VAL G 116 -31.20 -36.34 -36.27
CA VAL G 116 -31.14 -36.84 -37.65
C VAL G 116 -31.70 -38.25 -37.68
N LEU G 117 -32.49 -38.55 -38.71
CA LEU G 117 -33.03 -39.90 -38.89
C LEU G 117 -31.99 -40.80 -39.53
N VAL G 118 -31.85 -42.01 -38.98
CA VAL G 118 -30.98 -43.03 -39.53
C VAL G 118 -31.80 -44.31 -39.64
N THR G 119 -31.80 -44.92 -40.83
CA THR G 119 -32.54 -46.15 -41.08
C THR G 119 -31.57 -47.23 -41.55
N VAL G 120 -31.74 -48.43 -41.02
CA VAL G 120 -30.90 -49.57 -41.35
C VAL G 120 -31.75 -50.55 -42.16
N SER G 121 -31.38 -50.74 -43.42
CA SER G 121 -32.12 -51.65 -44.30
C SER G 121 -31.18 -52.10 -45.42
N SER G 122 -31.54 -53.21 -46.06
CA SER G 122 -30.76 -53.75 -47.15
C SER G 122 -31.46 -53.53 -48.49
N ASP H 2 -27.68 -51.41 -13.37
CA ASP H 2 -28.27 -50.19 -13.92
C ASP H 2 -29.49 -49.76 -13.10
N ILE H 3 -29.67 -48.44 -12.97
CA ILE H 3 -30.81 -47.90 -12.25
C ILE H 3 -32.02 -47.90 -13.17
N GLN H 4 -33.06 -48.63 -12.79
CA GLN H 4 -34.26 -48.76 -13.59
C GLN H 4 -35.32 -47.78 -13.09
N LEU H 5 -35.88 -47.00 -14.02
CA LEU H 5 -36.90 -46.01 -13.71
C LEU H 5 -38.24 -46.48 -14.26
N THR H 6 -39.24 -46.57 -13.38
CA THR H 6 -40.57 -47.03 -13.75
C THR H 6 -41.56 -45.88 -13.57
N GLN H 7 -42.35 -45.62 -14.62
CA GLN H 7 -43.30 -44.51 -14.62
C GLN H 7 -44.72 -45.05 -14.58
N SER H 8 -45.57 -44.39 -13.79
CA SER H 8 -46.97 -44.76 -13.66
C SER H 8 -47.81 -43.49 -13.70
N PRO H 9 -48.90 -43.47 -14.49
CA PRO H 9 -49.36 -44.53 -15.40
C PRO H 9 -48.58 -44.54 -16.71
N SER H 10 -48.54 -45.68 -17.41
CA SER H 10 -47.88 -45.72 -18.70
C SER H 10 -48.58 -44.82 -19.71
N SER H 11 -49.91 -44.84 -19.73
CA SER H 11 -50.71 -43.98 -20.59
C SER H 11 -51.93 -43.51 -19.82
N LEU H 12 -52.24 -42.22 -19.93
CA LEU H 12 -53.35 -41.63 -19.20
C LEU H 12 -54.14 -40.73 -20.13
N SER H 13 -55.46 -40.76 -19.98
CA SER H 13 -56.38 -39.91 -20.74
C SER H 13 -57.14 -39.01 -19.77
N ALA H 14 -57.16 -37.72 -20.06
CA ALA H 14 -57.83 -36.75 -19.20
C ALA H 14 -58.25 -35.55 -20.02
N SER H 15 -59.14 -34.75 -19.44
CA SER H 15 -59.67 -33.57 -20.10
C SER H 15 -58.83 -32.34 -19.73
N VAL H 16 -59.18 -31.20 -20.35
CA VAL H 16 -58.46 -29.96 -20.09
C VAL H 16 -58.82 -29.44 -18.70
N GLY H 17 -57.81 -29.08 -17.92
CA GLY H 17 -58.00 -28.57 -16.59
C GLY H 17 -57.99 -29.61 -15.49
N ASP H 18 -57.99 -30.89 -15.84
CA ASP H 18 -57.96 -31.94 -14.81
C ASP H 18 -56.58 -32.04 -14.19
N ARG H 19 -56.55 -32.23 -12.88
CA ARG H 19 -55.29 -32.41 -12.16
C ARG H 19 -54.78 -33.83 -12.38
N VAL H 20 -53.52 -33.95 -12.78
CA VAL H 20 -52.93 -35.25 -13.10
C VAL H 20 -51.64 -35.42 -12.32
N THR H 21 -51.28 -36.69 -12.09
CA THR H 21 -50.11 -37.04 -11.29
C THR H 21 -49.37 -38.18 -11.97
N ILE H 22 -48.05 -38.06 -12.05
CA ILE H 22 -47.19 -39.08 -12.61
C ILE H 22 -46.11 -39.42 -11.59
N THR H 23 -45.92 -40.71 -11.33
CA THR H 23 -44.99 -41.18 -10.31
C THR H 23 -43.88 -42.00 -10.94
N CYS H 24 -42.65 -41.76 -10.50
CA CYS H 24 -41.47 -42.44 -11.00
C CYS H 24 -40.75 -43.12 -9.84
N ARG H 25 -40.42 -44.40 -10.02
CA ARG H 25 -39.70 -45.18 -9.03
C ARG H 25 -38.34 -45.57 -9.57
N ALA H 26 -37.31 -45.41 -8.73
CA ALA H 26 -35.96 -45.79 -9.07
C ALA H 26 -35.60 -47.11 -8.39
N SER H 27 -34.83 -47.95 -9.09
CA SER H 27 -34.44 -49.24 -8.54
C SER H 27 -33.53 -49.10 -7.32
N GLN H 28 -32.90 -47.94 -7.15
CA GLN H 28 -32.02 -47.71 -6.00
C GLN H 28 -32.08 -46.24 -5.63
N ASP H 29 -31.65 -45.96 -4.40
CA ASP H 29 -31.69 -44.60 -3.88
C ASP H 29 -30.80 -43.67 -4.71
N ILE H 30 -31.35 -42.52 -5.09
CA ILE H 30 -30.61 -41.54 -5.87
C ILE H 30 -30.73 -40.17 -5.21
N ASN H 31 -31.27 -40.15 -3.99
CA ASN H 31 -31.43 -38.93 -3.20
C ASN H 31 -32.38 -38.00 -3.96
N THR H 32 -32.02 -36.74 -4.21
CA THR H 32 -32.88 -35.80 -4.91
C THR H 32 -32.37 -35.48 -6.31
N ASP H 33 -31.44 -36.28 -6.84
CA ASP H 33 -30.85 -36.02 -8.14
C ASP H 33 -31.70 -36.65 -9.24
N LEU H 34 -32.88 -36.07 -9.45
CA LEU H 34 -33.78 -36.50 -10.49
C LEU H 34 -34.47 -35.28 -11.10
N SER H 35 -34.83 -35.39 -12.37
CA SER H 35 -35.49 -34.32 -13.09
C SER H 35 -36.57 -34.93 -13.98
N TRP H 36 -37.47 -34.07 -14.47
CA TRP H 36 -38.50 -34.50 -15.40
C TRP H 36 -38.44 -33.64 -16.66
N TYR H 37 -38.54 -34.31 -17.81
CA TYR H 37 -38.54 -33.69 -19.12
C TYR H 37 -39.88 -33.89 -19.80
N TYR H 38 -40.24 -32.97 -20.68
CA TYR H 38 -41.46 -33.05 -21.45
C TYR H 38 -41.13 -33.06 -22.93
N GLN H 39 -41.83 -33.91 -23.70
CA GLN H 39 -41.55 -34.09 -25.10
C GLN H 39 -42.85 -34.37 -25.86
N LYS H 40 -42.91 -33.88 -27.09
CA LYS H 40 -43.96 -34.19 -28.03
C LYS H 40 -43.33 -34.75 -29.31
N SER H 41 -44.04 -35.67 -29.97
CA SER H 41 -43.55 -36.24 -31.20
C SER H 41 -43.26 -35.15 -32.23
N GLY H 42 -42.07 -35.20 -32.82
CA GLY H 42 -41.63 -34.22 -33.78
C GLY H 42 -40.67 -33.17 -33.23
N GLU H 43 -40.52 -33.08 -31.91
CA GLU H 43 -39.62 -32.13 -31.30
C GLU H 43 -38.77 -32.83 -30.24
N ALA H 44 -37.57 -32.29 -30.03
CA ALA H 44 -36.64 -32.89 -29.06
C ALA H 44 -37.16 -32.68 -27.64
N PRO H 45 -36.83 -33.59 -26.72
CA PRO H 45 -37.26 -33.43 -25.33
C PRO H 45 -36.66 -32.18 -24.69
N LYS H 46 -37.44 -31.55 -23.83
CA LYS H 46 -37.04 -30.35 -23.11
C LYS H 46 -37.24 -30.54 -21.62
N LEU H 47 -36.36 -29.93 -20.84
CA LEU H 47 -36.42 -30.07 -19.39
C LEU H 47 -37.64 -29.34 -18.83
N LEU H 48 -38.41 -30.03 -17.99
CA LEU H 48 -39.58 -29.45 -17.35
C LEU H 48 -39.30 -29.01 -15.92
N ILE H 49 -38.86 -29.94 -15.08
CA ILE H 49 -38.53 -29.62 -13.69
C ILE H 49 -37.14 -30.18 -13.39
N TYR H 50 -36.28 -29.34 -12.81
CA TYR H 50 -34.89 -29.67 -12.54
C TYR H 50 -34.69 -29.90 -11.05
N ARG H 51 -33.98 -30.98 -10.71
CA ARG H 51 -33.69 -31.42 -9.36
C ARG H 51 -34.94 -31.84 -8.59
N ALA H 52 -36.10 -31.88 -9.23
CA ALA H 52 -37.40 -32.22 -8.66
C ALA H 52 -37.85 -31.22 -7.60
N SER H 53 -37.08 -30.16 -7.34
CA SER H 53 -37.47 -29.17 -6.36
C SER H 53 -37.19 -27.73 -6.78
N ASN H 54 -36.72 -27.50 -8.00
CA ASN H 54 -36.38 -26.16 -8.47
C ASN H 54 -36.95 -25.99 -9.88
N LEU H 55 -38.02 -25.19 -9.99
CA LEU H 55 -38.72 -25.03 -11.26
C LEU H 55 -37.79 -24.48 -12.31
N GLN H 56 -37.76 -25.14 -13.47
CA GLN H 56 -36.95 -24.67 -14.60
C GLN H 56 -37.49 -23.35 -15.12
N SER H 57 -36.58 -22.43 -15.43
CA SER H 57 -36.96 -21.12 -15.91
C SER H 57 -37.70 -21.23 -17.24
N GLY H 58 -38.82 -20.52 -17.35
CA GLY H 58 -39.63 -20.53 -18.55
C GLY H 58 -40.75 -21.54 -18.57
N ALA H 59 -40.69 -22.56 -17.70
CA ALA H 59 -41.74 -23.55 -17.65
C ALA H 59 -42.96 -23.01 -16.89
N PRO H 60 -44.16 -23.44 -17.26
CA PRO H 60 -45.36 -23.00 -16.53
C PRO H 60 -45.32 -23.46 -15.07
N SER H 61 -45.87 -22.61 -14.20
CA SER H 61 -45.88 -22.89 -12.77
C SER H 61 -46.86 -23.99 -12.39
N ARG H 62 -47.74 -24.41 -13.30
CA ARG H 62 -48.71 -25.46 -12.99
C ARG H 62 -48.07 -26.83 -12.78
N PHE H 63 -46.81 -27.00 -13.15
CA PHE H 63 -46.09 -28.25 -12.96
C PHE H 63 -45.29 -28.18 -11.66
N SER H 64 -45.45 -29.19 -10.81
CA SER H 64 -44.75 -29.23 -9.54
C SER H 64 -44.06 -30.57 -9.39
N GLY H 65 -42.84 -30.54 -8.85
CA GLY H 65 -42.07 -31.75 -8.60
C GLY H 65 -41.88 -31.95 -7.11
N THR H 66 -42.05 -33.20 -6.67
CA THR H 66 -41.90 -33.55 -5.26
C THR H 66 -41.28 -34.93 -5.15
N GLY H 67 -40.88 -35.29 -3.94
CA GLY H 67 -40.38 -36.62 -3.66
C GLY H 67 -38.85 -36.69 -3.73
N SER H 68 -38.32 -37.75 -3.13
CA SER H 68 -36.89 -37.97 -3.09
C SER H 68 -36.61 -39.46 -2.93
N GLY H 69 -35.38 -39.86 -3.23
CA GLY H 69 -34.98 -41.24 -3.09
C GLY H 69 -35.41 -42.13 -4.25
N THR H 70 -36.36 -43.03 -4.00
CA THR H 70 -36.86 -43.94 -5.01
C THR H 70 -38.31 -43.64 -5.39
N GLU H 71 -38.79 -42.44 -5.08
CA GLU H 71 -40.18 -42.07 -5.37
C GLU H 71 -40.21 -40.59 -5.71
N PHE H 72 -40.62 -40.26 -6.92
CA PHE H 72 -40.73 -38.88 -7.37
C PHE H 72 -42.09 -38.66 -8.02
N THR H 73 -42.61 -37.45 -7.90
CA THR H 73 -43.96 -37.12 -8.31
C THR H 73 -43.97 -35.83 -9.11
N LEU H 74 -44.60 -35.87 -10.28
CA LEU H 74 -44.88 -34.68 -11.08
C LEU H 74 -46.39 -34.47 -11.08
N THR H 75 -46.82 -33.30 -10.60
CA THR H 75 -48.22 -32.98 -10.46
C THR H 75 -48.57 -31.77 -11.32
N ILE H 76 -49.63 -31.88 -12.10
CA ILE H 76 -50.16 -30.78 -12.90
C ILE H 76 -51.53 -30.45 -12.34
N SER H 77 -51.65 -29.26 -11.75
CA SER H 77 -52.91 -28.88 -11.11
C SER H 77 -54.02 -28.68 -12.14
N SER H 78 -53.71 -28.06 -13.26
CA SER H 78 -54.69 -27.78 -14.31
C SER H 78 -54.09 -28.14 -15.66
N LEU H 79 -54.69 -29.11 -16.34
CA LEU H 79 -54.21 -29.49 -17.66
C LEU H 79 -54.55 -28.41 -18.69
N GLN H 80 -53.72 -28.34 -19.73
CA GLN H 80 -53.86 -27.39 -20.81
C GLN H 80 -53.74 -28.12 -22.13
N PRO H 81 -54.26 -27.53 -23.23
CA PRO H 81 -54.12 -28.19 -24.54
C PRO H 81 -52.67 -28.48 -24.92
N GLU H 82 -51.74 -27.61 -24.52
CA GLU H 82 -50.33 -27.85 -24.77
C GLU H 82 -49.70 -28.85 -23.81
N ASP H 83 -50.40 -29.20 -22.73
CA ASP H 83 -49.89 -30.14 -21.74
C ASP H 83 -50.15 -31.60 -22.09
N PHE H 84 -50.85 -31.88 -23.19
CA PHE H 84 -51.09 -33.24 -23.63
C PHE H 84 -49.84 -33.81 -24.31
N ILE H 85 -48.77 -33.90 -23.51
CA ILE H 85 -47.46 -34.31 -24.00
C ILE H 85 -46.98 -35.52 -23.19
N THR H 86 -45.80 -36.01 -23.51
CA THR H 86 -45.23 -37.17 -22.84
C THR H 86 -44.17 -36.72 -21.85
N TYR H 87 -44.22 -37.25 -20.64
CA TYR H 87 -43.34 -36.84 -19.54
C TYR H 87 -42.42 -37.99 -19.19
N TYR H 88 -41.13 -37.68 -19.06
CA TYR H 88 -40.11 -38.66 -18.70
C TYR H 88 -39.41 -38.24 -17.41
N CYS H 89 -39.05 -39.23 -16.61
CA CYS H 89 -38.24 -39.01 -15.41
C CYS H 89 -36.83 -39.51 -15.66
N GLN H 90 -35.84 -38.67 -15.38
CA GLN H 90 -34.44 -38.99 -15.60
C GLN H 90 -33.67 -38.79 -14.30
N GLN H 91 -32.93 -39.83 -13.89
CA GLN H 91 -32.12 -39.78 -12.68
C GLN H 91 -30.79 -39.09 -12.99
N ARG H 92 -30.49 -38.04 -12.22
CA ARG H 92 -29.20 -37.35 -12.33
C ARG H 92 -28.19 -37.90 -11.33
N TYR H 93 -28.05 -39.22 -11.30
CA TYR H 93 -27.18 -39.93 -10.37
C TYR H 93 -25.97 -40.46 -11.12
N SER H 94 -25.18 -41.29 -10.44
CA SER H 94 -23.98 -41.87 -11.03
C SER H 94 -24.31 -42.68 -12.28
N PHE H 95 -23.32 -42.84 -13.16
CA PHE H 95 -23.55 -43.55 -14.41
C PHE H 95 -23.87 -45.02 -14.16
N PRO H 96 -24.62 -45.67 -15.06
CA PRO H 96 -25.16 -45.17 -16.34
C PRO H 96 -26.36 -44.24 -16.17
N ILE H 97 -26.69 -43.47 -17.21
CA ILE H 97 -27.81 -42.55 -17.20
C ILE H 97 -29.01 -43.25 -17.84
N THR H 98 -30.15 -43.20 -17.15
CA THR H 98 -31.36 -43.86 -17.61
C THR H 98 -32.53 -42.89 -17.57
N PHE H 99 -33.52 -43.16 -18.42
CA PHE H 99 -34.73 -42.35 -18.50
C PHE H 99 -35.94 -43.21 -18.16
N GLY H 100 -37.02 -42.55 -17.78
CA GLY H 100 -38.24 -43.24 -17.41
C GLY H 100 -38.92 -43.86 -18.62
N ALA H 101 -39.90 -44.73 -18.32
CA ALA H 101 -40.64 -45.40 -19.38
C ALA H 101 -41.42 -44.41 -20.22
N GLY H 102 -42.04 -43.42 -19.59
CA GLY H 102 -42.79 -42.41 -20.31
C GLY H 102 -44.29 -42.50 -20.10
N THR H 103 -44.90 -41.37 -19.74
CA THR H 103 -46.34 -41.30 -19.53
C THR H 103 -46.96 -40.44 -20.63
N LYS H 104 -47.95 -40.99 -21.32
CA LYS H 104 -48.62 -40.31 -22.42
C LYS H 104 -49.94 -39.73 -21.93
N VAL H 105 -50.18 -38.46 -22.24
CA VAL H 105 -51.41 -37.77 -21.86
C VAL H 105 -52.21 -37.52 -23.12
N ASP H 106 -53.47 -37.97 -23.11
CA ASP H 106 -54.35 -37.86 -24.26
C ASP H 106 -55.65 -37.20 -23.85
N ILE H 107 -56.27 -36.50 -24.79
CA ILE H 107 -57.54 -35.83 -24.55
C ILE H 107 -58.67 -36.85 -24.59
N LYS H 108 -59.54 -36.82 -23.60
CA LYS H 108 -60.68 -37.74 -23.53
C LYS H 108 -61.97 -37.05 -23.99
N ALA I 1 -20.52 17.12 35.04
CA ALA I 1 -19.75 16.29 35.98
C ALA I 1 -20.63 15.80 37.12
N VAL I 2 -21.54 14.87 36.79
CA VAL I 2 -22.45 14.30 37.78
C VAL I 2 -22.34 12.79 37.76
N GLY I 3 -21.20 12.29 37.30
CA GLY I 3 -20.99 10.86 37.17
C GLY I 3 -21.15 10.32 35.77
N ILE I 4 -21.38 11.19 34.77
CA ILE I 4 -21.53 10.73 33.40
C ILE I 4 -20.19 10.28 32.85
N GLY I 5 -20.25 9.45 31.80
CA GLY I 5 -19.06 8.94 31.13
C GLY I 5 -19.17 8.99 29.62
N ALA I 6 -18.97 7.85 28.96
CA ALA I 6 -19.10 7.75 27.52
C ALA I 6 -20.30 6.91 27.11
N VAL I 7 -20.37 5.66 27.57
CA VAL I 7 -21.47 4.74 27.30
C VAL I 7 -21.69 4.70 25.78
N PHE I 8 -20.62 4.35 25.06
CA PHE I 8 -20.66 4.32 23.60
C PHE I 8 -20.77 2.88 23.10
N LEU I 9 -21.52 2.69 22.02
CA LEU I 9 -21.60 1.39 21.37
C LEU I 9 -20.26 1.09 20.72
N GLY I 10 -19.48 0.20 21.34
CA GLY I 10 -18.12 -0.05 20.91
C GLY I 10 -17.93 -1.23 19.98
N PHE I 11 -17.04 -2.13 20.37
CA PHE I 11 -16.62 -3.25 19.52
C PHE I 11 -17.65 -4.37 19.57
N LEU I 12 -17.26 -5.57 19.13
CA LEU I 12 -18.16 -6.71 18.98
C LEU I 12 -18.80 -7.18 20.29
N GLY I 13 -18.57 -6.46 21.39
CA GLY I 13 -19.18 -6.78 22.66
C GLY I 13 -20.67 -7.07 22.62
N ALA I 14 -21.35 -6.62 21.58
CA ALA I 14 -22.76 -6.92 21.36
C ALA I 14 -22.99 -8.15 20.50
N ALA I 15 -21.94 -8.88 20.12
CA ALA I 15 -22.11 -10.06 19.28
C ALA I 15 -22.92 -11.14 20.00
N GLY I 16 -22.79 -11.24 21.32
CA GLY I 16 -23.55 -12.22 22.07
C GLY I 16 -25.03 -11.94 22.15
N SER I 17 -25.46 -10.74 21.77
CA SER I 17 -26.87 -10.40 21.76
C SER I 17 -27.56 -11.07 20.56
N THR I 18 -28.87 -10.85 20.46
CA THR I 18 -29.64 -11.49 19.42
C THR I 18 -29.38 -10.81 18.07
N MET I 19 -29.93 -11.43 17.02
CA MET I 19 -29.78 -10.94 15.65
C MET I 19 -30.18 -9.48 15.52
N GLY I 20 -31.46 -9.20 15.79
CA GLY I 20 -31.96 -7.85 15.66
C GLY I 20 -31.32 -6.89 16.63
N ALA I 21 -31.08 -7.33 17.87
CA ALA I 21 -30.40 -6.48 18.83
C ALA I 21 -28.99 -6.14 18.40
N ALA I 22 -28.27 -7.11 17.81
CA ALA I 22 -26.91 -6.86 17.34
C ALA I 22 -26.87 -6.06 16.05
N SER I 23 -27.98 -5.98 15.31
CA SER I 23 -27.99 -5.15 14.11
C SER I 23 -27.80 -3.68 14.41
N MET I 24 -27.96 -3.26 15.67
CA MET I 24 -27.71 -1.86 16.03
C MET I 24 -26.26 -1.46 15.78
N THR I 25 -25.33 -2.35 16.12
CA THR I 25 -23.90 -2.00 16.15
C THR I 25 -23.16 -2.42 14.89
N LEU I 26 -23.81 -2.47 13.74
CA LEU I 26 -23.11 -2.83 12.52
C LEU I 26 -22.17 -1.72 12.05
N THR I 27 -22.63 -0.47 12.13
CA THR I 27 -21.86 0.63 11.56
C THR I 27 -20.59 0.91 12.35
N VAL I 28 -20.62 0.74 13.67
CA VAL I 28 -19.41 0.99 14.46
C VAL I 28 -18.31 0.01 14.06
N GLN I 29 -18.66 -1.26 13.88
CA GLN I 29 -17.67 -2.23 13.40
C GLN I 29 -17.25 -1.93 11.96
N ALA I 30 -18.19 -1.48 11.13
CA ALA I 30 -17.83 -1.11 9.76
C ALA I 30 -16.79 0.01 9.75
N ARG I 31 -16.98 1.02 10.61
CA ARG I 31 -16.00 2.09 10.75
C ARG I 31 -14.68 1.55 11.31
N ASN I 32 -14.77 0.66 12.31
CA ASN I 32 -13.56 0.08 12.90
C ASN I 32 -12.74 -0.70 11.89
N LEU I 33 -13.39 -1.24 10.85
CA LEU I 33 -12.68 -1.99 9.82
C LEU I 33 -11.52 -1.21 9.22
N LEU I 34 -11.51 0.12 9.35
CA LEU I 34 -10.41 0.96 8.90
C LEU I 34 -9.77 1.72 10.06
N SER I 35 -9.50 1.03 11.16
CA SER I 35 -8.84 1.65 12.29
C SER I 35 -7.42 2.07 11.91
N GLY I 36 -7.01 3.24 12.38
CA GLY I 36 -5.69 3.76 12.10
C GLY I 36 -5.46 5.15 12.65
N THR I 58 13.88 -1.15 7.60
CA THR I 58 12.92 -1.39 6.52
C THR I 58 12.50 -2.86 6.48
N VAL I 59 12.37 -3.46 7.67
CA VAL I 59 11.93 -4.85 7.79
C VAL I 59 10.63 -4.97 8.58
N TRP I 60 10.31 -4.01 9.42
CA TRP I 60 9.10 -4.00 10.24
C TRP I 60 8.05 -3.01 9.75
N GLY I 61 8.48 -1.83 9.33
CA GLY I 61 7.56 -0.89 8.70
C GLY I 61 6.93 -1.46 7.45
N ILE I 62 7.72 -2.21 6.67
CA ILE I 62 7.17 -2.83 5.47
C ILE I 62 6.10 -3.86 5.83
N LYS I 63 6.33 -4.63 6.90
CA LYS I 63 5.36 -5.63 7.31
C LYS I 63 4.07 -4.97 7.82
N GLN I 64 4.18 -3.90 8.61
CA GLN I 64 2.97 -3.25 9.09
C GLN I 64 2.23 -2.54 7.96
N LEU I 65 2.97 -1.97 7.00
CA LEU I 65 2.35 -1.41 5.81
C LEU I 65 1.63 -2.48 5.00
N GLN I 66 2.24 -3.67 4.89
CA GLN I 66 1.59 -4.76 4.19
C GLN I 66 0.30 -5.18 4.88
N ALA I 67 0.31 -5.23 6.22
CA ALA I 67 -0.91 -5.53 6.96
C ALA I 67 -1.98 -4.48 6.69
N ARG I 68 -1.61 -3.20 6.72
CA ARG I 68 -2.57 -2.14 6.43
C ARG I 68 -3.14 -2.26 5.03
N VAL I 69 -2.28 -2.54 4.05
CA VAL I 69 -2.73 -2.65 2.66
C VAL I 69 -3.64 -3.86 2.50
N LEU I 70 -3.33 -4.96 3.20
CA LEU I 70 -4.19 -6.15 3.15
C LEU I 70 -5.58 -5.83 3.72
N ALA I 71 -5.63 -5.11 4.84
CA ALA I 71 -6.92 -4.70 5.39
C ALA I 71 -7.67 -3.81 4.40
N VAL I 72 -6.94 -2.92 3.74
CA VAL I 72 -7.57 -2.02 2.76
C VAL I 72 -8.16 -2.82 1.61
N GLU I 73 -7.41 -3.80 1.08
CA GLU I 73 -7.93 -4.61 -0.01
C GLU I 73 -9.14 -5.42 0.45
N ARG I 74 -9.10 -5.96 1.66
CA ARG I 74 -10.25 -6.73 2.15
C ARG I 74 -11.50 -5.86 2.21
N TYR I 75 -11.38 -4.67 2.81
CA TYR I 75 -12.55 -3.79 2.90
C TYR I 75 -13.03 -3.37 1.52
N LEU I 76 -12.10 -3.05 0.62
CA LEU I 76 -12.49 -2.59 -0.72
C LEU I 76 -13.15 -3.71 -1.51
N ARG I 77 -12.67 -4.95 -1.35
CA ARG I 77 -13.31 -6.08 -1.98
C ARG I 77 -14.72 -6.30 -1.43
N ASP I 78 -14.89 -6.13 -0.12
CA ASP I 78 -16.23 -6.24 0.46
C ASP I 78 -17.16 -5.16 -0.10
N GLN I 79 -16.64 -3.93 -0.21
CA GLN I 79 -17.44 -2.85 -0.79
C GLN I 79 -17.79 -3.13 -2.24
N GLN I 80 -16.84 -3.66 -3.01
CA GLN I 80 -17.12 -4.03 -4.39
C GLN I 80 -18.19 -5.11 -4.48
N LEU I 81 -18.12 -6.10 -3.60
CA LEU I 81 -19.15 -7.14 -3.58
C LEU I 81 -20.51 -6.55 -3.24
N LEU I 82 -20.55 -5.63 -2.28
CA LEU I 82 -21.82 -4.97 -1.95
C LEU I 82 -22.36 -4.18 -3.13
N GLY I 83 -21.50 -3.45 -3.84
CA GLY I 83 -21.93 -2.68 -4.98
C GLY I 83 -22.39 -3.54 -6.14
N ILE I 84 -21.77 -4.70 -6.33
CA ILE I 84 -22.14 -5.59 -7.44
C ILE I 84 -23.56 -6.10 -7.25
N TRP I 85 -24.00 -6.28 -6.01
CA TRP I 85 -25.35 -6.74 -5.72
C TRP I 85 -26.35 -5.59 -5.63
N GLY I 86 -25.96 -4.38 -6.03
CA GLY I 86 -26.83 -3.23 -5.94
C GLY I 86 -27.18 -2.82 -4.53
N CYS I 87 -26.19 -2.81 -3.63
CA CYS I 87 -26.42 -2.44 -2.23
C CYS I 87 -25.33 -1.52 -1.72
N SER I 88 -24.69 -0.76 -2.61
CA SER I 88 -23.60 0.12 -2.22
C SER I 88 -24.10 1.27 -1.35
N GLY I 89 -23.32 1.61 -0.33
CA GLY I 89 -23.65 2.72 0.54
C GLY I 89 -24.75 2.45 1.53
N LYS I 90 -25.21 1.20 1.66
CA LYS I 90 -26.29 0.85 2.57
C LYS I 90 -25.87 -0.33 3.43
N LEU I 91 -25.96 -0.16 4.75
CA LEU I 91 -25.69 -1.28 5.65
C LEU I 91 -26.71 -2.39 5.47
N ILE I 92 -27.98 -2.03 5.30
CA ILE I 92 -29.06 -2.98 5.09
C ILE I 92 -29.67 -2.71 3.72
N CYS I 93 -29.77 -3.76 2.90
CA CYS I 93 -30.29 -3.62 1.54
C CYS I 93 -31.08 -4.87 1.19
N CYS I 94 -32.38 -4.71 0.98
CA CYS I 94 -33.20 -5.83 0.54
C CYS I 94 -32.89 -6.18 -0.91
N THR I 95 -33.18 -7.43 -1.26
CA THR I 95 -32.86 -7.96 -2.59
C THR I 95 -34.04 -8.76 -3.12
N ASN I 96 -34.02 -9.02 -4.43
CA ASN I 96 -35.09 -9.73 -5.10
C ASN I 96 -34.88 -11.23 -5.14
N VAL I 97 -33.77 -11.74 -4.60
CA VAL I 97 -33.53 -13.19 -4.60
C VAL I 97 -34.43 -13.85 -3.57
N PRO I 98 -35.23 -14.85 -3.95
CA PRO I 98 -36.05 -15.55 -2.96
C PRO I 98 -35.19 -16.37 -2.00
N TRP I 99 -35.71 -16.53 -0.78
CA TRP I 99 -35.02 -17.29 0.26
C TRP I 99 -35.50 -18.73 0.18
N ASN I 100 -34.74 -19.57 -0.51
CA ASN I 100 -35.06 -21.00 -0.58
C ASN I 100 -34.97 -21.64 0.80
N SER I 101 -35.96 -22.48 1.11
CA SER I 101 -36.00 -23.13 2.42
C SER I 101 -35.01 -24.28 2.54
N SER I 102 -34.34 -24.66 1.44
CA SER I 102 -33.40 -25.78 1.49
C SER I 102 -32.23 -25.49 2.40
N TRP I 103 -31.74 -24.24 2.40
CA TRP I 103 -30.56 -23.90 3.19
C TRP I 103 -30.82 -24.09 4.68
N SER I 104 -31.79 -23.35 5.22
CA SER I 104 -32.20 -23.52 6.63
C SER I 104 -33.62 -23.00 6.75
N ASN I 105 -34.58 -23.91 6.93
CA ASN I 105 -35.99 -23.52 7.00
C ASN I 105 -36.26 -22.60 8.19
N ARG I 106 -36.14 -23.15 9.40
CA ARG I 106 -36.37 -22.42 10.65
C ARG I 106 -37.66 -21.61 10.55
N ASN I 107 -37.73 -20.48 11.26
CA ASN I 107 -38.77 -19.50 11.07
C ASN I 107 -38.28 -18.16 11.59
N LEU I 108 -38.99 -17.10 11.21
CA LEU I 108 -38.52 -15.74 11.49
C LEU I 108 -38.42 -15.48 12.99
N SER I 109 -39.38 -15.98 13.77
CA SER I 109 -39.44 -15.63 15.19
C SER I 109 -38.22 -16.13 15.95
N GLU I 110 -37.79 -17.37 15.69
CA GLU I 110 -36.67 -17.93 16.44
C GLU I 110 -35.32 -17.43 15.93
N ILE I 111 -35.29 -16.79 14.77
CA ILE I 111 -34.02 -16.34 14.21
C ILE I 111 -33.60 -15.02 14.82
N TRP I 112 -34.45 -14.00 14.73
CA TRP I 112 -34.07 -12.64 15.13
C TRP I 112 -34.23 -12.39 16.62
N ASP I 113 -34.69 -13.37 17.40
CA ASP I 113 -34.88 -13.20 18.82
C ASP I 113 -34.21 -14.26 19.68
N ASN I 114 -33.68 -15.33 19.11
CA ASN I 114 -33.09 -16.39 19.91
C ASN I 114 -31.68 -16.75 19.49
N MET I 115 -31.37 -16.69 18.20
CA MET I 115 -30.08 -17.11 17.68
C MET I 115 -29.17 -15.90 17.51
N THR I 116 -27.88 -16.11 17.76
CA THR I 116 -26.88 -15.07 17.61
C THR I 116 -26.29 -15.08 16.20
N TRP I 117 -25.52 -14.05 15.89
CA TRP I 117 -24.94 -13.92 14.55
C TRP I 117 -23.94 -15.03 14.28
N LEU I 118 -23.13 -15.39 15.29
CA LEU I 118 -22.11 -16.42 15.09
C LEU I 118 -22.74 -17.77 14.77
N GLN I 119 -23.82 -18.12 15.47
CA GLN I 119 -24.49 -19.39 15.20
C GLN I 119 -25.09 -19.40 13.80
N TRP I 120 -25.68 -18.27 13.37
CA TRP I 120 -26.22 -18.19 12.02
C TRP I 120 -25.13 -18.34 10.97
N ASP I 121 -23.98 -17.69 11.18
CA ASP I 121 -22.87 -17.82 10.25
C ASP I 121 -22.37 -19.26 10.20
N LYS I 122 -22.29 -19.91 11.36
CA LYS I 122 -21.88 -21.31 11.39
C LYS I 122 -22.87 -22.19 10.61
N GLU I 123 -24.16 -21.93 10.77
CA GLU I 123 -25.18 -22.74 10.10
C GLU I 123 -25.16 -22.53 8.59
N ILE I 124 -25.02 -21.29 8.13
CA ILE I 124 -25.18 -20.95 6.72
C ILE I 124 -23.82 -20.80 6.02
N SER I 125 -22.73 -21.24 6.65
CA SER I 125 -21.42 -21.11 6.04
C SER I 125 -21.27 -21.96 4.79
N ASN I 126 -22.13 -22.96 4.58
CA ASN I 126 -21.95 -23.89 3.47
C ASN I 126 -22.36 -23.29 2.13
N TYR I 127 -23.44 -22.51 2.10
CA TYR I 127 -24.06 -22.08 0.85
C TYR I 127 -23.85 -20.61 0.56
N THR I 128 -22.80 -20.00 1.11
CA THR I 128 -22.58 -18.56 0.92
C THR I 128 -22.32 -18.21 -0.53
N GLN I 129 -21.50 -19.02 -1.22
CA GLN I 129 -21.11 -18.69 -2.59
C GLN I 129 -22.31 -18.70 -3.53
N ILE I 130 -23.22 -19.67 -3.36
CA ILE I 130 -24.39 -19.72 -4.23
C ILE I 130 -25.30 -18.52 -3.98
N ILE I 131 -25.38 -18.06 -2.72
CA ILE I 131 -26.13 -16.84 -2.43
C ILE I 131 -25.50 -15.66 -3.12
N TYR I 132 -24.18 -15.55 -3.07
CA TYR I 132 -23.49 -14.44 -3.73
C TYR I 132 -23.75 -14.45 -5.23
N GLY I 133 -23.66 -15.63 -5.85
CA GLY I 133 -23.92 -15.73 -7.28
C GLY I 133 -25.36 -15.39 -7.64
N LEU I 134 -26.32 -15.85 -6.82
CA LEU I 134 -27.71 -15.54 -7.08
C LEU I 134 -27.98 -14.05 -6.98
N LEU I 135 -27.42 -13.40 -5.95
CA LEU I 135 -27.58 -11.95 -5.82
C LEU I 135 -26.95 -11.23 -7.01
N GLU I 136 -25.77 -11.66 -7.43
CA GLU I 136 -25.13 -11.09 -8.62
C GLU I 136 -26.03 -11.18 -9.84
N GLU I 137 -26.54 -12.39 -10.13
CA GLU I 137 -27.34 -12.58 -11.34
C GLU I 137 -28.63 -11.79 -11.28
N SER I 138 -29.28 -11.78 -10.11
CA SER I 138 -30.52 -11.02 -9.96
C SER I 138 -30.29 -9.53 -10.13
N GLN I 139 -29.20 -9.00 -9.56
CA GLN I 139 -28.91 -7.58 -9.72
C GLN I 139 -28.62 -7.22 -11.17
N ASN I 140 -27.86 -8.07 -11.87
CA ASN I 140 -27.58 -7.80 -13.27
C ASN I 140 -28.85 -7.80 -14.11
N GLN I 141 -29.72 -8.79 -13.88
CA GLN I 141 -30.98 -8.86 -14.62
C GLN I 141 -31.86 -7.65 -14.30
N GLN I 142 -31.92 -7.25 -13.03
CA GLN I 142 -32.71 -6.09 -12.64
C GLN I 142 -32.17 -4.81 -13.29
N GLU I 143 -30.84 -4.66 -13.33
CA GLU I 143 -30.25 -3.49 -13.96
C GLU I 143 -30.59 -3.43 -15.44
N LYS I 144 -30.49 -4.56 -16.15
CA LYS I 144 -30.83 -4.56 -17.56
C LYS I 144 -32.30 -4.29 -17.79
N ASN I 145 -33.17 -4.88 -16.97
CA ASN I 145 -34.61 -4.64 -17.12
C ASN I 145 -34.95 -3.18 -16.86
N GLU I 146 -34.32 -2.58 -15.85
CA GLU I 146 -34.56 -1.17 -15.54
C GLU I 146 -34.06 -0.29 -16.68
N GLN I 147 -32.90 -0.61 -17.25
CA GLN I 147 -32.38 0.17 -18.38
C GLN I 147 -33.33 0.10 -19.57
N ASP I 148 -33.82 -1.10 -19.89
CA ASP I 148 -34.75 -1.25 -21.00
C ASP I 148 -36.05 -0.51 -20.74
N LEU I 149 -36.58 -0.62 -19.52
CA LEU I 149 -37.82 0.06 -19.18
C LEU I 149 -37.67 1.57 -19.28
N LEU I 150 -36.55 2.11 -18.79
CA LEU I 150 -36.35 3.55 -18.82
C LEU I 150 -36.13 4.04 -20.26
N ALA I 151 -35.38 3.28 -21.06
CA ALA I 151 -35.23 3.62 -22.47
C ALA I 151 -36.55 3.57 -23.20
N LEU I 152 -37.48 2.70 -22.76
CA LEU I 152 -38.81 2.67 -23.36
C LEU I 152 -39.54 3.99 -23.17
N ASP I 153 -39.43 4.58 -21.99
CA ASP I 153 -40.08 5.86 -21.71
C ASP I 153 -39.35 7.02 -22.39
N ALA J 1 -47.00 -12.89 3.76
CA ALA J 1 -46.45 -12.93 5.10
C ALA J 1 -45.42 -14.05 5.24
N GLU J 2 -45.82 -15.27 4.86
CA GLU J 2 -44.89 -16.39 4.91
C GLU J 2 -43.71 -16.18 3.96
N ASN J 3 -43.98 -15.66 2.77
CA ASN J 3 -42.91 -15.42 1.80
C ASN J 3 -41.89 -14.43 2.35
N LEU J 4 -40.61 -14.77 2.21
CA LEU J 4 -39.52 -13.93 2.69
C LEU J 4 -38.33 -14.07 1.76
N TRP J 5 -37.49 -13.04 1.76
CA TRP J 5 -36.38 -12.93 0.82
C TRP J 5 -35.07 -12.84 1.61
N VAL J 6 -33.98 -12.60 0.89
CA VAL J 6 -32.65 -12.54 1.49
C VAL J 6 -32.17 -11.10 1.55
N THR J 7 -31.61 -10.72 2.69
CA THR J 7 -31.12 -9.37 2.94
C THR J 7 -29.65 -9.43 3.38
N VAL J 8 -28.88 -8.45 2.94
CA VAL J 8 -27.45 -8.39 3.19
C VAL J 8 -27.18 -7.42 4.33
N TYR J 9 -26.35 -7.86 5.29
CA TYR J 9 -25.96 -7.07 6.45
C TYR J 9 -24.46 -6.89 6.42
N TYR J 10 -24.01 -5.64 6.57
CA TYR J 10 -22.60 -5.29 6.55
C TYR J 10 -22.16 -4.87 7.95
N GLY J 11 -20.85 -4.93 8.17
CA GLY J 11 -20.29 -4.62 9.49
C GLY J 11 -20.79 -5.54 10.57
N VAL J 12 -20.99 -6.81 10.26
CA VAL J 12 -21.69 -7.75 11.14
C VAL J 12 -20.76 -8.17 12.27
N PRO J 13 -21.27 -8.44 13.48
CA PRO J 13 -20.42 -8.92 14.58
C PRO J 13 -20.20 -10.43 14.56
N VAL J 14 -19.42 -10.89 13.59
CA VAL J 14 -19.00 -12.28 13.50
C VAL J 14 -17.51 -12.31 13.20
N TRP J 15 -16.88 -13.45 13.48
CA TRP J 15 -15.46 -13.60 13.29
C TRP J 15 -15.13 -15.06 13.04
N LYS J 16 -13.88 -15.32 12.70
CA LYS J 16 -13.38 -16.68 12.55
C LYS J 16 -11.90 -16.71 12.90
N ASP J 17 -11.42 -17.91 13.19
CA ASP J 17 -10.01 -18.09 13.51
C ASP J 17 -9.16 -17.83 12.27
N ALA J 18 -8.08 -17.06 12.46
CA ALA J 18 -7.19 -16.71 11.36
C ALA J 18 -5.85 -16.28 11.93
N GLU J 19 -4.86 -16.21 11.06
CA GLU J 19 -3.51 -15.78 11.41
C GLU J 19 -3.13 -14.58 10.55
N THR J 20 -2.58 -13.55 11.19
CA THR J 20 -2.19 -12.34 10.49
C THR J 20 -0.93 -11.79 11.15
N THR J 21 -0.56 -10.56 10.79
CA THR J 21 0.64 -9.91 11.30
C THR J 21 0.23 -8.74 12.19
N LEU J 22 0.48 -8.86 13.48
CA LEU J 22 0.23 -7.78 14.42
C LEU J 22 1.41 -6.81 14.41
N PHE J 23 1.22 -5.68 15.08
CA PHE J 23 2.26 -4.66 15.15
C PHE J 23 2.55 -4.31 16.61
N CYS J 24 3.80 -3.93 16.86
CA CYS J 24 4.25 -3.61 18.21
C CYS J 24 3.76 -2.23 18.64
N ALA J 25 3.69 -2.04 19.94
CA ALA J 25 3.30 -0.77 20.53
C ALA J 25 3.93 -0.66 21.92
N SER J 26 4.50 0.50 22.22
CA SER J 26 5.22 0.70 23.46
C SER J 26 4.69 1.94 24.18
N ASP J 27 4.92 1.97 25.49
CA ASP J 27 4.46 3.08 26.31
C ASP J 27 5.23 4.35 25.96
N ALA J 28 4.56 5.49 26.16
CA ALA J 28 5.18 6.78 25.85
C ALA J 28 6.38 7.07 26.76
N LYS J 29 6.42 6.46 27.95
CA LYS J 29 7.53 6.69 28.87
C LYS J 29 8.86 6.27 28.25
N ALA J 30 8.85 5.24 27.41
CA ALA J 30 10.08 4.81 26.75
C ALA J 30 10.59 5.86 25.77
N TYR J 31 9.70 6.71 25.26
CA TYR J 31 10.14 7.77 24.35
C TYR J 31 11.03 8.79 25.07
N GLU J 32 10.85 8.95 26.38
CA GLU J 32 11.68 9.86 27.17
C GLU J 32 13.08 9.27 27.27
N THR J 33 13.99 9.73 26.41
CA THR J 33 15.34 9.17 26.29
C THR J 33 15.27 7.67 26.09
N GLU J 34 16.34 6.96 26.48
CA GLU J 34 16.40 5.50 26.41
C GLU J 34 16.11 5.00 24.99
N LYS J 35 16.61 5.74 24.00
CA LYS J 35 16.37 5.40 22.61
C LYS J 35 17.27 4.29 22.11
N HIS J 36 18.23 3.85 22.92
CA HIS J 36 19.17 2.80 22.54
C HIS J 36 18.85 1.56 23.36
N ASN J 37 18.25 0.56 22.71
CA ASN J 37 17.87 -0.68 23.38
C ASN J 37 17.72 -1.77 22.34
N VAL J 38 17.82 -3.02 22.81
CA VAL J 38 17.67 -4.17 21.92
C VAL J 38 16.26 -4.23 21.36
N TRP J 39 15.27 -4.07 22.23
CA TRP J 39 13.87 -4.09 21.82
C TRP J 39 13.50 -2.68 21.43
N ALA J 40 13.59 -2.40 20.12
CA ALA J 40 13.40 -1.05 19.60
C ALA J 40 12.06 -0.47 20.00
N THR J 41 12.10 0.58 20.84
CA THR J 41 10.89 1.25 21.30
C THR J 41 10.57 2.50 20.50
N HIS J 42 11.57 3.11 19.84
CA HIS J 42 11.30 4.24 18.96
C HIS J 42 10.51 3.82 17.73
N ALA J 43 10.65 2.57 17.31
CA ALA J 43 9.96 2.05 16.14
C ALA J 43 8.55 1.57 16.44
N CYS J 44 8.16 1.50 17.72
CA CYS J 44 6.84 1.03 18.11
C CYS J 44 5.89 2.21 18.28
N VAL J 45 4.66 2.03 17.80
CA VAL J 45 3.65 3.10 17.90
C VAL J 45 3.31 3.33 19.37
N PRO J 46 3.15 4.58 19.82
CA PRO J 46 2.78 4.81 21.22
C PRO J 46 1.45 4.16 21.56
N THR J 47 1.36 3.65 22.80
CA THR J 47 0.20 2.91 23.23
C THR J 47 -0.94 3.85 23.63
N ASP J 48 -2.12 3.27 23.80
CA ASP J 48 -3.28 4.02 24.28
C ASP J 48 -3.15 4.24 25.78
N PRO J 49 -3.16 5.48 26.26
CA PRO J 49 -3.08 5.71 27.71
C PRO J 49 -4.21 5.07 28.49
N ASN J 50 -5.39 4.94 27.89
CA ASN J 50 -6.54 4.26 28.51
C ASN J 50 -7.03 3.22 27.53
N PRO J 51 -6.40 2.04 27.50
CA PRO J 51 -6.84 0.99 26.58
C PRO J 51 -8.27 0.57 26.86
N GLN J 52 -9.01 0.27 25.80
CA GLN J 52 -10.40 -0.13 25.89
C GLN J 52 -10.48 -1.65 25.88
N GLU J 53 -11.27 -2.20 26.80
CA GLU J 53 -11.50 -3.64 26.89
C GLU J 53 -13.01 -3.84 26.92
N ILE J 54 -13.55 -4.49 25.90
CA ILE J 54 -14.99 -4.64 25.76
C ILE J 54 -15.37 -6.09 26.07
N HIS J 55 -16.13 -6.29 27.14
CA HIS J 55 -16.56 -7.63 27.50
C HIS J 55 -17.65 -8.11 26.57
N LEU J 56 -17.53 -9.37 26.13
CA LEU J 56 -18.49 -9.98 25.21
C LEU J 56 -19.44 -10.84 26.02
N GLU J 57 -20.58 -10.26 26.40
CA GLU J 57 -21.58 -11.00 27.15
C GLU J 57 -22.15 -12.13 26.31
N ASN J 58 -22.46 -13.26 26.96
CA ASN J 58 -23.09 -14.41 26.33
C ASN J 58 -22.24 -14.98 25.20
N VAL J 59 -20.93 -14.89 25.32
CA VAL J 59 -20.01 -15.34 24.28
C VAL J 59 -19.06 -16.37 24.88
N THR J 60 -18.96 -17.54 24.25
CA THR J 60 -18.03 -18.58 24.63
C THR J 60 -17.12 -18.86 23.45
N GLU J 61 -15.80 -18.80 23.67
CA GLU J 61 -14.83 -18.92 22.60
C GLU J 61 -13.85 -20.05 22.90
N GLU J 62 -13.44 -20.76 21.86
CA GLU J 62 -12.50 -21.87 21.99
C GLU J 62 -11.08 -21.34 21.83
N PHE J 63 -10.25 -21.55 22.85
CA PHE J 63 -8.87 -21.09 22.85
C PHE J 63 -7.93 -22.28 22.83
N ASN J 64 -6.74 -22.07 22.25
CA ASN J 64 -5.71 -23.11 22.20
C ASN J 64 -4.35 -22.41 22.26
N MET J 65 -3.71 -22.48 23.43
CA MET J 65 -2.42 -21.83 23.62
C MET J 65 -1.35 -22.43 22.71
N TRP J 66 -1.36 -23.76 22.56
CA TRP J 66 -0.26 -24.43 21.87
C TRP J 66 -0.28 -24.16 20.37
N LYS J 67 -1.46 -24.21 19.75
CA LYS J 67 -1.60 -23.93 18.32
C LYS J 67 -1.94 -22.46 18.09
N ASN J 68 -1.10 -21.59 18.64
CA ASN J 68 -1.28 -20.14 18.53
C ASN J 68 -0.16 -19.57 17.65
N ASN J 69 -0.55 -18.80 16.64
CA ASN J 69 0.42 -18.20 15.73
C ASN J 69 1.15 -17.02 16.36
N MET J 70 0.57 -16.40 17.39
CA MET J 70 1.19 -15.23 18.01
C MET J 70 2.53 -15.60 18.65
N VAL J 71 2.61 -16.77 19.28
CA VAL J 71 3.83 -17.17 19.98
C VAL J 71 4.98 -17.31 18.98
N GLU J 72 4.75 -18.04 17.89
CA GLU J 72 5.78 -18.19 16.87
C GLU J 72 6.11 -16.87 16.21
N GLN J 73 5.07 -16.08 15.90
CA GLN J 73 5.28 -14.79 15.23
C GLN J 73 6.13 -13.86 16.07
N MET J 74 5.82 -13.75 17.37
CA MET J 74 6.57 -12.82 18.20
C MET J 74 7.96 -13.35 18.52
N HIS J 75 8.13 -14.67 18.57
CA HIS J 75 9.46 -15.24 18.68
C HIS J 75 10.32 -14.87 17.48
N THR J 76 9.77 -15.01 16.27
CA THR J 76 10.50 -14.63 15.07
C THR J 76 10.79 -13.13 15.06
N ASP J 77 9.81 -12.32 15.49
CA ASP J 77 10.00 -10.88 15.55
C ASP J 77 11.13 -10.53 16.51
N ILE J 78 11.18 -11.19 17.67
CA ILE J 78 12.24 -10.93 18.64
C ILE J 78 13.60 -11.32 18.07
N ILE J 79 13.67 -12.47 17.40
CA ILE J 79 14.95 -12.90 16.82
C ILE J 79 15.41 -11.88 15.78
N SER J 80 14.51 -11.45 14.90
CA SER J 80 14.87 -10.51 13.84
C SER J 80 15.28 -9.17 14.43
N LEU J 81 14.57 -8.69 15.45
CA LEU J 81 14.91 -7.42 16.07
C LEU J 81 16.25 -7.50 16.79
N TRP J 82 16.54 -8.63 17.43
CA TRP J 82 17.85 -8.85 18.05
C TRP J 82 18.96 -8.80 17.01
N ASP J 83 18.76 -9.49 15.88
CA ASP J 83 19.77 -9.46 14.83
C ASP J 83 19.96 -8.05 14.27
N GLN J 84 18.87 -7.33 14.07
CA GLN J 84 18.96 -5.97 13.56
C GLN J 84 19.70 -5.06 14.54
N SER J 85 19.43 -5.22 15.84
CA SER J 85 20.12 -4.43 16.84
C SER J 85 21.61 -4.75 16.87
N LEU J 86 21.97 -6.03 16.72
CA LEU J 86 23.38 -6.41 16.73
C LEU J 86 24.09 -6.10 15.43
N LYS J 87 23.36 -5.81 14.35
CA LYS J 87 24.00 -5.58 13.06
C LYS J 87 24.96 -4.38 13.06
N PRO J 88 24.60 -3.19 13.54
CA PRO J 88 25.53 -2.06 13.45
C PRO J 88 26.70 -2.12 14.43
N CYS J 89 26.69 -3.05 15.38
CA CYS J 89 27.72 -3.09 16.40
C CYS J 89 29.02 -3.65 15.83
N VAL J 90 30.07 -3.59 16.67
CA VAL J 90 31.42 -3.97 16.22
C VAL J 90 31.49 -5.46 15.98
N LYS J 91 32.13 -5.84 14.88
CA LYS J 91 32.36 -7.25 14.53
C LYS J 91 33.69 -7.68 15.14
N LEU J 92 33.62 -8.65 16.06
CA LEU J 92 34.78 -9.07 16.84
C LEU J 92 35.51 -10.25 16.20
N THR J 93 35.88 -10.11 14.93
CA THR J 93 36.67 -11.14 14.26
C THR J 93 38.16 -11.14 14.61
N PRO J 94 38.82 -9.99 14.86
CA PRO J 94 40.26 -10.06 15.16
C PRO J 94 40.60 -10.77 16.45
N LEU J 95 39.64 -10.93 17.36
CA LEU J 95 39.91 -11.63 18.63
C LEU J 95 40.32 -13.08 18.41
N CYS J 96 40.02 -13.66 17.25
CA CYS J 96 40.37 -15.05 16.99
C CYS J 96 41.87 -15.18 16.76
N VAL J 97 42.65 -15.03 17.83
CA VAL J 97 44.11 -15.13 17.79
C VAL J 97 44.53 -16.01 18.96
N THR J 98 45.71 -16.62 18.82
CA THR J 98 46.23 -17.48 19.89
C THR J 98 46.44 -16.66 21.16
N LEU J 99 46.01 -17.21 22.29
CA LEU J 99 46.11 -16.55 23.58
C LEU J 99 47.01 -17.35 24.51
N GLN J 100 47.88 -16.67 25.23
CA GLN J 100 48.69 -17.28 26.29
C GLN J 100 47.97 -17.04 27.61
N CYS J 101 47.44 -18.11 28.20
CA CYS J 101 46.56 -18.01 29.35
C CYS J 101 47.19 -18.70 30.56
N THR J 102 47.02 -18.08 31.73
CA THR J 102 47.45 -18.61 33.00
C THR J 102 46.29 -18.52 33.99
N ASN J 103 46.46 -19.18 35.14
CA ASN J 103 45.44 -19.11 36.18
C ASN J 103 45.49 -17.76 36.89
N VAL J 104 44.45 -17.49 37.66
CA VAL J 104 44.30 -16.23 38.40
C VAL J 104 44.38 -16.55 39.88
N THR J 105 45.56 -16.35 40.48
CA THR J 105 45.73 -16.47 41.92
C THR J 105 45.77 -15.06 42.51
N ASN J 106 44.57 -14.52 42.72
CA ASN J 106 44.38 -13.15 43.19
C ASN J 106 43.35 -13.11 44.31
N ASN J 107 43.56 -13.96 45.33
CA ASN J 107 42.61 -14.13 46.44
C ASN J 107 41.30 -14.72 45.94
N ILE J 108 41.40 -15.84 45.22
CA ILE J 108 40.24 -16.56 44.72
C ILE J 108 39.79 -17.57 45.75
N THR J 109 38.48 -17.75 45.88
CA THR J 109 37.95 -18.75 46.79
C THR J 109 38.20 -20.15 46.25
N ASP J 110 37.90 -21.15 47.10
CA ASP J 110 38.16 -22.53 46.72
C ASP J 110 37.28 -22.99 45.57
N ASP J 111 36.06 -22.46 45.46
CA ASP J 111 35.14 -22.87 44.42
C ASP J 111 35.38 -22.17 43.08
N MET J 112 36.23 -21.13 43.06
CA MET J 112 36.53 -20.39 41.84
C MET J 112 37.93 -20.71 41.31
N ARG J 113 38.40 -21.93 41.51
CA ARG J 113 39.73 -22.33 41.06
C ARG J 113 39.66 -22.69 39.58
N GLY J 114 40.32 -21.88 38.74
CA GLY J 114 40.36 -22.12 37.32
C GLY J 114 39.21 -21.54 36.52
N GLU J 115 38.22 -20.96 37.20
CA GLU J 115 37.10 -20.36 36.47
C GLU J 115 37.55 -19.15 35.65
N LEU J 116 38.45 -18.34 36.20
CA LEU J 116 38.98 -17.18 35.52
C LEU J 116 40.40 -17.45 35.04
N LYS J 117 40.71 -16.98 33.84
CA LYS J 117 42.01 -17.16 33.23
C LYS J 117 42.53 -15.82 32.72
N ASN J 118 43.77 -15.52 33.05
CA ASN J 118 44.44 -14.29 32.61
C ASN J 118 45.14 -14.60 31.29
N CYS J 119 44.64 -13.99 30.21
CA CYS J 119 45.10 -14.30 28.86
C CYS J 119 45.71 -13.07 28.22
N SER J 120 46.93 -13.22 27.71
CA SER J 120 47.64 -12.16 26.99
C SER J 120 47.81 -12.57 25.53
N PHE J 121 47.71 -11.58 24.65
CA PHE J 121 47.77 -11.85 23.21
C PHE J 121 48.12 -10.58 22.47
N ASN J 122 48.58 -10.75 21.23
CA ASN J 122 48.81 -9.64 20.32
C ASN J 122 47.52 -9.29 19.59
N MET J 123 47.40 -8.01 19.24
CA MET J 123 46.21 -7.53 18.56
C MET J 123 46.56 -6.33 17.70
N THR J 124 45.88 -6.20 16.57
CA THR J 124 46.07 -5.05 15.70
C THR J 124 45.56 -3.78 16.38
N THR J 125 46.31 -2.70 16.23
CA THR J 125 45.92 -1.39 16.72
C THR J 125 45.28 -0.60 15.58
N GLU J 126 45.08 0.70 15.81
CA GLU J 126 44.49 1.56 14.79
C GLU J 126 45.29 1.53 13.49
N LEU J 127 46.59 1.25 13.58
CA LEU J 127 47.44 1.10 12.40
C LEU J 127 47.72 -0.38 12.19
N ARG J 128 47.44 -0.86 10.96
CA ARG J 128 47.56 -2.29 10.70
C ARG J 128 49.00 -2.78 10.84
N ASP J 129 49.97 -1.99 10.38
CA ASP J 129 51.36 -2.41 10.46
C ASP J 129 51.85 -2.56 11.89
N LYS J 130 51.23 -1.88 12.84
CA LYS J 130 51.63 -1.94 14.23
C LYS J 130 50.72 -2.89 15.00
N LYS J 131 51.26 -3.50 16.05
CA LYS J 131 50.52 -4.44 16.88
C LYS J 131 50.83 -4.15 18.34
N GLN J 132 49.89 -4.52 19.21
CA GLN J 132 50.00 -4.26 20.64
C GLN J 132 49.76 -5.55 21.41
N LYS J 133 50.57 -5.76 22.45
CA LYS J 133 50.39 -6.90 23.34
C LYS J 133 49.53 -6.49 24.52
N VAL J 134 48.35 -7.09 24.64
CA VAL J 134 47.38 -6.72 25.66
C VAL J 134 46.92 -7.95 26.41
N TYR J 135 46.50 -7.74 27.65
CA TYR J 135 46.05 -8.80 28.54
C TYR J 135 44.61 -8.54 28.97
N SER J 136 43.88 -9.61 29.25
CA SER J 136 42.50 -9.52 29.70
C SER J 136 42.20 -10.76 30.54
N LEU J 137 40.97 -10.84 31.03
CA LEU J 137 40.49 -11.95 31.82
C LEU J 137 39.30 -12.60 31.12
N PHE J 138 39.30 -13.93 31.07
CA PHE J 138 38.24 -14.67 30.41
C PHE J 138 37.77 -15.81 31.29
N TYR J 139 36.47 -16.08 31.27
CA TYR J 139 35.94 -17.17 32.06
C TYR J 139 36.30 -18.51 31.42
N ARG J 140 36.38 -19.54 32.26
CA ARG J 140 36.81 -20.86 31.79
C ARG J 140 35.88 -21.42 30.72
N LEU J 141 34.60 -21.05 30.76
CA LEU J 141 33.63 -21.51 29.77
C LEU J 141 33.70 -20.72 28.47
N ASP J 142 34.74 -19.91 28.28
CA ASP J 142 34.89 -19.11 27.07
C ASP J 142 36.17 -19.39 26.30
N VAL J 143 37.08 -20.20 26.84
CA VAL J 143 38.36 -20.50 26.21
C VAL J 143 38.57 -22.01 26.22
N VAL J 144 39.13 -22.53 25.14
CA VAL J 144 39.43 -23.95 24.99
C VAL J 144 40.91 -24.11 24.67
N GLN J 145 41.56 -25.07 25.32
CA GLN J 145 42.98 -25.31 25.12
C GLN J 145 43.23 -25.94 23.76
N ILE J 146 44.38 -25.62 23.18
CA ILE J 146 44.82 -26.22 21.92
C ILE J 146 46.21 -26.81 22.13
N ASN J 147 46.39 -28.05 21.74
CA ASN J 147 47.66 -28.75 21.91
C ASN J 147 48.22 -29.20 20.56
N SER J 157 54.85 -27.77 29.62
CA SER J 157 55.11 -26.91 28.47
C SER J 157 54.21 -25.67 28.49
N ASN J 158 54.14 -24.99 27.36
CA ASN J 158 53.31 -23.80 27.27
C ASN J 158 51.83 -24.16 27.26
N LYS J 159 50.99 -23.16 27.56
CA LYS J 159 49.54 -23.32 27.60
C LYS J 159 48.92 -22.31 26.64
N GLU J 160 48.33 -22.80 25.57
CA GLU J 160 47.71 -21.94 24.55
C GLU J 160 46.22 -22.24 24.48
N TYR J 161 45.43 -21.16 24.49
CA TYR J 161 43.97 -21.26 24.45
C TYR J 161 43.43 -20.38 23.34
N ARG J 162 42.24 -20.73 22.88
CA ARG J 162 41.54 -19.96 21.85
C ARG J 162 40.08 -19.79 22.24
N LEU J 163 39.46 -18.75 21.69
CA LEU J 163 38.04 -18.52 21.95
C LEU J 163 37.21 -19.69 21.44
N ILE J 164 36.18 -20.05 22.20
CA ILE J 164 35.40 -21.25 21.91
C ILE J 164 34.69 -21.13 20.56
N ASN J 165 34.40 -19.90 20.12
CA ASN J 165 33.64 -19.67 18.91
C ASN J 165 34.51 -19.61 17.65
N CYS J 166 35.84 -19.64 17.80
CA CYS J 166 36.71 -19.39 16.65
C CYS J 166 36.53 -20.41 15.54
N ASN J 167 36.20 -21.65 15.89
CA ASN J 167 35.96 -22.67 14.89
C ASN J 167 34.50 -22.74 14.45
N THR J 168 33.65 -21.86 14.95
CA THR J 168 32.24 -21.82 14.58
C THR J 168 31.87 -20.56 13.81
N SER J 169 32.15 -19.38 14.39
CA SER J 169 31.84 -18.11 13.75
C SER J 169 32.50 -16.99 14.55
N ALA J 170 32.45 -15.78 14.00
CA ALA J 170 33.00 -14.61 14.66
C ALA J 170 31.88 -13.86 15.37
N CYS J 171 32.09 -13.59 16.66
CA CYS J 171 31.06 -12.91 17.43
C CYS J 171 31.02 -11.42 17.10
N THR J 172 29.89 -10.81 17.43
CA THR J 172 29.65 -9.38 17.24
C THR J 172 29.46 -8.78 18.63
N GLN J 173 30.45 -8.03 19.10
CA GLN J 173 30.37 -7.40 20.41
C GLN J 173 29.18 -6.46 20.47
N ALA J 174 28.39 -6.58 21.54
CA ALA J 174 27.22 -5.73 21.69
C ALA J 174 27.64 -4.30 22.00
N CYS J 175 26.89 -3.35 21.46
CA CYS J 175 27.18 -1.94 21.71
C CYS J 175 26.90 -1.61 23.17
N PRO J 176 27.87 -1.02 23.89
CA PRO J 176 27.66 -0.78 25.33
C PRO J 176 26.48 0.13 25.64
N LYS J 177 26.21 1.11 24.77
CA LYS J 177 25.09 2.02 25.00
C LYS J 177 23.75 1.31 24.92
N VAL J 178 23.66 0.20 24.19
CA VAL J 178 22.41 -0.54 24.06
C VAL J 178 22.11 -1.26 25.36
N SER J 179 20.86 -1.15 25.82
CA SER J 179 20.44 -1.72 27.09
C SER J 179 19.76 -3.07 26.87
N PHE J 180 20.19 -4.08 27.63
CA PHE J 180 19.59 -5.41 27.59
C PHE J 180 18.35 -5.53 28.47
N GLU J 181 17.99 -4.47 29.19
CA GLU J 181 16.86 -4.54 30.10
C GLU J 181 15.56 -4.74 29.32
N PRO J 182 14.77 -5.76 29.63
CA PRO J 182 13.47 -5.92 28.97
C PRO J 182 12.53 -4.79 29.32
N ILE J 183 11.66 -4.45 28.38
CA ILE J 183 10.68 -3.39 28.57
C ILE J 183 9.30 -3.95 28.25
N PRO J 184 8.23 -3.42 28.86
CA PRO J 184 6.88 -3.86 28.49
C PRO J 184 6.61 -3.60 27.01
N ILE J 185 5.95 -4.56 26.37
CA ILE J 185 5.59 -4.45 24.97
C ILE J 185 4.15 -4.89 24.80
N HIS J 186 3.47 -4.27 23.83
CA HIS J 186 2.09 -4.58 23.52
C HIS J 186 2.00 -4.98 22.06
N TYR J 187 1.14 -5.94 21.75
CA TYR J 187 0.90 -6.37 20.38
C TYR J 187 -0.54 -6.03 20.00
N CYS J 188 -0.70 -5.26 18.93
CA CYS J 188 -2.01 -4.81 18.49
C CYS J 188 -2.30 -5.36 17.10
N ALA J 189 -3.51 -5.85 16.93
CA ALA J 189 -3.94 -6.34 15.63
C ALA J 189 -4.23 -5.17 14.70
N PRO J 190 -4.02 -5.36 13.40
CA PRO J 190 -4.33 -4.29 12.44
C PRO J 190 -5.84 -4.17 12.22
N ALA J 191 -6.22 -3.27 11.33
CA ALA J 191 -7.62 -3.07 11.01
C ALA J 191 -8.21 -4.34 10.39
N GLY J 192 -9.46 -4.62 10.72
CA GLY J 192 -10.13 -5.81 10.23
C GLY J 192 -9.89 -7.06 11.05
N PHE J 193 -9.06 -6.98 12.09
CA PHE J 193 -8.79 -8.12 12.96
C PHE J 193 -9.01 -7.70 14.40
N ALA J 194 -9.27 -8.70 15.25
CA ALA J 194 -9.55 -8.46 16.65
C ALA J 194 -8.72 -9.40 17.53
N ILE J 195 -8.47 -8.96 18.75
CA ILE J 195 -7.74 -9.74 19.74
C ILE J 195 -8.69 -10.06 20.89
N LEU J 196 -8.85 -11.35 21.18
CA LEU J 196 -9.75 -11.83 22.20
C LEU J 196 -8.95 -12.30 23.41
N LYS J 197 -9.36 -11.84 24.59
CA LYS J 197 -8.75 -12.19 25.86
C LYS J 197 -9.74 -12.99 26.69
N CYS J 198 -9.32 -14.14 27.19
CA CYS J 198 -10.14 -14.98 28.04
C CYS J 198 -9.96 -14.55 29.49
N LYS J 199 -11.01 -13.99 30.08
CA LYS J 199 -10.96 -13.46 31.44
C LYS J 199 -11.19 -14.52 32.50
N ASP J 200 -11.42 -15.78 32.12
CA ASP J 200 -11.64 -16.84 33.09
C ASP J 200 -10.40 -17.04 33.95
N LYS J 201 -10.59 -17.04 35.27
CA LYS J 201 -9.48 -17.20 36.20
C LYS J 201 -9.09 -18.66 36.41
N LYS J 202 -9.92 -19.61 36.00
CA LYS J 202 -9.61 -21.03 36.11
C LYS J 202 -9.28 -21.66 34.76
N PHE J 203 -9.08 -20.84 33.73
CA PHE J 203 -8.77 -21.35 32.41
C PHE J 203 -7.44 -22.12 32.44
N ASN J 204 -7.45 -23.32 31.85
CA ASN J 204 -6.29 -24.20 31.89
C ASN J 204 -5.49 -24.17 30.59
N GLY J 205 -5.63 -23.12 29.79
CA GLY J 205 -4.84 -22.91 28.61
C GLY J 205 -5.49 -23.35 27.31
N THR J 206 -6.49 -24.22 27.36
CA THR J 206 -7.15 -24.67 26.14
C THR J 206 -8.60 -25.02 26.46
N GLY J 207 -9.43 -25.00 25.42
CA GLY J 207 -10.83 -25.33 25.56
C GLY J 207 -11.74 -24.13 25.50
N PRO J 208 -12.98 -24.30 25.95
CA PRO J 208 -13.94 -23.20 25.92
C PRO J 208 -13.67 -22.19 27.03
N CYS J 209 -14.07 -20.95 26.77
CA CYS J 209 -13.97 -19.86 27.74
C CYS J 209 -15.24 -19.03 27.66
N PRO J 210 -16.00 -18.93 28.76
CA PRO J 210 -17.26 -18.17 28.73
C PRO J 210 -17.09 -16.68 29.01
N SER J 211 -16.03 -16.31 29.73
CA SER J 211 -15.76 -14.91 30.04
C SER J 211 -14.71 -14.40 29.07
N VAL J 212 -15.16 -13.66 28.05
CA VAL J 212 -14.30 -13.22 26.96
C VAL J 212 -14.41 -11.71 26.82
N SER J 213 -13.35 -11.10 26.31
CA SER J 213 -13.35 -9.67 26.02
C SER J 213 -12.52 -9.45 24.76
N THR J 214 -12.69 -8.27 24.16
CA THR J 214 -11.92 -7.85 23.01
C THR J 214 -11.08 -6.63 23.38
N VAL J 215 -9.84 -6.64 22.91
CA VAL J 215 -8.87 -5.57 23.18
C VAL J 215 -8.12 -5.27 21.90
N GLN J 216 -7.89 -3.99 21.62
CA GLN J 216 -7.09 -3.62 20.45
C GLN J 216 -5.64 -4.07 20.64
N CYS J 217 -5.11 -3.88 21.85
CA CYS J 217 -3.71 -4.13 22.15
C CYS J 217 -3.63 -4.99 23.41
N THR J 218 -2.69 -5.92 23.42
CA THR J 218 -2.52 -6.76 24.59
C THR J 218 -1.85 -5.98 25.73
N HIS J 219 -1.89 -6.57 26.93
CA HIS J 219 -1.23 -5.96 28.07
C HIS J 219 0.28 -6.01 27.89
N GLY J 220 0.97 -5.18 28.67
CA GLY J 220 2.42 -5.10 28.59
C GLY J 220 3.12 -6.42 28.84
N ILE J 221 3.93 -6.85 27.86
CA ILE J 221 4.65 -8.12 27.94
C ILE J 221 6.14 -7.81 27.95
N LYS J 222 6.85 -8.39 28.90
CA LYS J 222 8.30 -8.19 29.01
C LYS J 222 9.00 -9.40 28.41
N PRO J 223 9.70 -9.27 27.29
CA PRO J 223 10.35 -10.43 26.68
C PRO J 223 11.57 -10.90 27.47
N VAL J 224 11.32 -11.50 28.63
CA VAL J 224 12.41 -11.99 29.48
C VAL J 224 12.88 -13.34 28.94
N VAL J 225 14.19 -13.47 28.76
CA VAL J 225 14.80 -14.70 28.28
C VAL J 225 15.28 -15.48 29.50
N SER J 226 14.71 -16.67 29.69
CA SER J 226 15.08 -17.50 30.83
C SER J 226 14.81 -18.96 30.50
N THR J 227 15.48 -19.85 31.23
CA THR J 227 15.32 -21.29 31.10
C THR J 227 15.10 -21.88 32.47
N GLN J 228 14.22 -22.89 32.54
CA GLN J 228 13.83 -23.59 33.76
C GLN J 228 13.06 -22.70 34.72
N LEU J 229 12.87 -21.42 34.40
CA LEU J 229 12.18 -20.48 35.27
C LEU J 229 11.52 -19.42 34.41
N LEU J 230 10.47 -18.81 34.94
CA LEU J 230 9.76 -17.72 34.27
C LEU J 230 9.89 -16.48 35.16
N LEU J 231 10.80 -15.58 34.78
CA LEU J 231 11.12 -14.42 35.59
C LEU J 231 10.28 -13.22 35.18
N ASN J 232 9.80 -12.48 36.18
CA ASN J 232 9.05 -11.24 35.97
C ASN J 232 7.80 -11.45 35.12
N GLY J 233 7.21 -12.65 35.20
CA GLY J 233 6.03 -12.97 34.43
C GLY J 233 4.74 -12.60 35.15
N SER J 234 3.63 -13.02 34.56
CA SER J 234 2.32 -12.78 35.14
C SER J 234 2.05 -13.76 36.28
N LEU J 235 1.01 -13.47 37.06
CA LEU J 235 0.63 -14.28 38.20
C LEU J 235 -0.84 -14.65 38.09
N ALA J 236 -1.15 -15.93 38.28
CA ALA J 236 -2.52 -16.39 38.24
C ALA J 236 -3.29 -15.85 39.44
N GLU J 237 -4.53 -15.41 39.19
CA GLU J 237 -5.32 -14.80 40.26
C GLU J 237 -5.85 -15.84 41.24
N GLU J 238 -6.29 -17.00 40.74
CA GLU J 238 -6.94 -17.98 41.59
C GLU J 238 -5.92 -18.72 42.47
N GLU J 239 -5.02 -19.45 41.85
CA GLU J 239 -4.03 -20.26 42.56
C GLU J 239 -2.98 -20.70 41.55
N VAL J 240 -2.09 -21.60 41.97
CA VAL J 240 -1.10 -22.16 41.06
C VAL J 240 -1.82 -22.96 39.98
N MET J 241 -1.39 -22.77 38.73
CA MET J 241 -2.05 -23.40 37.59
C MET J 241 -1.03 -24.18 36.78
N ILE J 242 -1.50 -25.25 36.14
CA ILE J 242 -0.67 -26.12 35.32
C ILE J 242 -1.28 -26.23 33.94
N ARG J 243 -0.43 -26.11 32.91
CA ARG J 243 -0.87 -26.18 31.52
C ARG J 243 0.04 -27.13 30.77
N SER J 244 -0.55 -27.93 29.88
CA SER J 244 0.21 -28.90 29.10
C SER J 244 -0.58 -29.23 27.85
N GLU J 245 0.15 -29.41 26.74
CA GLU J 245 -0.50 -29.85 25.50
C GLU J 245 -1.10 -31.24 25.67
N ASN J 246 -0.38 -32.13 26.36
CA ASN J 246 -0.86 -33.47 26.65
C ASN J 246 -0.25 -33.88 27.98
N ILE J 247 -1.02 -33.73 29.06
CA ILE J 247 -0.51 -33.99 30.40
C ILE J 247 -0.06 -35.45 30.53
N THR J 248 -0.80 -36.37 29.92
CA THR J 248 -0.41 -37.78 29.97
C THR J 248 0.91 -38.02 29.24
N ASN J 249 1.11 -37.35 28.11
CA ASN J 249 2.34 -37.52 27.34
C ASN J 249 3.51 -36.83 28.05
N ASN J 250 4.56 -37.60 28.34
CA ASN J 250 5.73 -37.04 29.01
C ASN J 250 6.61 -36.22 28.07
N ALA J 251 6.48 -36.41 26.76
CA ALA J 251 7.32 -35.68 25.80
C ALA J 251 6.94 -34.21 25.69
N LYS J 252 5.82 -33.80 26.27
CA LYS J 252 5.37 -32.41 26.19
C LYS J 252 5.71 -31.68 27.49
N ASN J 253 6.20 -30.46 27.35
CA ASN J 253 6.58 -29.66 28.51
C ASN J 253 5.34 -29.25 29.30
N ILE J 254 5.57 -28.95 30.59
CA ILE J 254 4.52 -28.53 31.51
C ILE J 254 4.85 -27.12 31.98
N LEU J 255 3.89 -26.20 31.81
CA LEU J 255 4.04 -24.83 32.24
C LEU J 255 3.29 -24.63 33.55
N VAL J 256 4.00 -24.19 34.59
CA VAL J 256 3.41 -23.96 35.90
C VAL J 256 3.44 -22.46 36.17
N GLN J 257 2.28 -21.91 36.51
CA GLN J 257 2.14 -20.49 36.83
C GLN J 257 1.84 -20.35 38.31
N PHE J 258 2.62 -19.50 38.99
CA PHE J 258 2.50 -19.31 40.43
C PHE J 258 1.41 -18.30 40.75
N ASN J 259 0.72 -18.52 41.87
CA ASN J 259 -0.24 -17.54 42.36
C ASN J 259 0.46 -16.34 42.98
N THR J 260 1.61 -16.55 43.61
CA THR J 260 2.38 -15.48 44.24
C THR J 260 3.82 -15.56 43.78
N PRO J 261 4.48 -14.43 43.57
CA PRO J 261 5.87 -14.44 43.11
C PRO J 261 6.82 -14.87 44.23
N VAL J 262 7.99 -15.35 43.82
CA VAL J 262 9.07 -15.69 44.73
C VAL J 262 10.23 -14.74 44.46
N GLN J 263 10.64 -13.99 45.48
CA GLN J 263 11.71 -13.02 45.30
C GLN J 263 13.05 -13.75 45.21
N ILE J 264 13.82 -13.45 44.16
CA ILE J 264 15.12 -14.04 43.94
C ILE J 264 16.15 -12.93 43.79
N ASN J 265 17.23 -13.01 44.54
CA ASN J 265 18.30 -12.01 44.50
C ASN J 265 19.52 -12.65 43.84
N CYS J 266 19.88 -12.17 42.65
CA CYS J 266 21.01 -12.69 41.90
C CYS J 266 22.12 -11.66 41.90
N THR J 267 23.32 -12.06 42.33
CA THR J 267 24.42 -11.12 42.50
C THR J 267 25.73 -11.70 41.99
N ARG J 268 26.49 -10.84 41.32
CA ARG J 268 27.90 -11.06 41.01
C ARG J 268 28.71 -10.07 41.84
N PRO J 269 29.39 -10.53 42.90
CA PRO J 269 30.06 -9.59 43.82
C PRO J 269 31.42 -9.12 43.36
N ASN J 270 31.97 -9.67 42.27
CA ASN J 270 33.28 -9.25 41.81
C ASN J 270 33.23 -7.81 41.30
N ASN J 271 34.22 -7.01 41.70
CA ASN J 271 34.32 -5.63 41.25
C ASN J 271 35.09 -5.61 39.93
N ASN J 272 34.35 -5.84 38.85
CA ASN J 272 34.93 -5.92 37.52
C ASN J 272 35.38 -4.54 37.05
N THR J 273 36.37 -4.54 36.15
CA THR J 273 36.87 -3.32 35.53
C THR J 273 36.83 -3.47 34.02
N ARG J 274 36.38 -2.43 33.34
CA ARG J 274 36.28 -2.41 31.89
C ARG J 274 37.49 -1.69 31.31
N LYS J 275 38.14 -2.31 30.33
CA LYS J 275 39.30 -1.73 29.66
C LYS J 275 39.02 -1.63 28.18
N SER J 276 39.29 -0.47 27.59
CA SER J 276 39.04 -0.22 26.19
C SER J 276 40.32 -0.43 25.38
N ILE J 277 40.20 -1.20 24.29
CA ILE J 277 41.31 -1.49 23.41
C ILE J 277 40.92 -1.06 21.99
N ARG J 278 41.81 -0.34 21.31
CA ARG J 278 41.55 0.16 19.97
C ARG J 278 41.97 -0.90 18.97
N ILE J 279 41.00 -1.68 18.48
CA ILE J 279 41.30 -2.70 17.48
C ILE J 279 41.69 -2.04 16.16
N GLY J 280 40.94 -1.04 15.73
CA GLY J 280 41.21 -0.36 14.48
C GLY J 280 40.57 1.01 14.43
N PRO J 281 40.21 1.45 13.23
CA PRO J 281 39.54 2.75 13.10
C PRO J 281 38.14 2.74 13.68
N GLY J 282 37.96 3.39 14.83
CA GLY J 282 36.67 3.42 15.48
C GLY J 282 36.18 2.09 16.00
N GLN J 283 37.07 1.13 16.18
CA GLN J 283 36.72 -0.20 16.69
C GLN J 283 37.24 -0.31 18.12
N ALA J 284 36.32 -0.39 19.07
CA ALA J 284 36.66 -0.47 20.48
C ALA J 284 36.24 -1.83 21.03
N PHE J 285 37.15 -2.49 21.74
CA PHE J 285 36.90 -3.77 22.37
C PHE J 285 36.98 -3.59 23.88
N TYR J 286 35.95 -4.06 24.58
CA TYR J 286 35.85 -3.92 26.02
C TYR J 286 36.25 -5.24 26.67
N ALA J 287 37.31 -5.21 27.48
CA ALA J 287 37.85 -6.40 28.11
C ALA J 287 37.76 -6.27 29.62
N THR J 288 37.80 -7.43 30.28
CA THR J 288 37.73 -7.49 31.75
C THR J 288 39.15 -7.33 32.30
N GLY J 289 39.39 -6.20 32.96
CA GLY J 289 40.68 -5.93 33.58
C GLY J 289 40.80 -6.57 34.94
N ASP J 290 41.82 -6.12 35.68
CA ASP J 290 42.08 -6.64 37.01
C ASP J 290 40.89 -6.37 37.94
N ILE J 291 40.52 -7.40 38.70
CA ILE J 291 39.41 -7.28 39.64
C ILE J 291 39.93 -6.67 40.94
N ILE J 292 39.26 -5.62 41.41
CA ILE J 292 39.63 -4.99 42.68
C ILE J 292 39.07 -5.82 43.82
N GLY J 293 39.93 -6.20 44.76
CA GLY J 293 39.49 -6.86 45.96
C GLY J 293 39.34 -8.37 45.79
N ASP J 294 38.55 -8.94 46.68
CA ASP J 294 38.34 -10.38 46.71
C ASP J 294 37.51 -10.82 45.52
N ILE J 295 37.64 -12.11 45.18
CA ILE J 295 36.90 -12.73 44.09
C ILE J 295 35.99 -13.80 44.69
N ARG J 296 34.70 -13.70 44.40
CA ARG J 296 33.72 -14.63 44.92
C ARG J 296 32.78 -15.07 43.80
N GLN J 297 32.24 -16.28 43.95
CA GLN J 297 31.36 -16.83 42.93
C GLN J 297 30.02 -16.08 42.92
N ALA J 298 29.53 -15.81 41.71
CA ALA J 298 28.20 -15.23 41.58
C ALA J 298 27.14 -16.24 42.00
N HIS J 299 26.13 -15.77 42.72
CA HIS J 299 25.15 -16.68 43.32
C HIS J 299 23.78 -16.03 43.34
N CYS J 300 22.76 -16.87 43.46
CA CYS J 300 21.39 -16.40 43.60
C CYS J 300 20.75 -16.98 44.86
N ASN J 301 20.00 -16.15 45.56
CA ASN J 301 19.36 -16.49 46.82
C ASN J 301 17.85 -16.46 46.65
N VAL J 302 17.18 -17.42 47.30
CA VAL J 302 15.73 -17.47 47.37
C VAL J 302 15.33 -17.79 48.80
N SER J 303 14.06 -17.51 49.13
CA SER J 303 13.55 -17.80 50.46
C SER J 303 13.17 -19.27 50.55
N LYS J 304 13.73 -19.97 51.54
CA LYS J 304 13.48 -21.40 51.68
C LYS J 304 12.02 -21.69 52.00
N ALA J 305 11.44 -20.93 52.94
CA ALA J 305 10.05 -21.17 53.33
C ALA J 305 9.09 -20.87 52.18
N THR J 306 9.30 -19.75 51.49
CA THR J 306 8.43 -19.40 50.37
C THR J 306 8.53 -20.44 49.25
N TRP J 307 9.74 -20.87 48.93
CA TRP J 307 9.92 -21.90 47.90
C TRP J 307 9.27 -23.20 48.33
N ASN J 308 9.38 -23.57 49.61
CA ASN J 308 8.76 -24.80 50.10
C ASN J 308 7.24 -24.73 49.99
N GLU J 309 6.65 -23.60 50.37
CA GLU J 309 5.20 -23.47 50.28
C GLU J 309 4.73 -23.46 48.83
N THR J 310 5.48 -22.82 47.94
CA THR J 310 5.14 -22.83 46.52
C THR J 310 5.23 -24.23 45.95
N LEU J 311 6.27 -24.98 46.33
CA LEU J 311 6.41 -26.36 45.87
C LEU J 311 5.28 -27.23 46.40
N GLY J 312 4.86 -26.99 47.65
CA GLY J 312 3.73 -27.73 48.19
C GLY J 312 2.44 -27.46 47.42
N LYS J 313 2.18 -26.19 47.11
CA LYS J 313 1.00 -25.86 46.31
C LYS J 313 1.08 -26.50 44.91
N VAL J 314 2.26 -26.46 44.30
CA VAL J 314 2.45 -27.10 43.00
C VAL J 314 2.20 -28.60 43.11
N VAL J 315 2.68 -29.23 44.19
CA VAL J 315 2.48 -30.66 44.38
C VAL J 315 1.00 -30.99 44.52
N LYS J 316 0.27 -30.16 45.27
CA LYS J 316 -1.17 -30.39 45.40
C LYS J 316 -1.88 -30.28 44.06
N GLN J 317 -1.55 -29.23 43.29
CA GLN J 317 -2.21 -29.05 42.00
C GLN J 317 -1.81 -30.13 41.01
N LEU J 318 -0.60 -30.69 41.15
CA LEU J 318 -0.19 -31.80 40.28
C LEU J 318 -0.88 -33.09 40.68
N ARG J 319 -1.05 -33.31 41.99
CA ARG J 319 -1.80 -34.47 42.46
C ARG J 319 -3.25 -34.40 42.02
N LYS J 320 -3.78 -33.18 41.84
CA LYS J 320 -5.11 -33.03 41.28
C LYS J 320 -5.23 -33.63 39.88
N HIS J 321 -4.11 -33.79 39.17
CA HIS J 321 -4.11 -34.38 37.84
C HIS J 321 -3.55 -35.79 37.79
N PHE J 322 -2.66 -36.15 38.71
CA PHE J 322 -1.97 -37.44 38.69
C PHE J 322 -2.45 -38.37 39.80
N GLY J 323 -3.59 -38.07 40.40
CA GLY J 323 -4.08 -38.90 41.50
C GLY J 323 -3.62 -38.40 42.85
N ASN J 324 -4.48 -38.59 43.85
CA ASN J 324 -4.17 -38.10 45.20
C ASN J 324 -3.05 -38.90 45.84
N ASN J 325 -3.08 -40.23 45.71
CA ASN J 325 -2.09 -41.09 46.35
C ASN J 325 -0.97 -41.41 45.36
N THR J 326 -0.15 -40.38 45.10
CA THR J 326 0.99 -40.50 44.22
C THR J 326 2.17 -39.76 44.81
N ILE J 327 3.34 -40.39 44.80
CA ILE J 327 4.56 -39.79 45.33
C ILE J 327 5.11 -38.83 44.27
N ILE J 328 5.36 -37.59 44.67
CA ILE J 328 5.82 -36.55 43.74
C ILE J 328 7.27 -36.23 44.07
N ARG J 329 8.17 -36.48 43.12
CA ARG J 329 9.59 -36.27 43.33
C ARG J 329 10.12 -35.21 42.38
N PHE J 330 11.13 -34.47 42.85
CA PHE J 330 11.79 -33.44 42.05
C PHE J 330 13.25 -33.81 41.87
N ALA J 331 13.74 -33.74 40.65
CA ALA J 331 15.12 -34.02 40.33
C ALA J 331 15.67 -32.93 39.43
N ASN J 332 16.98 -32.74 39.49
CA ASN J 332 17.61 -31.73 38.64
C ASN J 332 17.64 -32.21 37.18
N SER J 333 18.14 -31.35 36.31
CA SER J 333 18.17 -31.66 34.88
C SER J 333 19.03 -32.89 34.63
N SER J 334 18.56 -33.74 33.70
CA SER J 334 19.25 -34.99 33.42
C SER J 334 20.64 -34.74 32.83
N GLY J 335 20.73 -33.83 31.87
CA GLY J 335 22.01 -33.53 31.25
C GLY J 335 21.81 -32.93 29.88
N GLY J 336 22.93 -32.51 29.31
CA GLY J 336 22.96 -31.86 28.01
C GLY J 336 23.86 -30.65 28.06
N ASP J 337 23.61 -29.71 27.14
CA ASP J 337 24.40 -28.49 27.09
C ASP J 337 24.08 -27.59 28.27
N LEU J 338 25.02 -26.68 28.57
CA LEU J 338 24.88 -25.81 29.72
C LEU J 338 23.66 -24.91 29.64
N GLU J 339 23.18 -24.63 28.43
CA GLU J 339 22.02 -23.75 28.27
C GLU J 339 20.76 -24.34 28.89
N VAL J 340 20.54 -25.64 28.70
CA VAL J 340 19.33 -26.26 29.22
C VAL J 340 19.54 -26.88 30.61
N THR J 341 20.76 -27.28 30.93
CA THR J 341 21.03 -27.89 32.24
C THR J 341 21.13 -26.86 33.35
N THR J 342 21.21 -25.58 33.02
CA THR J 342 21.29 -24.52 34.02
C THR J 342 20.29 -23.43 33.69
N HIS J 343 19.85 -22.74 34.74
CA HIS J 343 18.94 -21.60 34.61
C HIS J 343 19.72 -20.44 34.01
N SER J 344 19.51 -20.18 32.72
CA SER J 344 20.25 -19.15 32.00
C SER J 344 19.37 -17.93 31.81
N PHE J 345 19.90 -16.76 32.15
CA PHE J 345 19.14 -15.52 32.03
C PHE J 345 20.12 -14.35 32.01
N ASN J 346 19.56 -13.14 31.97
CA ASN J 346 20.34 -11.91 31.95
C ASN J 346 20.01 -11.07 33.17
N CYS J 347 21.04 -10.44 33.74
CA CYS J 347 20.93 -9.62 34.94
C CYS J 347 21.86 -8.42 34.75
N GLY J 348 21.28 -7.24 34.53
CA GLY J 348 22.06 -6.03 34.43
C GLY J 348 23.09 -6.05 33.32
N GLY J 349 22.78 -6.74 32.22
CA GLY J 349 23.70 -6.87 31.11
C GLY J 349 24.65 -8.05 31.17
N GLU J 350 24.65 -8.81 32.27
CA GLU J 350 25.53 -9.96 32.41
C GLU J 350 24.71 -11.25 32.36
N PHE J 351 25.23 -12.26 31.68
CA PHE J 351 24.52 -13.52 31.49
C PHE J 351 24.89 -14.51 32.58
N PHE J 352 23.88 -15.03 33.27
CA PHE J 352 24.05 -15.95 34.38
C PHE J 352 23.55 -17.33 33.98
N TYR J 353 24.27 -18.35 34.46
CA TYR J 353 23.93 -19.76 34.25
C TYR J 353 23.97 -20.40 35.64
N CYS J 354 22.81 -20.60 36.25
CA CYS J 354 22.73 -20.99 37.65
C CYS J 354 22.41 -22.48 37.78
N ASN J 355 23.09 -23.14 38.71
CA ASN J 355 22.92 -24.56 38.95
C ASN J 355 21.75 -24.74 39.93
N THR J 356 20.61 -25.20 39.41
CA THR J 356 19.37 -25.27 40.18
C THR J 356 19.15 -26.63 40.84
N SER J 357 20.22 -27.38 41.09
CA SER J 357 20.07 -28.67 41.75
C SER J 357 19.56 -28.52 43.18
N GLY J 358 19.73 -27.35 43.79
CA GLY J 358 19.25 -27.10 45.14
C GLY J 358 17.81 -26.66 45.24
N LEU J 359 17.12 -26.48 44.12
CA LEU J 359 15.72 -26.07 44.12
C LEU J 359 14.76 -27.17 43.66
N PHE J 360 15.28 -28.23 43.04
CA PHE J 360 14.44 -29.32 42.58
C PHE J 360 14.96 -30.63 43.16
N ASN J 361 15.17 -30.65 44.48
CA ASN J 361 15.70 -31.82 45.19
C ASN J 361 14.79 -32.06 46.39
N SER J 362 13.70 -32.80 46.16
CA SER J 362 12.73 -33.05 47.22
C SER J 362 11.85 -34.23 46.83
N THR J 363 11.17 -34.78 47.84
CA THR J 363 10.21 -35.86 47.64
C THR J 363 9.00 -35.60 48.53
N TRP J 364 7.82 -35.83 47.99
CA TRP J 364 6.56 -35.58 48.68
C TRP J 364 5.73 -36.85 48.68
N ILE J 365 5.36 -37.29 49.88
CA ILE J 365 4.54 -38.48 50.08
C ILE J 365 3.07 -38.10 49.99
N SER J 366 2.20 -39.10 49.91
CA SER J 366 0.77 -38.87 49.68
C SER J 366 0.06 -38.19 50.84
N ASN J 367 0.70 -38.08 52.00
CA ASN J 367 0.06 -37.50 53.19
C ASN J 367 -0.49 -36.10 52.92
N ASN J 379 14.01 -17.93 58.38
CA ASN J 379 14.73 -16.83 57.75
C ASN J 379 15.87 -17.35 56.89
N ASP J 380 16.05 -18.67 56.89
CA ASP J 380 17.09 -19.28 56.08
C ASP J 380 16.83 -19.07 54.60
N SER J 381 17.91 -18.90 53.84
CA SER J 381 17.84 -18.65 52.41
C SER J 381 18.60 -19.74 51.65
N ILE J 382 17.99 -20.22 50.57
CA ILE J 382 18.65 -21.17 49.68
C ILE J 382 19.57 -20.40 48.74
N THR J 383 20.84 -20.76 48.75
CA THR J 383 21.86 -20.13 47.91
C THR J 383 22.31 -21.12 46.86
N LEU J 384 22.28 -20.72 45.60
CA LEU J 384 22.77 -21.61 44.55
C LEU J 384 23.81 -20.90 43.70
N PRO J 385 24.83 -21.61 43.26
CA PRO J 385 25.92 -20.99 42.49
C PRO J 385 25.51 -20.69 41.07
N CYS J 386 26.21 -19.72 40.48
CA CYS J 386 25.97 -19.31 39.11
C CYS J 386 27.31 -19.02 38.43
N ARG J 387 27.35 -19.27 37.13
CA ARG J 387 28.53 -19.04 36.30
C ARG J 387 28.23 -17.96 35.26
N ILE J 388 29.29 -17.30 34.81
CA ILE J 388 29.19 -16.17 33.90
C ILE J 388 29.88 -16.53 32.60
N LYS J 389 29.20 -16.30 31.48
CA LYS J 389 29.76 -16.53 30.15
C LYS J 389 29.65 -15.25 29.35
N GLN J 390 30.77 -14.80 28.77
CA GLN J 390 30.79 -13.58 27.98
C GLN J 390 30.41 -13.80 26.53
N ILE J 391 30.39 -15.04 26.05
CA ILE J 391 30.00 -15.37 24.68
C ILE J 391 28.70 -16.16 24.76
N ILE J 392 27.70 -15.71 24.00
CA ILE J 392 26.35 -16.24 24.09
C ILE J 392 25.88 -16.67 22.71
N ASN J 393 25.38 -17.89 22.60
CA ASN J 393 24.71 -18.39 21.41
C ASN J 393 23.27 -18.70 21.83
N MET J 394 22.42 -17.69 21.80
CA MET J 394 21.04 -17.84 22.23
C MET J 394 20.14 -18.16 21.04
N TRP J 395 18.87 -18.43 21.35
CA TRP J 395 17.87 -18.91 20.41
C TRP J 395 18.24 -20.27 19.81
N GLN J 396 19.16 -20.99 20.46
CA GLN J 396 19.65 -22.28 20.01
C GLN J 396 20.27 -22.23 18.61
N ARG J 397 20.69 -21.04 18.18
CA ARG J 397 21.27 -20.87 16.86
C ARG J 397 22.77 -21.16 16.89
N ILE J 398 23.30 -21.53 15.73
CA ILE J 398 24.71 -21.84 15.56
C ILE J 398 25.26 -20.93 14.46
N GLY J 399 26.40 -20.29 14.73
CA GLY J 399 27.00 -19.36 13.80
C GLY J 399 26.75 -17.90 14.08
N GLN J 400 25.98 -17.58 15.12
CA GLN J 400 25.72 -16.19 15.53
C GLN J 400 25.93 -16.09 17.03
N CYS J 401 27.10 -15.60 17.43
CA CYS J 401 27.48 -15.45 18.82
C CYS J 401 27.67 -13.98 19.16
N MET J 402 27.33 -13.60 20.39
CA MET J 402 27.51 -12.24 20.87
C MET J 402 28.49 -12.24 22.02
N TYR J 403 29.41 -11.28 22.02
CA TYR J 403 30.35 -11.09 23.12
C TYR J 403 29.75 -10.07 24.08
N ALA J 404 29.36 -10.51 25.26
CA ALA J 404 28.79 -9.61 26.24
C ALA J 404 29.88 -8.79 26.90
N PRO J 405 29.84 -7.45 26.80
CA PRO J 405 30.89 -6.64 27.42
C PRO J 405 30.83 -6.74 28.94
N PRO J 406 31.98 -6.68 29.61
CA PRO J 406 31.97 -6.64 31.07
C PRO J 406 31.42 -5.32 31.58
N ILE J 407 30.91 -5.36 32.82
CA ILE J 407 30.29 -4.21 33.45
C ILE J 407 31.03 -3.92 34.74
N GLN J 408 31.42 -2.66 34.92
CA GLN J 408 32.19 -2.27 36.10
C GLN J 408 31.36 -2.37 37.36
N GLY J 409 32.02 -2.68 38.47
CA GLY J 409 31.37 -2.74 39.76
C GLY J 409 30.62 -4.04 39.97
N VAL J 410 30.03 -4.15 41.17
CA VAL J 410 29.24 -5.34 41.49
C VAL J 410 27.93 -5.30 40.70
N ILE J 411 27.30 -6.47 40.59
CA ILE J 411 26.03 -6.62 39.91
C ILE J 411 25.03 -7.23 40.88
N ARG J 412 23.85 -6.59 40.99
CA ARG J 412 22.81 -7.07 41.89
C ARG J 412 21.46 -6.86 41.22
N CYS J 413 20.63 -7.90 41.21
CA CYS J 413 19.29 -7.78 40.65
C CYS J 413 18.30 -8.55 41.51
N VAL J 414 17.10 -8.00 41.63
CA VAL J 414 16.00 -8.62 42.36
C VAL J 414 14.89 -8.90 41.36
N SER J 415 14.46 -10.16 41.28
CA SER J 415 13.49 -10.58 40.28
C SER J 415 12.41 -11.42 40.95
N ASN J 416 11.34 -11.66 40.20
CA ASN J 416 10.22 -12.48 40.64
C ASN J 416 10.19 -13.77 39.84
N ILE J 417 10.26 -14.89 40.53
CA ILE J 417 9.99 -16.20 39.93
C ILE J 417 8.49 -16.41 40.00
N THR J 418 7.85 -16.52 38.84
CA THR J 418 6.41 -16.68 38.75
C THR J 418 5.98 -17.94 38.01
N GLY J 419 6.92 -18.69 37.43
CA GLY J 419 6.54 -19.87 36.68
C GLY J 419 7.71 -20.83 36.52
N LEU J 420 7.37 -22.05 36.13
CA LEU J 420 8.33 -23.12 35.91
C LEU J 420 8.03 -23.83 34.60
N ILE J 421 9.08 -24.37 34.00
CA ILE J 421 8.97 -25.27 32.85
C ILE J 421 9.50 -26.62 33.30
N LEU J 422 8.63 -27.63 33.29
CA LEU J 422 8.95 -28.93 33.85
C LEU J 422 8.76 -30.02 32.82
N THR J 423 9.46 -31.13 33.02
CA THR J 423 9.36 -32.31 32.18
C THR J 423 9.23 -33.54 33.07
N ARG J 424 8.33 -34.44 32.69
CA ARG J 424 8.07 -35.65 33.45
C ARG J 424 8.85 -36.82 32.85
N ASP J 425 9.54 -37.55 33.72
CA ASP J 425 10.27 -38.73 33.28
C ASP J 425 9.30 -39.88 32.98
N GLY J 426 9.60 -40.63 31.94
CA GLY J 426 8.75 -41.74 31.55
C GLY J 426 8.76 -42.88 32.56
N GLY J 427 7.66 -43.04 33.28
CA GLY J 427 7.55 -44.10 34.27
C GLY J 427 7.03 -45.39 33.66
N SER J 428 7.58 -46.51 34.11
CA SER J 428 7.18 -47.82 33.62
C SER J 428 5.92 -48.28 34.35
N THR J 429 4.87 -48.54 33.59
CA THR J 429 3.56 -48.97 34.13
C THR J 429 3.11 -47.91 35.13
N ASN J 430 2.59 -48.29 36.28
CA ASN J 430 2.16 -47.37 37.33
C ASN J 430 3.05 -47.62 38.54
N SER J 431 4.16 -46.88 38.62
CA SER J 431 5.11 -46.99 39.71
C SER J 431 4.74 -46.16 40.93
N THR J 432 3.47 -45.73 41.01
CA THR J 432 2.93 -44.92 42.12
C THR J 432 3.87 -43.78 42.52
N THR J 433 4.67 -43.29 41.57
CA THR J 433 5.55 -42.15 41.83
C THR J 433 5.82 -41.45 40.50
N GLU J 434 6.10 -40.15 40.59
CA GLU J 434 6.40 -39.35 39.41
C GLU J 434 7.53 -38.39 39.74
N THR J 435 8.45 -38.22 38.79
CA THR J 435 9.58 -37.33 38.95
C THR J 435 9.51 -36.22 37.89
N PHE J 436 9.66 -34.98 38.33
CA PHE J 436 9.63 -33.83 37.44
C PHE J 436 10.98 -33.11 37.51
N ARG J 437 11.49 -32.72 36.35
CA ARG J 437 12.79 -32.07 36.27
C ARG J 437 12.68 -30.78 35.47
N PRO J 438 13.48 -29.77 35.82
CA PRO J 438 13.48 -28.55 35.00
C PRO J 438 13.97 -28.83 33.59
N GLY J 439 13.35 -28.14 32.63
CA GLY J 439 13.70 -28.35 31.23
C GLY J 439 13.65 -27.07 30.42
N GLY J 440 13.00 -27.13 29.26
CA GLY J 440 12.88 -25.97 28.41
C GLY J 440 13.75 -26.04 27.18
N GLY J 441 14.54 -24.99 26.94
CA GLY J 441 15.36 -24.89 25.77
C GLY J 441 14.69 -24.23 24.59
N ASP J 442 13.37 -24.12 24.60
CA ASP J 442 12.60 -23.46 23.56
C ASP J 442 11.97 -22.21 24.18
N MET J 443 12.38 -21.04 23.68
CA MET J 443 11.83 -19.80 24.21
C MET J 443 10.33 -19.66 23.92
N ARG J 444 9.81 -20.43 22.97
CA ARG J 444 8.39 -20.39 22.68
C ARG J 444 7.57 -20.81 23.90
N ASP J 445 8.07 -21.77 24.67
CA ASP J 445 7.40 -22.15 25.91
C ASP J 445 7.38 -20.99 26.90
N ASN J 446 8.48 -20.24 26.98
CA ASN J 446 8.51 -19.06 27.84
C ASN J 446 7.50 -18.02 27.38
N TRP J 447 7.40 -17.81 26.06
CA TRP J 447 6.46 -16.84 25.53
C TRP J 447 5.02 -17.27 25.77
N ARG J 448 4.75 -18.57 25.71
CA ARG J 448 3.39 -19.07 25.83
C ARG J 448 2.76 -18.76 27.18
N SER J 449 3.57 -18.47 28.20
CA SER J 449 3.03 -18.19 29.53
C SER J 449 2.31 -16.85 29.60
N GLU J 450 2.59 -15.94 28.67
CA GLU J 450 1.97 -14.62 28.69
C GLU J 450 0.90 -14.44 27.63
N LEU J 451 0.98 -15.18 26.53
CA LEU J 451 0.03 -15.08 25.43
C LEU J 451 -1.01 -16.19 25.45
N TYR J 452 -1.11 -16.94 26.56
CA TYR J 452 -2.05 -18.04 26.64
C TYR J 452 -3.49 -17.54 26.56
N LYS J 453 -3.77 -16.40 27.17
CA LYS J 453 -5.13 -15.88 27.24
C LYS J 453 -5.54 -15.08 26.00
N TYR J 454 -4.65 -14.92 25.03
CA TYR J 454 -4.91 -14.07 23.88
C TYR J 454 -5.05 -14.90 22.61
N LYS J 455 -5.97 -14.48 21.74
CA LYS J 455 -6.19 -15.12 20.46
C LYS J 455 -6.47 -14.05 19.42
N VAL J 456 -6.20 -14.36 18.16
CA VAL J 456 -6.42 -13.44 17.04
C VAL J 456 -7.55 -13.98 16.18
N VAL J 457 -8.49 -13.12 15.82
CA VAL J 457 -9.63 -13.49 14.98
C VAL J 457 -9.78 -12.47 13.87
N LYS J 458 -10.40 -12.92 12.78
CA LYS J 458 -10.64 -12.10 11.60
C LYS J 458 -12.13 -11.89 11.40
N ILE J 459 -12.52 -10.65 11.13
CA ILE J 459 -13.93 -10.29 11.00
C ILE J 459 -14.44 -10.66 9.61
N GLU J 460 -15.73 -10.99 9.54
CA GLU J 460 -16.41 -11.27 8.27
C GLU J 460 -17.67 -10.42 8.23
N PRO J 461 -17.54 -9.12 7.93
CA PRO J 461 -18.69 -8.21 8.06
C PRO J 461 -19.89 -8.57 7.19
N LEU J 462 -19.69 -9.29 6.09
CA LEU J 462 -20.82 -9.68 5.26
C LEU J 462 -21.67 -10.74 5.93
N GLY J 463 -22.98 -10.67 5.73
CA GLY J 463 -23.88 -11.68 6.24
C GLY J 463 -25.24 -11.70 5.58
N VAL J 464 -25.73 -12.87 5.18
CA VAL J 464 -27.04 -12.99 4.54
C VAL J 464 -28.04 -13.48 5.56
N ALA J 465 -29.23 -12.90 5.56
CA ALA J 465 -30.27 -13.22 6.53
C ALA J 465 -31.60 -13.31 5.83
N PRO J 466 -32.55 -14.07 6.38
CA PRO J 466 -33.92 -14.06 5.83
C PRO J 466 -34.78 -12.97 6.42
N THR J 467 -35.34 -12.12 5.56
CA THR J 467 -36.18 -11.00 5.99
C THR J 467 -37.34 -10.86 5.02
N ARG J 468 -38.53 -10.56 5.57
CA ARG J 468 -39.74 -10.47 4.76
C ARG J 468 -39.67 -9.36 3.72
N CYS J 469 -38.81 -8.36 3.91
CA CYS J 469 -38.72 -7.25 2.98
C CYS J 469 -38.25 -7.71 1.61
N LYS J 470 -38.83 -7.12 0.57
CA LYS J 470 -38.49 -7.43 -0.82
C LYS J 470 -38.18 -6.14 -1.55
N ARG J 471 -37.02 -6.09 -2.21
CA ARG J 471 -36.61 -4.87 -2.88
C ARG J 471 -37.56 -4.53 -4.02
N ARG J 472 -37.68 -3.23 -4.31
CA ARG J 472 -38.59 -2.77 -5.35
C ARG J 472 -38.18 -3.31 -6.71
N VAL J 473 -39.17 -3.60 -7.54
CA VAL J 473 -38.92 -4.10 -8.88
C VAL J 473 -38.76 -2.94 -9.86
N GLN K 1 -31.43 -0.12 27.71
CA GLN K 1 -32.48 -0.99 28.22
C GLN K 1 -31.96 -1.66 29.50
N VAL K 2 -31.93 -0.89 30.58
CA VAL K 2 -31.46 -1.35 31.88
C VAL K 2 -32.61 -1.22 32.87
N GLN K 3 -32.97 -2.34 33.50
CA GLN K 3 -34.00 -2.37 34.55
C GLN K 3 -33.36 -2.76 35.86
N LEU K 4 -33.56 -1.93 36.89
CA LEU K 4 -32.92 -2.10 38.18
C LEU K 4 -33.94 -2.50 39.22
N GLU K 5 -33.65 -3.57 39.95
CA GLU K 5 -34.55 -4.11 40.97
C GLU K 5 -33.90 -3.99 42.34
N GLU K 6 -34.70 -3.66 43.34
CA GLU K 6 -34.22 -3.41 44.70
C GLU K 6 -34.62 -4.56 45.61
N SER K 7 -33.72 -4.90 46.53
CA SER K 7 -33.96 -5.95 47.51
C SER K 7 -33.43 -5.51 48.86
N GLY K 8 -34.03 -6.05 49.92
CA GLY K 8 -33.62 -5.74 51.27
C GLY K 8 -34.73 -5.97 52.28
N PRO K 9 -34.42 -5.75 53.55
CA PRO K 9 -35.44 -5.95 54.59
C PRO K 9 -36.47 -4.83 54.57
N GLY K 10 -37.75 -5.22 54.68
CA GLY K 10 -38.81 -4.23 54.71
C GLY K 10 -38.79 -3.38 55.96
N ILE K 11 -38.55 -4.00 57.12
CA ILE K 11 -38.53 -3.31 58.40
C ILE K 11 -37.15 -3.50 59.03
N VAL K 12 -36.52 -2.40 59.44
CA VAL K 12 -35.23 -2.42 60.10
C VAL K 12 -35.38 -1.72 61.45
N LYS K 13 -34.90 -2.37 62.51
CA LYS K 13 -34.98 -1.79 63.83
C LYS K 13 -34.07 -0.57 63.94
N PRO K 14 -34.42 0.40 64.77
CA PRO K 14 -33.58 1.60 64.92
C PRO K 14 -32.18 1.26 65.41
N SER K 15 -31.20 2.03 64.93
CA SER K 15 -29.78 1.90 65.27
C SER K 15 -29.16 0.61 64.76
N GLU K 16 -29.86 -0.15 63.92
CA GLU K 16 -29.33 -1.37 63.35
C GLU K 16 -28.63 -1.06 62.03
N THR K 17 -28.26 -2.10 61.29
CA THR K 17 -27.61 -1.96 59.99
C THR K 17 -28.61 -2.30 58.89
N LEU K 18 -28.85 -1.35 57.99
CA LEU K 18 -29.76 -1.54 56.87
C LEU K 18 -28.95 -1.84 55.63
N SER K 19 -29.14 -3.03 55.07
CA SER K 19 -28.41 -3.48 53.88
C SER K 19 -29.38 -3.67 52.73
N LEU K 20 -29.12 -3.00 51.62
CA LEU K 20 -29.92 -3.13 50.40
C LEU K 20 -29.01 -3.51 49.25
N THR K 21 -29.56 -4.25 48.29
CA THR K 21 -28.80 -4.71 47.14
C THR K 21 -29.63 -4.50 45.88
N CYS K 22 -28.96 -4.16 44.79
CA CYS K 22 -29.61 -3.92 43.51
C CYS K 22 -28.80 -4.59 42.41
N ALA K 23 -29.50 -5.02 41.36
CA ALA K 23 -28.87 -5.70 40.24
C ALA K 23 -28.47 -4.68 39.19
N ALA K 24 -27.18 -4.64 38.85
CA ALA K 24 -26.67 -3.73 37.84
C ALA K 24 -26.80 -4.37 36.46
N SER K 25 -27.24 -3.57 35.49
CA SER K 25 -27.37 -4.02 34.11
C SER K 25 -26.71 -3.01 33.19
N ARG K 26 -26.17 -3.50 32.08
CA ARG K 26 -25.45 -2.65 31.14
C ARG K 26 -26.25 -2.31 29.89
N GLY K 27 -27.24 -3.13 29.53
CA GLY K 27 -28.05 -2.88 28.37
C GLY K 27 -27.31 -3.13 27.07
N PRO K 28 -27.83 -2.58 25.97
CA PRO K 28 -27.15 -2.77 24.68
C PRO K 28 -25.76 -2.13 24.62
N PHE K 29 -25.48 -1.14 25.46
CA PHE K 29 -24.18 -0.50 25.44
C PHE K 29 -23.10 -1.47 25.89
N SER K 30 -21.99 -1.49 25.15
CA SER K 30 -20.90 -2.44 25.39
C SER K 30 -19.78 -1.85 26.24
N GLY K 31 -19.40 -0.60 26.00
CA GLY K 31 -18.33 0.01 26.76
C GLY K 31 -18.64 1.41 27.23
N GLY K 32 -18.24 1.74 28.44
CA GLY K 32 -18.49 3.06 28.98
C GLY K 32 -18.46 3.03 30.50
N HIS K 33 -18.95 4.12 31.08
CA HIS K 33 -19.01 4.29 32.52
C HIS K 33 -20.46 4.36 32.97
N PHE K 34 -20.82 3.53 33.94
CA PHE K 34 -22.17 3.50 34.50
C PHE K 34 -22.11 3.94 35.95
N TYR K 35 -22.91 4.95 36.28
CA TYR K 35 -22.93 5.53 37.63
C TYR K 35 -24.13 4.96 38.37
N TRP K 36 -23.91 3.85 39.08
CA TRP K 36 -24.96 3.24 39.88
C TRP K 36 -25.13 4.05 41.16
N ASN K 37 -26.32 4.64 41.33
CA ASN K 37 -26.59 5.56 42.42
C ASN K 37 -27.70 5.04 43.30
N TRP K 38 -27.58 5.29 44.60
CA TRP K 38 -28.60 4.94 45.58
C TRP K 38 -29.26 6.23 46.08
N PHE K 39 -30.59 6.22 46.14
CA PHE K 39 -31.36 7.37 46.59
C PHE K 39 -32.34 6.92 47.68
N ARG K 40 -33.15 7.86 48.14
CA ARG K 40 -34.22 7.57 49.08
C ARG K 40 -35.29 8.63 48.94
N GLN K 41 -36.54 8.22 49.09
CA GLN K 41 -37.69 9.10 48.96
C GLN K 41 -38.58 8.92 50.19
N PRO K 42 -38.26 9.60 51.28
CA PRO K 42 -39.10 9.53 52.49
C PRO K 42 -40.51 10.00 52.20
N PRO K 43 -41.52 9.36 52.79
CA PRO K 43 -42.91 9.79 52.54
C PRO K 43 -43.14 11.22 53.00
N GLY K 44 -43.97 11.94 52.23
CA GLY K 44 -44.32 13.31 52.56
C GLY K 44 -43.31 14.36 52.16
N LYS K 45 -42.22 13.97 51.49
CA LYS K 45 -41.20 14.93 51.08
C LYS K 45 -40.56 14.44 49.79
N GLY K 46 -39.71 15.30 49.23
CA GLY K 46 -39.08 15.00 47.96
C GLY K 46 -37.94 13.99 48.08
N LEU K 47 -37.42 13.61 46.92
CA LEU K 47 -36.34 12.63 46.86
C LEU K 47 -35.04 13.21 47.40
N GLU K 48 -34.18 12.32 47.88
CA GLU K 48 -32.89 12.69 48.44
C GLU K 48 -31.81 11.79 47.86
N TRP K 49 -30.60 12.33 47.76
CA TRP K 49 -29.46 11.60 47.21
C TRP K 49 -28.64 10.99 48.33
N ILE K 50 -28.32 9.70 48.21
CA ILE K 50 -27.55 8.99 49.22
C ILE K 50 -26.10 8.88 48.78
N GLY K 51 -25.86 8.27 47.63
CA GLY K 51 -24.52 8.08 47.13
C GLY K 51 -24.52 7.48 45.74
N GLY K 52 -23.31 7.23 45.24
CA GLY K 52 -23.16 6.64 43.92
C GLY K 52 -21.78 6.04 43.75
N ILE K 53 -21.68 5.13 42.78
CA ILE K 53 -20.44 4.43 42.47
C ILE K 53 -20.30 4.28 40.97
N TYR K 54 -19.06 4.37 40.49
CA TYR K 54 -18.78 4.17 39.08
C TYR K 54 -18.71 2.68 38.75
N SER K 55 -18.96 2.37 37.48
CA SER K 55 -18.89 0.99 37.02
C SER K 55 -17.45 0.53 36.82
N ASP K 56 -16.58 1.41 36.35
CA ASP K 56 -15.19 1.06 36.07
C ASP K 56 -14.25 1.35 37.23
N GLY K 57 -14.77 1.83 38.35
CA GLY K 57 -13.91 2.13 39.50
C GLY K 57 -14.64 1.88 40.79
N ASP K 58 -13.86 1.58 41.83
CA ASP K 58 -14.40 1.33 43.16
C ASP K 58 -14.59 2.60 43.97
N ALA K 59 -14.17 3.75 43.45
CA ALA K 59 -14.35 5.01 44.16
C ALA K 59 -15.83 5.30 44.36
N ALA K 60 -16.18 5.76 45.56
CA ALA K 60 -17.56 6.01 45.94
C ALA K 60 -17.73 7.46 46.38
N ASP K 61 -18.83 8.07 45.95
CA ASP K 61 -19.22 9.40 46.37
C ASP K 61 -20.44 9.31 47.26
N TYR K 62 -20.46 10.09 48.34
CA TYR K 62 -21.53 10.04 49.32
C TYR K 62 -22.00 11.45 49.64
N ASN K 63 -23.25 11.55 50.06
CA ASN K 63 -23.79 12.83 50.48
C ASN K 63 -23.04 13.32 51.72
N PRO K 64 -22.72 14.61 51.80
CA PRO K 64 -21.95 15.10 52.96
C PRO K 64 -22.61 14.82 54.30
N SER K 65 -23.95 14.85 54.36
CA SER K 65 -24.64 14.60 55.62
C SER K 65 -24.63 13.13 56.02
N LEU K 66 -24.33 12.22 55.08
CA LEU K 66 -24.34 10.79 55.35
C LEU K 66 -23.00 10.14 55.06
N GLU K 67 -21.90 10.91 55.13
CA GLU K 67 -20.59 10.34 54.83
C GLU K 67 -20.19 9.28 55.86
N SER K 68 -20.46 9.53 57.14
CA SER K 68 -20.03 8.63 58.20
C SER K 68 -21.00 7.49 58.45
N ARG K 69 -22.14 7.44 57.76
CA ARG K 69 -23.14 6.42 57.99
C ARG K 69 -23.49 5.59 56.76
N VAL K 70 -23.04 5.99 55.57
CA VAL K 70 -23.44 5.34 54.32
C VAL K 70 -22.19 4.80 53.64
N ALA K 71 -22.25 3.53 53.25
CA ALA K 71 -21.21 2.89 52.45
C ALA K 71 -21.86 2.13 51.30
N ILE K 72 -21.19 2.12 50.16
CA ILE K 72 -21.68 1.44 48.96
C ILE K 72 -20.56 0.60 48.38
N SER K 73 -20.86 -0.66 48.08
CA SER K 73 -19.91 -1.59 47.48
C SER K 73 -20.55 -2.25 46.27
N ARG K 74 -19.75 -3.01 45.53
CA ARG K 74 -20.22 -3.66 44.31
C ARG K 74 -19.47 -4.97 44.12
N ASP K 75 -20.12 -5.90 43.42
CA ASP K 75 -19.50 -7.15 43.01
C ASP K 75 -19.81 -7.37 41.53
N ARG K 76 -18.77 -7.40 40.70
CA ARG K 76 -18.96 -7.48 39.26
C ARG K 76 -19.34 -8.88 38.80
N SER K 77 -18.90 -9.92 39.52
CA SER K 77 -19.23 -11.28 39.13
C SER K 77 -20.75 -11.51 39.16
N ALA K 78 -21.42 -11.02 40.20
CA ALA K 78 -22.88 -11.07 40.26
C ALA K 78 -23.53 -9.84 39.66
N ASN K 79 -22.73 -8.84 39.26
CA ASN K 79 -23.23 -7.59 38.69
C ASN K 79 -24.25 -6.92 39.62
N ARG K 80 -23.93 -6.91 40.91
CA ARG K 80 -24.76 -6.31 41.94
C ARG K 80 -24.01 -5.16 42.60
N PHE K 81 -24.77 -4.28 43.26
CA PHE K 81 -24.17 -3.25 44.09
C PHE K 81 -25.03 -3.06 45.34
N SER K 82 -24.39 -2.96 46.48
CA SER K 82 -25.06 -2.94 47.78
C SER K 82 -24.82 -1.62 48.49
N LEU K 83 -25.81 -1.22 49.28
CA LEU K 83 -25.74 -0.02 50.12
C LEU K 83 -25.98 -0.40 51.56
N LYS K 84 -25.08 0.03 52.45
CA LYS K 84 -25.17 -0.26 53.87
C LYS K 84 -25.28 1.06 54.62
N LEU K 85 -26.34 1.21 55.42
CA LEU K 85 -26.56 2.39 56.23
C LEU K 85 -26.59 1.98 57.69
N ILE K 86 -25.76 2.62 58.51
CA ILE K 86 -25.66 2.31 59.93
C ILE K 86 -26.35 3.40 60.73
N SER K 87 -26.69 3.06 61.97
CA SER K 87 -27.38 3.98 62.89
C SER K 87 -28.67 4.51 62.26
N VAL K 88 -29.50 3.58 61.77
CA VAL K 88 -30.75 3.96 61.12
C VAL K 88 -31.69 4.58 62.15
N THR K 89 -32.28 5.72 61.78
CA THR K 89 -33.20 6.45 62.64
C THR K 89 -34.59 6.44 62.01
N ALA K 90 -35.53 7.09 62.69
CA ALA K 90 -36.90 7.16 62.18
C ALA K 90 -36.97 7.95 60.87
N THR K 91 -36.05 8.89 60.67
CA THR K 91 -36.03 9.66 59.43
C THR K 91 -35.53 8.85 58.24
N ASP K 92 -34.94 7.68 58.47
CA ASP K 92 -34.45 6.85 57.38
C ASP K 92 -35.55 6.04 56.70
N THR K 93 -36.76 6.04 57.25
CA THR K 93 -37.89 5.38 56.60
C THR K 93 -38.18 6.06 55.27
N ALA K 94 -37.93 5.36 54.16
CA ALA K 94 -38.00 5.97 52.85
C ALA K 94 -38.14 4.89 51.79
N VAL K 95 -38.40 5.33 50.57
CA VAL K 95 -38.41 4.45 49.40
C VAL K 95 -37.04 4.57 48.75
N TYR K 96 -36.23 3.53 48.88
CA TYR K 96 -34.85 3.56 48.40
C TYR K 96 -34.81 3.09 46.95
N TYR K 97 -34.16 3.88 46.10
CA TYR K 97 -34.08 3.62 44.67
C TYR K 97 -32.63 3.43 44.26
N CYS K 98 -32.40 2.45 43.39
CA CYS K 98 -31.11 2.26 42.73
C CYS K 98 -31.27 2.70 41.28
N SER K 99 -30.47 3.69 40.87
CA SER K 99 -30.65 4.32 39.57
C SER K 99 -29.35 4.29 38.78
N SER K 100 -29.49 4.30 37.46
CA SER K 100 -28.37 4.36 36.54
C SER K 100 -28.69 5.37 35.46
N THR K 101 -27.71 6.22 35.13
CA THR K 101 -27.87 7.27 34.14
C THR K 101 -26.91 7.00 32.98
N TYR K 102 -27.45 6.80 31.78
CA TYR K 102 -26.60 6.68 30.61
C TYR K 102 -25.98 8.04 30.28
N SER K 103 -24.91 7.99 29.50
CA SER K 103 -24.17 9.18 29.12
C SER K 103 -23.80 9.14 27.64
N TRP K 104 -24.74 8.70 26.80
CA TRP K 104 -24.53 8.75 25.37
C TRP K 104 -24.32 10.19 24.91
N ASN K 105 -23.87 10.35 23.67
CA ASN K 105 -23.42 11.66 23.20
C ASN K 105 -24.51 12.71 23.31
N ASN K 106 -24.33 13.64 24.26
CA ASN K 106 -25.20 14.80 24.44
C ASN K 106 -26.68 14.43 24.53
N VAL K 107 -26.97 13.40 25.33
CA VAL K 107 -28.36 13.01 25.57
C VAL K 107 -28.63 12.96 27.07
N TRP K 108 -27.79 12.23 27.81
CA TRP K 108 -27.91 12.10 29.27
C TRP K 108 -29.23 11.43 29.66
N PHE K 109 -29.37 10.15 29.31
CA PHE K 109 -30.52 9.37 29.75
C PHE K 109 -30.53 9.19 31.27
N ASP K 110 -31.59 8.58 31.80
CA ASP K 110 -31.66 8.26 33.22
C ASP K 110 -32.76 7.24 33.49
N GLN K 111 -32.40 6.16 34.20
CA GLN K 111 -33.35 5.12 34.59
C GLN K 111 -33.30 4.94 36.09
N TRP K 112 -34.48 4.78 36.72
CA TRP K 112 -34.58 4.68 38.17
C TRP K 112 -35.14 3.33 38.62
N GLY K 113 -36.29 2.91 38.11
CA GLY K 113 -36.85 1.64 38.51
C GLY K 113 -38.13 1.76 39.30
N GLN K 114 -38.23 1.03 40.41
CA GLN K 114 -39.45 1.03 41.21
C GLN K 114 -39.16 1.28 42.70
N GLY K 115 -37.97 0.93 43.15
CA GLY K 115 -37.59 1.16 44.53
C GLY K 115 -38.13 0.12 45.49
N VAL K 116 -37.74 0.27 46.75
CA VAL K 116 -38.17 -0.63 47.82
C VAL K 116 -38.49 0.20 49.06
N LEU K 117 -39.58 -0.14 49.74
CA LEU K 117 -39.95 0.53 50.97
C LEU K 117 -39.14 0.00 52.15
N VAL K 118 -38.63 0.91 52.96
CA VAL K 118 -37.92 0.59 54.19
C VAL K 118 -38.53 1.40 55.31
N THR K 119 -38.92 0.73 56.39
CA THR K 119 -39.53 1.37 57.56
C THR K 119 -38.68 1.09 58.79
N VAL K 120 -38.46 2.13 59.59
CA VAL K 120 -37.68 2.02 60.82
C VAL K 120 -38.65 2.16 61.99
N SER K 121 -38.79 1.10 62.77
CA SER K 121 -39.67 1.10 63.93
C SER K 121 -39.20 0.03 64.90
N SER K 122 -39.62 0.17 66.16
CA SER K 122 -39.27 -0.78 67.19
C SER K 122 -40.47 -1.65 67.57
N ASP L 2 -23.47 23.76 49.73
CA ASP L 2 -24.38 23.01 48.86
C ASP L 2 -25.22 23.96 48.02
N ILE L 3 -25.51 23.55 46.79
CA ILE L 3 -26.35 24.36 45.89
C ILE L 3 -27.81 24.13 46.24
N GLN L 4 -28.50 25.19 46.63
CA GLN L 4 -29.90 25.11 47.04
C GLN L 4 -30.79 25.49 45.87
N LEU L 5 -31.77 24.64 45.57
CA LEU L 5 -32.71 24.86 44.47
C LEU L 5 -34.08 25.18 45.06
N THR L 6 -34.62 26.33 44.67
CA THR L 6 -35.92 26.79 45.15
C THR L 6 -36.90 26.83 43.99
N GLN L 7 -38.06 26.21 44.18
CA GLN L 7 -39.08 26.09 43.15
C GLN L 7 -40.29 26.96 43.50
N SER L 8 -40.84 27.64 42.49
CA SER L 8 -42.01 28.48 42.67
C SER L 8 -42.97 28.23 41.50
N PRO L 9 -44.26 28.04 41.78
CA PRO L 9 -44.91 27.98 43.09
C PRO L 9 -44.71 26.63 43.77
N SER L 10 -44.79 26.56 45.10
CA SER L 10 -44.70 25.28 45.78
C SER L 10 -45.86 24.36 45.39
N SER L 11 -47.06 24.91 45.34
CA SER L 11 -48.24 24.16 44.92
C SER L 11 -49.12 25.07 44.07
N LEU L 12 -49.61 24.54 42.95
CA LEU L 12 -50.41 25.29 42.01
C LEU L 12 -51.64 24.49 41.59
N SER L 13 -52.77 25.17 41.46
CA SER L 13 -54.01 24.56 41.00
C SER L 13 -54.44 25.24 39.70
N ALA L 14 -54.76 24.44 38.69
CA ALA L 14 -55.15 24.96 37.39
C ALA L 14 -56.02 23.94 36.68
N SER L 15 -56.71 24.42 35.64
CA SER L 15 -57.61 23.57 34.87
C SER L 15 -56.87 22.97 33.67
N VAL L 16 -57.58 22.13 32.92
CA VAL L 16 -56.99 21.49 31.75
C VAL L 16 -56.85 22.49 30.63
N GLY L 17 -55.66 22.54 30.02
CA GLY L 17 -55.38 23.45 28.94
C GLY L 17 -54.81 24.79 29.35
N ASP L 18 -54.77 25.09 30.65
CA ASP L 18 -54.19 26.35 31.10
C ASP L 18 -52.68 26.32 31.00
N ARG L 19 -52.11 27.44 30.56
CA ARG L 19 -50.66 27.56 30.48
C ARG L 19 -50.09 27.83 31.87
N VAL L 20 -49.09 27.04 32.25
CA VAL L 20 -48.51 27.13 33.58
C VAL L 20 -46.99 27.29 33.47
N THR L 21 -46.41 27.88 34.50
CA THR L 21 -44.99 28.20 34.53
C THR L 21 -44.42 27.87 35.90
N ILE L 22 -43.26 27.21 35.92
CA ILE L 22 -42.56 26.86 37.14
C ILE L 22 -41.14 27.38 37.04
N THR L 23 -40.69 28.10 38.08
CA THR L 23 -39.38 28.73 38.09
C THR L 23 -38.51 28.14 39.18
N CYS L 24 -37.25 27.87 38.84
CA CYS L 24 -36.27 27.29 39.76
C CYS L 24 -35.08 28.23 39.87
N ARG L 25 -34.68 28.52 41.11
CA ARG L 25 -33.53 29.36 41.40
C ARG L 25 -32.44 28.54 42.08
N ALA L 26 -31.21 28.72 41.63
CA ALA L 26 -30.05 28.06 42.22
C ALA L 26 -29.29 29.05 43.09
N SER L 27 -28.75 28.55 44.20
CA SER L 27 -28.00 29.40 45.12
C SER L 27 -26.71 29.93 44.49
N GLN L 28 -26.22 29.28 43.43
CA GLN L 28 -25.01 29.73 42.76
C GLN L 28 -25.11 29.40 41.28
N ASP L 29 -24.28 30.08 40.50
CA ASP L 29 -24.29 29.90 39.05
C ASP L 29 -23.94 28.46 38.67
N ILE L 30 -24.75 27.86 37.79
CA ILE L 30 -24.51 26.50 37.34
C ILE L 30 -24.54 26.46 35.82
N ASN L 31 -24.56 27.64 35.19
CA ASN L 31 -24.56 27.79 33.73
C ASN L 31 -25.84 27.16 33.21
N THR L 32 -25.78 26.26 32.23
CA THR L 32 -26.97 25.63 31.66
C THR L 32 -27.10 24.17 32.06
N ASP L 33 -26.36 23.72 33.08
CA ASP L 33 -26.37 22.32 33.49
C ASP L 33 -27.49 22.09 34.50
N LEU L 34 -28.72 22.15 34.00
CA LEU L 34 -29.90 21.88 34.80
C LEU L 34 -30.92 21.14 33.96
N SER L 35 -31.74 20.31 34.62
CA SER L 35 -32.77 19.53 33.96
C SER L 35 -34.01 19.55 34.84
N TRP L 36 -35.14 19.15 34.25
CA TRP L 36 -36.39 19.02 34.98
C TRP L 36 -36.95 17.61 34.81
N TYR L 37 -37.41 17.06 35.92
CA TYR L 37 -38.00 15.73 35.98
C TYR L 37 -39.46 15.84 36.38
N TYR L 38 -40.26 14.86 35.94
CA TYR L 38 -41.67 14.79 36.28
C TYR L 38 -41.95 13.48 37.01
N GLN L 39 -42.77 13.55 38.06
CA GLN L 39 -43.05 12.39 38.89
C GLN L 39 -44.48 12.45 39.40
N LYS L 40 -45.09 11.27 39.53
CA LYS L 40 -46.38 11.10 40.17
C LYS L 40 -46.23 10.08 41.29
N SER L 41 -47.01 10.26 42.36
CA SER L 41 -46.98 9.32 43.48
C SER L 41 -47.27 7.91 43.01
N GLY L 42 -46.40 6.97 43.41
CA GLY L 42 -46.52 5.59 43.01
C GLY L 42 -45.57 5.16 41.89
N GLU L 43 -44.93 6.11 41.21
CA GLU L 43 -43.99 5.80 40.14
C GLU L 43 -42.71 6.60 40.34
N ALA L 44 -41.61 6.04 39.85
CA ALA L 44 -40.31 6.69 39.99
C ALA L 44 -40.24 7.94 39.11
N PRO L 45 -39.46 8.94 39.52
CA PRO L 45 -39.32 10.15 38.71
C PRO L 45 -38.70 9.84 37.35
N LYS L 46 -39.15 10.59 36.34
CA LYS L 46 -38.66 10.44 34.98
C LYS L 46 -38.23 11.80 34.44
N LEU L 47 -37.20 11.78 33.60
CA LEU L 47 -36.67 13.02 33.04
C LEU L 47 -37.66 13.64 32.06
N LEU L 48 -37.93 14.93 32.22
CA LEU L 48 -38.83 15.66 31.34
C LEU L 48 -38.07 16.48 30.31
N ILE L 49 -37.20 17.39 30.77
CA ILE L 49 -36.40 18.22 29.87
C ILE L 49 -34.94 18.13 30.32
N TYR L 50 -34.05 17.86 29.37
CA TYR L 50 -32.63 17.65 29.63
C TYR L 50 -31.83 18.86 29.16
N ARG L 51 -30.90 19.32 30.01
CA ARG L 51 -30.04 20.48 29.79
C ARG L 51 -30.82 21.78 29.72
N ALA L 52 -32.14 21.76 29.98
CA ALA L 52 -33.04 22.90 29.92
C ALA L 52 -33.16 23.49 28.52
N SER L 53 -32.51 22.90 27.51
CA SER L 53 -32.60 23.40 26.16
C SER L 53 -32.72 22.31 25.10
N ASN L 54 -32.80 21.04 25.49
CA ASN L 54 -32.86 19.92 24.55
C ASN L 54 -33.96 18.97 25.01
N LEU L 55 -35.08 18.97 24.28
CA LEU L 55 -36.23 18.17 24.67
C LEU L 55 -35.88 16.70 24.74
N GLN L 56 -36.23 16.07 25.86
CA GLN L 56 -36.00 14.64 26.02
C GLN L 56 -36.87 13.85 25.05
N SER L 57 -36.28 12.82 24.46
CA SER L 57 -37.00 12.00 23.49
C SER L 57 -38.18 11.29 24.15
N GLY L 58 -39.33 11.36 23.50
CA GLY L 58 -40.55 10.74 24.00
C GLY L 58 -41.44 11.65 24.83
N ALA L 59 -40.90 12.76 25.34
CA ALA L 59 -41.71 13.68 26.12
C ALA L 59 -42.58 14.54 25.20
N PRO L 60 -43.77 14.93 25.67
CA PRO L 60 -44.62 15.81 24.86
C PRO L 60 -43.95 17.15 24.59
N SER L 61 -44.23 17.70 23.41
CA SER L 61 -43.64 18.96 22.99
C SER L 61 -44.22 20.17 23.72
N ARG L 62 -45.33 19.99 24.45
CA ARG L 62 -45.94 21.09 25.17
C ARG L 62 -45.09 21.61 26.32
N PHE L 63 -44.07 20.87 26.74
CA PHE L 63 -43.17 21.29 27.81
C PHE L 63 -41.94 21.95 27.20
N SER L 64 -41.62 23.15 27.67
CA SER L 64 -40.48 23.90 27.18
C SER L 64 -39.60 24.34 28.34
N GLY L 65 -38.29 24.25 28.16
CA GLY L 65 -37.32 24.67 29.16
C GLY L 65 -36.53 25.87 28.67
N THR L 66 -36.34 26.84 29.55
CA THR L 66 -35.61 28.06 29.21
C THR L 66 -34.81 28.51 30.43
N GLY L 67 -33.93 29.46 30.22
CA GLY L 67 -33.17 30.07 31.29
C GLY L 67 -31.82 29.43 31.49
N SER L 68 -30.94 30.15 32.19
CA SER L 68 -29.59 29.69 32.47
C SER L 68 -29.09 30.38 33.73
N GLY L 69 -28.04 29.81 34.31
CA GLY L 69 -27.43 30.38 35.49
C GLY L 69 -28.14 30.03 36.77
N THR L 70 -28.78 31.02 37.40
CA THR L 70 -29.52 30.82 38.63
C THR L 70 -31.03 30.99 38.45
N GLU L 71 -31.51 30.90 37.21
CA GLU L 71 -32.93 31.07 36.93
C GLU L 71 -33.29 30.16 35.77
N PHE L 72 -34.20 29.21 36.01
CA PHE L 72 -34.65 28.28 34.98
C PHE L 72 -36.18 28.22 35.00
N THR L 73 -36.76 27.99 33.82
CA THR L 73 -38.20 28.08 33.64
C THR L 73 -38.70 26.87 32.87
N LEU L 74 -39.73 26.22 33.40
CA LEU L 74 -40.46 25.16 32.70
C LEU L 74 -41.85 25.69 32.40
N THR L 75 -42.22 25.72 31.12
CA THR L 75 -43.49 26.27 30.68
C THR L 75 -44.30 25.18 29.98
N ILE L 76 -45.55 25.05 30.37
CA ILE L 76 -46.50 24.14 29.73
C ILE L 76 -47.58 25.00 29.08
N SER L 77 -47.61 24.99 27.75
CA SER L 77 -48.55 25.85 27.02
C SER L 77 -50.00 25.41 27.25
N SER L 78 -50.24 24.10 27.25
CA SER L 78 -51.58 23.55 27.42
C SER L 78 -51.52 22.38 28.40
N LEU L 79 -52.20 22.52 29.53
CA LEU L 79 -52.24 21.44 30.51
C LEU L 79 -53.10 20.28 30.01
N GLN L 80 -52.77 19.10 30.49
CA GLN L 80 -53.44 17.86 30.14
C GLN L 80 -53.76 17.09 31.40
N PRO L 81 -54.74 16.18 31.35
CA PRO L 81 -55.04 15.37 32.55
C PRO L 81 -53.84 14.60 33.07
N GLU L 82 -52.95 14.15 32.19
CA GLU L 82 -51.73 13.47 32.62
C GLU L 82 -50.65 14.43 33.09
N ASP L 83 -50.82 15.74 32.87
CA ASP L 83 -49.82 16.72 33.27
C ASP L 83 -50.01 17.20 34.70
N PHE L 84 -51.04 16.74 35.41
CA PHE L 84 -51.25 17.11 36.80
C PHE L 84 -50.30 16.31 37.69
N ILE L 85 -49.01 16.55 37.49
CA ILE L 85 -47.95 15.81 38.17
C ILE L 85 -47.04 16.77 38.90
N THR L 86 -46.02 16.26 39.57
CA THR L 86 -45.07 17.08 40.32
C THR L 86 -43.78 17.22 39.53
N TYR L 87 -43.28 18.45 39.43
CA TYR L 87 -42.11 18.78 38.63
C TYR L 87 -40.97 19.19 39.54
N TYR L 88 -39.79 18.63 39.30
CA TYR L 88 -38.59 18.93 40.07
C TYR L 88 -37.51 19.48 39.15
N CYS L 89 -36.72 20.42 39.68
CA CYS L 89 -35.54 20.94 38.99
C CYS L 89 -34.30 20.37 39.64
N GLN L 90 -33.40 19.82 38.83
CA GLN L 90 -32.17 19.21 39.32
C GLN L 90 -30.98 19.84 38.60
N GLN L 91 -30.02 20.32 39.37
CA GLN L 91 -28.80 20.92 38.83
C GLN L 91 -27.81 19.83 38.44
N ARG L 92 -27.37 19.84 37.20
CA ARG L 92 -26.34 18.92 36.73
C ARG L 92 -24.95 19.53 36.81
N TYR L 93 -24.63 20.10 37.97
CA TYR L 93 -23.38 20.79 38.23
C TYR L 93 -22.50 19.93 39.13
N SER L 94 -21.40 20.52 39.61
CA SER L 94 -20.46 19.82 40.48
C SER L 94 -21.15 19.32 41.75
N PHE L 95 -20.59 18.30 42.37
CA PHE L 95 -21.18 17.71 43.55
C PHE L 95 -21.17 18.70 44.72
N PRO L 96 -22.12 18.58 45.65
CA PRO L 96 -23.19 17.58 45.75
C PRO L 96 -24.34 17.78 44.77
N ILE L 97 -25.15 16.74 44.56
CA ILE L 97 -26.30 16.80 43.66
C ILE L 97 -27.53 17.11 44.49
N THR L 98 -28.31 18.10 44.06
CA THR L 98 -29.50 18.53 44.77
C THR L 98 -30.68 18.61 43.81
N PHE L 99 -31.87 18.46 44.37
CA PHE L 99 -33.12 18.52 43.61
C PHE L 99 -33.97 19.68 44.13
N GLY L 100 -34.89 20.13 43.29
CA GLY L 100 -35.76 21.23 43.65
C GLY L 100 -36.77 20.83 44.72
N ALA L 101 -37.42 21.86 45.28
CA ALA L 101 -38.43 21.63 46.31
C ALA L 101 -39.60 20.83 45.76
N GLY L 102 -40.06 21.16 44.56
CA GLY L 102 -41.15 20.42 43.94
C GLY L 102 -42.42 21.25 43.83
N THR L 103 -42.98 21.29 42.62
CA THR L 103 -44.23 22.01 42.36
C THR L 103 -45.34 21.01 42.07
N LYS L 104 -46.43 21.11 42.80
CA LYS L 104 -47.57 20.21 42.66
C LYS L 104 -48.65 20.88 41.83
N VAL L 105 -49.17 20.17 40.84
CA VAL L 105 -50.22 20.66 39.95
C VAL L 105 -51.50 19.88 40.27
N ASP L 106 -52.56 20.61 40.58
CA ASP L 106 -53.84 20.01 40.96
C ASP L 106 -54.95 20.58 40.09
N ILE L 107 -55.97 19.77 39.86
CA ILE L 107 -57.12 20.19 39.06
C ILE L 107 -58.03 21.07 39.92
N LYS L 108 -58.44 22.21 39.36
CA LYS L 108 -59.32 23.13 40.07
C LYS L 108 -60.76 22.99 39.59
#